data_9CFA
#
_entry.id   9CFA
#
_cell.length_a   159.818
_cell.length_b   159.333
_cell.length_c   101.057
_cell.angle_alpha   90.000
_cell.angle_beta   108.234
_cell.angle_gamma   90.000
#
_symmetry.space_group_name_H-M   'C 1 2 1'
#
loop_
_entity.id
_entity.type
_entity.pdbx_description
1 polymer 'Fab eOD-CL04.1 lambda light chain'
2 polymer 'Fab eOD-CL04.1 heavy chain'
3 polymer 'germline-targeting HIV-1 gp120 engineered outer domain eODgt8'
4 branched 2-acetamido-2-deoxy-beta-D-glucopyranose-(1-4)-2-acetamido-2-deoxy-beta-D-glucopyranose
5 non-polymer 'SULFATE ION'
6 non-polymer 2-acetamido-2-deoxy-beta-D-glucopyranose
#
loop_
_entity_poly.entity_id
_entity_poly.type
_entity_poly.pdbx_seq_one_letter_code
_entity_poly.pdbx_strand_id
1 'polypeptide(L)'
;QTVVTQEPSLTVSPGGTVTLTCASSTGAVTSGFYPSWFQQKPGQTPRTLIYSTNNKHSWTPARFSGSLLGGKAALTLSGV
QPEDEADYYCLLYYGGVWVFGGGTRLTVLGQPKAAPSVTLFPPSSEELQANKATLVCLISDFYPGAVTVAWKADSSPVKA
GVETTTPSKQSNNKYAASSYLSLTPEQWKSHRSYSCQVTHEGSTVEKTVAPTECS
;
L,A,E
2 'polypeptide(L)'
;EVQLVESGGGLVEPGGSLRLSCAASGFNFSNYGMNWVRQAPGKGLECISYISGSSSTKYYADSVKGRFTISRDNAKNSLY
LQMNSLRDEDTAVYYCARDHWGLDYWGQGTLVTVSSASTKGPSVFPLAPSSKSTSGGTAALGCLVKDYFPEPVTVSWNSG
ALTSGVHTFPAVLQSSGLYSLSSVVTVPSSSLGTQTYICNVNHKPSNTKVDKKVEPKSC
;
H,B,F
3 'polypeptide(L)'
;ETGDTITLPCRPAPPPHCSSNITGLILTRQGGYSNANTVIFRPSGGDWRDIARCQIAGTVVSTQLFLNGSLAEEEVVIRS
EDWRDNAKSICVQLATSVEIACTGAGHCAISRAKWANTLKQIASKLREQYGAKTIIFKPSSGGDPEFVNHSFNCGGEFFY
CASTQLFASTWFASTGTHHHHHH
;
C,D,G
#
# COMPACT_ATOMS: atom_id res chain seq x y z
N THR A 2 15.43 9.91 -31.26
CA THR A 2 16.75 9.84 -30.63
C THR A 2 17.26 8.40 -30.59
N VAL A 3 18.35 8.15 -31.30
CA VAL A 3 18.88 6.81 -31.48
C VAL A 3 20.30 6.77 -30.91
N VAL A 4 20.58 5.76 -30.09
CA VAL A 4 21.91 5.51 -29.55
C VAL A 4 22.49 4.32 -30.30
N THR A 5 23.56 4.55 -31.05
CA THR A 5 24.05 3.58 -32.02
C THR A 5 25.35 2.94 -31.54
N GLN A 6 25.42 1.62 -31.66
CA GLN A 6 26.62 0.84 -31.40
C GLN A 6 26.93 0.01 -32.64
N GLU A 7 28.16 -0.52 -32.68
CA GLU A 7 28.46 -1.52 -33.70
C GLU A 7 27.62 -2.77 -33.43
N PRO A 8 27.01 -3.36 -34.46
CA PRO A 8 26.19 -4.56 -34.21
C PRO A 8 27.01 -5.73 -33.71
N SER A 9 28.20 -5.96 -34.27
CA SER A 9 29.05 -7.04 -33.82
C SER A 9 30.50 -6.65 -34.01
N LEU A 10 31.37 -7.19 -33.15
CA LEU A 10 32.81 -7.02 -33.27
C LEU A 10 33.47 -8.33 -32.87
N THR A 11 34.65 -8.57 -33.44
CA THR A 11 35.37 -9.82 -33.25
C THR A 11 36.81 -9.50 -32.87
N VAL A 12 37.32 -10.21 -31.87
CA VAL A 12 38.67 -9.96 -31.37
C VAL A 12 39.27 -11.27 -30.89
N SER A 13 40.58 -11.41 -31.09
CA SER A 13 41.30 -12.57 -30.60
C SER A 13 41.60 -12.41 -29.12
N PRO A 14 41.82 -13.52 -28.41
CA PRO A 14 42.23 -13.42 -27.00
C PRO A 14 43.55 -12.66 -26.86
N GLY A 15 43.68 -11.94 -25.76
CA GLY A 15 44.84 -11.11 -25.52
C GLY A 15 44.89 -9.84 -26.34
N GLY A 16 44.00 -9.66 -27.31
CA GLY A 16 43.99 -8.49 -28.15
C GLY A 16 43.28 -7.33 -27.48
N THR A 17 43.02 -6.30 -28.28
CA THR A 17 42.36 -5.10 -27.81
C THR A 17 41.24 -4.73 -28.77
N VAL A 18 40.05 -4.50 -28.22
CA VAL A 18 38.89 -4.11 -29.01
C VAL A 18 38.30 -2.83 -28.40
N THR A 19 37.80 -1.95 -29.26
CA THR A 19 37.19 -0.70 -28.83
C THR A 19 35.78 -0.61 -29.40
N LEU A 20 34.79 -0.59 -28.51
CA LEU A 20 33.40 -0.42 -28.89
C LEU A 20 33.04 1.07 -28.81
N THR A 21 32.31 1.55 -29.81
CA THR A 21 31.94 2.94 -29.90
C THR A 21 30.43 3.10 -29.72
N CYS A 22 30.04 4.24 -29.15
CA CYS A 22 28.64 4.52 -28.87
C CYS A 22 28.36 5.96 -29.27
N ALA A 23 27.55 6.15 -30.30
CA ALA A 23 27.28 7.46 -30.86
C ALA A 23 25.83 7.87 -30.58
N SER A 24 25.64 9.18 -30.37
CA SER A 24 24.32 9.75 -30.12
C SER A 24 23.86 10.52 -31.36
N SER A 25 22.60 10.31 -31.74
CA SER A 25 22.04 11.08 -32.85
C SER A 25 21.89 12.55 -32.49
N THR A 26 21.70 12.86 -31.21
CA THR A 26 21.56 14.24 -30.73
C THR A 26 22.94 14.76 -30.35
N GLY A 27 23.67 15.22 -31.37
CA GLY A 27 24.96 15.85 -31.16
C GLY A 27 26.05 14.86 -30.78
N ALA A 28 27.06 15.37 -30.11
CA ALA A 28 28.22 14.60 -29.69
C ALA A 28 28.11 14.23 -28.23
N VAL A 29 28.61 13.04 -27.88
CA VAL A 29 28.52 12.54 -26.52
C VAL A 29 29.57 13.23 -25.65
N THR A 30 29.10 13.92 -24.61
CA THR A 30 29.95 14.60 -23.64
C THR A 30 29.85 13.89 -22.30
N SER A 31 30.60 14.39 -21.33
CA SER A 31 30.56 13.82 -19.98
C SER A 31 29.18 13.95 -19.36
N GLY A 32 28.36 14.91 -19.82
CA GLY A 32 27.04 15.08 -19.29
C GLY A 32 26.03 14.05 -19.74
N PHE A 33 26.35 13.28 -20.78
CA PHE A 33 25.51 12.16 -21.17
C PHE A 33 25.63 10.97 -20.24
N TYR A 34 26.49 11.07 -19.22
CA TYR A 34 26.78 10.02 -18.24
C TYR A 34 26.70 8.62 -18.84
N PRO A 35 27.55 8.30 -19.81
CA PRO A 35 27.47 6.99 -20.46
C PRO A 35 27.72 5.85 -19.48
N SER A 36 26.98 4.76 -19.65
CA SER A 36 27.22 3.52 -18.94
C SER A 36 27.41 2.40 -19.94
N TRP A 37 28.19 1.39 -19.52
CA TRP A 37 28.43 0.21 -20.34
C TRP A 37 28.06 -1.04 -19.56
N PHE A 38 27.12 -1.82 -20.09
CA PHE A 38 26.64 -3.03 -19.45
C PHE A 38 27.11 -4.26 -20.23
N GLN A 39 27.39 -5.33 -19.50
CA GLN A 39 27.83 -6.59 -20.07
C GLN A 39 26.76 -7.64 -19.78
N GLN A 40 26.20 -8.24 -20.83
CA GLN A 40 25.16 -9.25 -20.68
C GLN A 40 25.62 -10.56 -21.32
N LYS A 41 26.06 -11.50 -20.49
CA LYS A 41 26.32 -12.85 -20.95
C LYS A 41 24.99 -13.56 -21.19
N PRO A 42 24.96 -14.61 -22.03
CA PRO A 42 23.69 -15.23 -22.42
C PRO A 42 22.76 -15.56 -21.26
N GLY A 43 21.54 -15.03 -21.32
CA GLY A 43 20.52 -15.29 -20.32
C GLY A 43 20.73 -14.62 -18.98
N GLN A 44 21.76 -13.80 -18.82
CA GLN A 44 22.08 -13.17 -17.55
C GLN A 44 21.53 -11.76 -17.46
N THR A 45 21.44 -11.27 -16.23
CA THR A 45 21.03 -9.89 -16.00
C THR A 45 22.15 -8.94 -16.41
N PRO A 46 21.83 -7.87 -17.14
CA PRO A 46 22.88 -6.89 -17.49
C PRO A 46 23.59 -6.39 -16.24
N ARG A 47 24.88 -6.16 -16.39
CA ARG A 47 25.77 -5.90 -15.26
C ARG A 47 26.62 -4.69 -15.59
N THR A 48 26.54 -3.67 -14.74
CA THR A 48 27.21 -2.40 -15.00
C THR A 48 28.71 -2.57 -14.91
N LEU A 49 29.42 -2.26 -16.00
CA LEU A 49 30.88 -2.25 -16.01
C LEU A 49 31.46 -0.85 -15.89
N ILE A 50 30.89 0.11 -16.61
CA ILE A 50 31.37 1.50 -16.60
C ILE A 50 30.15 2.40 -16.44
N TYR A 51 30.31 3.45 -15.63
CA TYR A 51 29.30 4.49 -15.49
C TYR A 51 30.01 5.83 -15.42
N SER A 52 29.27 6.89 -15.73
CA SER A 52 29.80 8.25 -15.82
C SER A 52 31.11 8.28 -16.59
N THR A 53 30.97 8.05 -17.90
CA THR A 53 32.08 8.06 -18.86
C THR A 53 33.10 6.96 -18.57
N ASN A 54 33.74 6.98 -17.39
CA ASN A 54 34.86 6.09 -17.16
C ASN A 54 34.97 5.53 -15.74
N ASN A 55 34.03 5.81 -14.85
CA ASN A 55 34.10 5.22 -13.51
C ASN A 55 33.81 3.73 -13.58
N LYS A 56 34.47 2.98 -12.71
CA LYS A 56 34.31 1.54 -12.63
C LYS A 56 33.71 1.16 -11.27
N HIS A 57 32.98 0.05 -11.27
CA HIS A 57 32.53 -0.53 -10.02
C HIS A 57 33.65 -1.39 -9.44
N SER A 58 33.42 -1.90 -8.23
CA SER A 58 34.42 -2.79 -7.63
C SER A 58 34.51 -4.10 -8.38
N TRP A 59 33.43 -4.52 -9.03
CA TRP A 59 33.39 -5.76 -9.78
C TRP A 59 33.83 -5.60 -11.23
N THR A 60 34.15 -4.39 -11.67
CA THR A 60 34.60 -4.20 -13.04
C THR A 60 36.04 -4.70 -13.19
N PRO A 61 36.31 -5.56 -14.16
CA PRO A 61 37.70 -5.97 -14.40
C PRO A 61 38.56 -4.80 -14.82
N ALA A 62 39.86 -4.88 -14.49
CA ALA A 62 40.76 -3.76 -14.76
C ALA A 62 40.92 -3.51 -16.25
N ARG A 63 40.73 -4.53 -17.08
CA ARG A 63 40.98 -4.39 -18.51
C ARG A 63 39.92 -3.56 -19.23
N PHE A 64 38.79 -3.28 -18.58
CA PHE A 64 37.77 -2.42 -19.17
C PHE A 64 38.02 -0.97 -18.80
N SER A 65 37.81 -0.08 -19.77
CA SER A 65 38.05 1.33 -19.55
C SER A 65 37.10 2.15 -20.41
N GLY A 66 36.39 3.09 -19.78
CA GLY A 66 35.58 4.02 -20.52
C GLY A 66 36.36 5.25 -20.94
N SER A 67 35.90 5.90 -21.99
CA SER A 67 36.56 7.09 -22.52
C SER A 67 35.62 7.78 -23.49
N LEU A 68 36.12 8.84 -24.12
CA LEU A 68 35.34 9.65 -25.06
C LEU A 68 36.25 10.05 -26.21
N LEU A 69 35.91 9.62 -27.42
CA LEU A 69 36.67 9.98 -28.61
C LEU A 69 35.71 10.49 -29.67
N GLY A 70 36.04 11.64 -30.25
CA GLY A 70 35.27 12.16 -31.39
C GLY A 70 33.78 12.24 -31.16
N GLY A 71 33.37 12.68 -29.97
CA GLY A 71 31.96 12.76 -29.67
C GLY A 71 31.25 11.44 -29.51
N LYS A 72 32.00 10.33 -29.39
CA LYS A 72 31.42 9.03 -29.10
C LYS A 72 31.94 8.52 -27.77
N ALA A 73 31.08 7.81 -27.04
CA ALA A 73 31.53 7.05 -25.90
C ALA A 73 32.27 5.80 -26.37
N ALA A 74 33.29 5.40 -25.62
CA ALA A 74 34.18 4.32 -26.04
C ALA A 74 34.47 3.42 -24.86
N LEU A 75 34.13 2.14 -25.01
CA LEU A 75 34.52 1.10 -24.06
C LEU A 75 35.67 0.32 -24.65
N THR A 76 36.83 0.37 -24.01
CA THR A 76 38.04 -0.29 -24.50
C THR A 76 38.34 -1.50 -23.64
N LEU A 77 38.38 -2.66 -24.26
CA LEU A 77 38.73 -3.91 -23.61
C LEU A 77 40.12 -4.29 -24.11
N SER A 78 41.13 -4.08 -23.27
CA SER A 78 42.52 -4.29 -23.65
C SER A 78 43.05 -5.51 -22.90
N GLY A 79 43.45 -6.53 -23.66
CA GLY A 79 43.82 -7.81 -23.07
C GLY A 79 42.60 -8.67 -22.91
N VAL A 80 41.91 -8.95 -24.02
CA VAL A 80 40.64 -9.66 -23.98
C VAL A 80 40.83 -11.07 -23.46
N GLN A 81 39.90 -11.51 -22.63
CA GLN A 81 39.82 -12.87 -22.14
C GLN A 81 38.62 -13.58 -22.77
N PRO A 82 38.65 -14.92 -22.86
CA PRO A 82 37.54 -15.61 -23.53
C PRO A 82 36.20 -15.40 -22.87
N GLU A 83 36.16 -15.21 -21.55
CA GLU A 83 34.88 -14.97 -20.87
C GLU A 83 34.38 -13.55 -21.05
N ASP A 84 35.15 -12.68 -21.72
CA ASP A 84 34.67 -11.35 -22.04
C ASP A 84 33.68 -11.37 -23.20
N GLU A 85 33.46 -12.53 -23.81
CA GLU A 85 32.49 -12.69 -24.88
C GLU A 85 31.09 -12.54 -24.33
N ALA A 86 30.38 -11.50 -24.73
CA ALA A 86 29.04 -11.18 -24.24
C ALA A 86 28.49 -10.07 -25.11
N ASP A 87 27.33 -9.54 -24.72
CA ASP A 87 26.72 -8.40 -25.40
C ASP A 87 26.93 -7.17 -24.53
N TYR A 88 27.43 -6.10 -25.14
CA TYR A 88 27.76 -4.88 -24.43
C TYR A 88 26.81 -3.78 -24.88
N TYR A 89 25.93 -3.36 -23.98
CA TYR A 89 24.96 -2.31 -24.26
C TYR A 89 25.47 -0.98 -23.72
N CYS A 90 25.28 0.07 -24.50
CA CYS A 90 25.66 1.42 -24.12
C CYS A 90 24.41 2.19 -23.70
N LEU A 91 24.52 2.91 -22.59
CA LEU A 91 23.40 3.64 -22.01
C LEU A 91 23.77 5.13 -21.93
N LEU A 92 22.93 5.97 -22.54
CA LEU A 92 23.15 7.42 -22.53
C LEU A 92 22.05 8.13 -21.75
N TYR A 93 22.40 9.29 -21.22
CA TYR A 93 21.52 10.11 -20.39
C TYR A 93 21.17 11.39 -21.14
N TYR A 94 19.88 11.64 -21.31
CA TYR A 94 19.38 12.80 -22.05
C TYR A 94 18.47 13.61 -21.12
N GLY A 95 19.07 14.30 -20.15
CA GLY A 95 18.32 15.11 -19.23
C GLY A 95 17.15 14.37 -18.58
N GLY A 96 17.46 13.34 -17.80
CA GLY A 96 16.45 12.56 -17.14
C GLY A 96 15.93 11.37 -17.91
N VAL A 97 16.24 11.26 -19.19
CA VAL A 97 15.77 10.17 -20.04
C VAL A 97 16.95 9.26 -20.33
N TRP A 98 16.95 8.06 -19.75
CA TRP A 98 17.91 7.05 -20.12
C TRP A 98 17.52 6.42 -21.46
N VAL A 99 18.53 6.19 -22.31
CA VAL A 99 18.29 5.59 -23.62
C VAL A 99 19.39 4.56 -23.88
N PHE A 100 19.00 3.31 -24.08
CA PHE A 100 19.97 2.25 -24.30
C PHE A 100 20.41 2.23 -25.75
N GLY A 101 21.60 1.65 -25.98
CA GLY A 101 22.07 1.44 -27.33
C GLY A 101 21.60 0.10 -27.89
N GLY A 102 21.89 -0.10 -29.17
CA GLY A 102 21.50 -1.33 -29.83
C GLY A 102 22.20 -2.56 -29.28
N GLY A 103 23.36 -2.39 -28.66
CA GLY A 103 24.15 -3.50 -28.21
C GLY A 103 25.19 -3.92 -29.24
N THR A 104 26.25 -4.56 -28.73
CA THR A 104 27.31 -5.09 -29.57
C THR A 104 27.58 -6.52 -29.15
N ARG A 105 27.49 -7.45 -30.09
CA ARG A 105 27.89 -8.82 -29.85
C ARG A 105 29.40 -8.93 -30.02
N LEU A 106 30.11 -9.24 -28.94
CA LEU A 106 31.56 -9.38 -28.99
C LEU A 106 31.92 -10.86 -28.95
N THR A 107 32.55 -11.34 -30.01
CA THR A 107 32.97 -12.72 -30.15
C THR A 107 34.48 -12.81 -29.99
N VAL A 108 34.94 -13.56 -28.98
CA VAL A 108 36.37 -13.78 -28.81
C VAL A 108 36.75 -14.92 -29.77
N LEU A 109 37.34 -14.54 -30.90
CA LEU A 109 37.67 -15.47 -31.98
C LEU A 109 38.97 -16.21 -31.63
N GLY A 110 38.85 -17.18 -30.73
CA GLY A 110 39.99 -17.98 -30.36
C GLY A 110 39.58 -19.20 -29.56
N GLN A 111 38.36 -19.69 -29.82
CA GLN A 111 37.85 -20.86 -29.14
C GLN A 111 38.25 -22.12 -29.90
N PRO A 112 38.97 -23.05 -29.27
CA PRO A 112 39.36 -24.28 -29.99
C PRO A 112 38.15 -25.15 -30.29
N LYS A 113 38.13 -25.71 -31.51
CA LYS A 113 37.05 -26.61 -31.88
C LYS A 113 36.99 -27.81 -30.95
N ALA A 114 35.78 -28.17 -30.52
CA ALA A 114 35.57 -29.25 -29.56
C ALA A 114 34.43 -30.14 -30.02
N ALA A 115 34.60 -31.45 -29.84
CA ALA A 115 33.62 -32.45 -30.24
C ALA A 115 32.49 -32.56 -29.22
N PRO A 116 31.27 -32.84 -29.69
CA PRO A 116 30.11 -32.83 -28.78
C PRO A 116 30.04 -34.04 -27.87
N SER A 117 29.61 -33.80 -26.64
CA SER A 117 29.33 -34.84 -25.66
C SER A 117 27.83 -35.15 -25.68
N VAL A 118 27.49 -36.40 -25.92
CA VAL A 118 26.10 -36.83 -26.12
C VAL A 118 25.68 -37.75 -24.98
N THR A 119 24.40 -37.64 -24.59
CA THR A 119 23.80 -38.54 -23.61
C THR A 119 22.34 -38.74 -23.98
N LEU A 120 21.94 -39.99 -24.16
CA LEU A 120 20.58 -40.34 -24.60
C LEU A 120 19.86 -41.08 -23.47
N PHE A 121 18.73 -40.52 -23.04
CA PHE A 121 17.90 -41.12 -22.00
C PHE A 121 16.63 -41.71 -22.60
N PRO A 122 16.25 -42.94 -22.22
CA PRO A 122 15.00 -43.51 -22.71
C PRO A 122 13.82 -42.99 -21.90
N PRO A 123 12.59 -43.19 -22.37
CA PRO A 123 11.42 -42.76 -21.61
C PRO A 123 11.35 -43.44 -20.24
N SER A 124 11.01 -42.65 -19.23
CA SER A 124 10.96 -43.11 -17.85
C SER A 124 9.71 -43.96 -17.62
N SER A 125 9.70 -44.66 -16.48
CA SER A 125 8.56 -45.47 -16.11
C SER A 125 7.28 -44.65 -15.99
N GLU A 126 7.38 -43.47 -15.36
CA GLU A 126 6.19 -42.66 -15.12
C GLU A 126 5.59 -42.14 -16.42
N GLU A 127 6.43 -41.72 -17.36
CA GLU A 127 5.92 -41.25 -18.65
C GLU A 127 5.27 -42.38 -19.43
N LEU A 128 5.91 -43.54 -19.48
CA LEU A 128 5.33 -44.68 -20.18
C LEU A 128 3.98 -45.08 -19.59
N GLN A 129 3.84 -45.01 -18.26
CA GLN A 129 2.57 -45.33 -17.63
C GLN A 129 1.49 -44.30 -17.94
N ALA A 130 1.88 -43.08 -18.29
CA ALA A 130 0.93 -42.04 -18.69
C ALA A 130 0.64 -42.04 -20.19
N ASN A 131 0.93 -43.15 -20.88
CA ASN A 131 0.69 -43.30 -22.31
C ASN A 131 1.40 -42.22 -23.13
N LYS A 132 2.64 -41.92 -22.74
CA LYS A 132 3.51 -41.06 -23.52
C LYS A 132 4.93 -41.59 -23.44
N ALA A 133 5.73 -41.26 -24.45
CA ALA A 133 7.12 -41.67 -24.48
C ALA A 133 7.94 -40.57 -25.13
N THR A 134 9.14 -40.32 -24.59
CA THR A 134 10.02 -39.29 -25.13
C THR A 134 11.45 -39.70 -24.89
N LEU A 135 12.23 -39.82 -25.96
CA LEU A 135 13.67 -40.03 -25.87
C LEU A 135 14.36 -38.67 -25.89
N VAL A 136 15.33 -38.49 -24.98
CA VAL A 136 15.99 -37.21 -24.75
C VAL A 136 17.46 -37.39 -25.10
N CYS A 137 17.91 -36.70 -26.15
CA CYS A 137 19.29 -36.75 -26.61
C CYS A 137 19.92 -35.38 -26.34
N LEU A 138 20.82 -35.32 -25.37
CA LEU A 138 21.42 -34.08 -24.92
C LEU A 138 22.85 -33.94 -25.44
N ILE A 139 23.16 -32.76 -25.97
CA ILE A 139 24.45 -32.48 -26.60
C ILE A 139 25.06 -31.28 -25.90
N SER A 140 26.34 -31.38 -25.54
CA SER A 140 26.99 -30.31 -24.79
C SER A 140 28.46 -30.22 -25.17
N ASP A 141 29.06 -29.07 -24.84
CA ASP A 141 30.51 -28.89 -24.85
C ASP A 141 31.10 -29.04 -26.25
N PHE A 142 30.44 -28.44 -27.25
CA PHE A 142 30.95 -28.47 -28.61
C PHE A 142 31.08 -27.05 -29.16
N TYR A 143 32.09 -26.88 -30.02
CA TYR A 143 32.36 -25.62 -30.70
C TYR A 143 33.01 -25.97 -32.03
N PRO A 144 32.61 -25.31 -33.14
CA PRO A 144 31.55 -24.29 -33.27
C PRO A 144 30.17 -24.83 -32.95
N GLY A 145 29.20 -23.96 -32.69
CA GLY A 145 27.87 -24.39 -32.31
C GLY A 145 26.97 -24.72 -33.48
N ALA A 146 27.35 -25.72 -34.27
CA ALA A 146 26.53 -26.17 -35.38
C ALA A 146 26.54 -27.70 -35.40
N VAL A 147 25.43 -28.30 -34.99
CA VAL A 147 25.27 -29.75 -35.03
C VAL A 147 24.00 -30.08 -35.80
N THR A 148 23.91 -31.34 -36.23
CA THR A 148 22.71 -31.90 -36.83
C THR A 148 22.39 -33.22 -36.16
N VAL A 149 21.12 -33.46 -35.89
CA VAL A 149 20.67 -34.62 -35.12
C VAL A 149 19.78 -35.48 -35.99
N ALA A 150 20.10 -36.77 -36.08
CA ALA A 150 19.29 -37.76 -36.78
C ALA A 150 18.89 -38.84 -35.79
N TRP A 151 17.65 -39.30 -35.90
CA TRP A 151 17.11 -40.33 -35.03
C TRP A 151 16.93 -41.64 -35.80
N LYS A 152 17.08 -42.76 -35.09
CA LYS A 152 17.00 -44.09 -35.69
C LYS A 152 16.08 -44.96 -34.87
N ALA A 153 15.07 -45.53 -35.51
CA ALA A 153 14.26 -46.60 -34.94
C ALA A 153 14.86 -47.92 -35.40
N ASP A 154 15.30 -48.74 -34.43
CA ASP A 154 16.13 -49.91 -34.72
C ASP A 154 17.38 -49.46 -35.45
N SER A 155 17.33 -49.43 -36.78
CA SER A 155 18.43 -48.88 -37.56
C SER A 155 17.97 -47.99 -38.70
N SER A 156 16.65 -47.72 -38.85
CA SER A 156 16.16 -46.89 -39.94
C SER A 156 15.82 -45.50 -39.46
N PRO A 157 16.04 -44.48 -40.30
CA PRO A 157 15.85 -43.09 -39.85
C PRO A 157 14.40 -42.81 -39.46
N VAL A 158 14.24 -41.86 -38.54
CA VAL A 158 12.95 -41.37 -38.09
C VAL A 158 12.84 -39.88 -38.42
N LYS A 159 11.67 -39.47 -38.91
CA LYS A 159 11.45 -38.09 -39.32
C LYS A 159 10.27 -37.41 -38.64
N ALA A 160 9.31 -38.16 -38.12
CA ALA A 160 8.14 -37.58 -37.46
C ALA A 160 8.33 -37.59 -35.94
N GLY A 161 7.95 -36.49 -35.30
CA GLY A 161 8.02 -36.41 -33.85
C GLY A 161 9.33 -35.93 -33.27
N VAL A 162 10.19 -35.31 -34.07
CA VAL A 162 11.51 -34.85 -33.63
C VAL A 162 11.45 -33.36 -33.38
N GLU A 163 11.99 -32.92 -32.24
CA GLU A 163 12.07 -31.52 -31.87
C GLU A 163 13.46 -31.23 -31.31
N THR A 164 14.21 -30.37 -32.00
CA THR A 164 15.58 -30.04 -31.64
C THR A 164 15.70 -28.56 -31.34
N THR A 165 16.48 -28.22 -30.31
CA THR A 165 16.78 -26.84 -29.98
C THR A 165 17.81 -26.25 -30.94
N THR A 166 17.88 -24.92 -30.94
CA THR A 166 19.07 -24.31 -31.51
C THR A 166 20.11 -24.10 -30.41
N PRO A 167 21.37 -24.41 -30.69
CA PRO A 167 22.39 -24.42 -29.64
C PRO A 167 22.50 -23.08 -28.92
N SER A 168 22.79 -23.14 -27.63
CA SER A 168 22.90 -21.97 -26.77
C SER A 168 24.19 -22.06 -25.98
N LYS A 169 24.96 -20.98 -25.98
CA LYS A 169 26.26 -20.96 -25.32
C LYS A 169 26.11 -21.26 -23.84
N GLN A 170 26.95 -22.17 -23.34
CA GLN A 170 26.99 -22.49 -21.91
C GLN A 170 27.90 -21.49 -21.18
N SER A 171 28.16 -21.76 -19.90
CA SER A 171 29.08 -20.97 -19.09
C SER A 171 30.54 -21.20 -19.43
N ASN A 172 30.85 -22.12 -20.34
CA ASN A 172 32.20 -22.39 -20.78
C ASN A 172 32.42 -22.00 -22.24
N ASN A 173 31.65 -21.02 -22.73
CA ASN A 173 31.73 -20.49 -24.08
C ASN A 173 31.28 -21.49 -25.15
N LYS A 174 31.24 -22.77 -24.78
CA LYS A 174 30.81 -23.83 -25.69
C LYS A 174 29.29 -23.88 -25.78
N TYR A 175 28.80 -24.59 -26.79
CA TYR A 175 27.38 -24.67 -27.08
C TYR A 175 26.76 -25.96 -26.54
N ALA A 176 25.43 -25.96 -26.45
CA ALA A 176 24.69 -27.11 -25.99
C ALA A 176 23.31 -27.09 -26.62
N ALA A 177 22.79 -28.29 -26.91
CA ALA A 177 21.48 -28.43 -27.54
C ALA A 177 20.80 -29.67 -26.97
N SER A 178 19.50 -29.77 -27.26
CA SER A 178 18.69 -30.88 -26.80
C SER A 178 17.74 -31.31 -27.92
N SER A 179 17.53 -32.62 -28.04
CA SER A 179 16.66 -33.19 -29.05
C SER A 179 15.68 -34.15 -28.39
N TYR A 180 14.40 -34.02 -28.73
CA TYR A 180 13.33 -34.82 -28.15
C TYR A 180 12.64 -35.61 -29.24
N LEU A 181 12.42 -36.89 -28.99
CA LEU A 181 11.69 -37.77 -29.90
C LEU A 181 10.40 -38.19 -29.22
N SER A 182 9.27 -37.75 -29.77
CA SER A 182 7.97 -38.02 -29.16
C SER A 182 7.40 -39.31 -29.73
N LEU A 183 7.06 -40.25 -28.84
CA LEU A 183 6.52 -41.54 -29.23
C LEU A 183 5.35 -41.90 -28.33
N THR A 184 4.56 -42.87 -28.80
CA THR A 184 3.64 -43.58 -27.92
C THR A 184 4.38 -44.75 -27.26
N PRO A 185 4.12 -45.04 -25.99
CA PRO A 185 4.83 -46.15 -25.33
C PRO A 185 4.72 -47.47 -26.06
N GLU A 186 3.66 -47.66 -26.85
CA GLU A 186 3.52 -48.88 -27.64
C GLU A 186 4.64 -48.99 -28.67
N GLN A 187 4.80 -47.96 -29.51
CA GLN A 187 5.86 -47.96 -30.50
C GLN A 187 7.24 -47.76 -29.90
N TRP A 188 7.33 -47.37 -28.62
CA TRP A 188 8.61 -47.39 -27.92
C TRP A 188 9.08 -48.81 -27.67
N LYS A 189 8.22 -49.65 -27.08
CA LYS A 189 8.54 -51.05 -26.87
C LYS A 189 8.42 -51.89 -28.14
N SER A 190 7.76 -51.38 -29.17
CA SER A 190 7.55 -52.15 -30.39
C SER A 190 8.79 -52.21 -31.26
N HIS A 191 9.87 -51.55 -30.86
CA HIS A 191 11.12 -51.57 -31.59
C HIS A 191 12.24 -51.95 -30.64
N ARG A 192 13.31 -52.50 -31.20
CA ARG A 192 14.35 -53.09 -30.35
C ARG A 192 15.31 -52.05 -29.79
N SER A 193 15.59 -50.97 -30.52
CA SER A 193 16.49 -49.95 -30.01
C SER A 193 16.23 -48.63 -30.74
N TYR A 194 16.55 -47.53 -30.07
CA TYR A 194 16.51 -46.19 -30.67
C TYR A 194 17.88 -45.55 -30.55
N SER A 195 18.32 -44.91 -31.63
CA SER A 195 19.67 -44.36 -31.74
C SER A 195 19.61 -42.89 -32.07
N CYS A 196 20.52 -42.11 -31.47
CA CYS A 196 20.67 -40.68 -31.73
C CYS A 196 22.05 -40.43 -32.35
N GLN A 197 22.06 -39.80 -33.53
CA GLN A 197 23.30 -39.52 -34.26
C GLN A 197 23.48 -38.01 -34.35
N VAL A 198 24.52 -37.50 -33.69
CA VAL A 198 24.84 -36.07 -33.67
C VAL A 198 26.06 -35.86 -34.54
N THR A 199 25.88 -35.14 -35.65
CA THR A 199 26.97 -34.86 -36.59
C THR A 199 27.47 -33.44 -36.37
N HIS A 200 28.76 -33.31 -36.08
CA HIS A 200 29.38 -32.03 -35.78
C HIS A 200 30.72 -31.94 -36.49
N GLU A 201 30.86 -30.98 -37.40
CA GLU A 201 32.10 -30.76 -38.16
C GLU A 201 32.54 -32.04 -38.88
N GLY A 202 31.57 -32.76 -39.44
CA GLY A 202 31.82 -33.98 -40.17
C GLY A 202 31.95 -35.24 -39.34
N SER A 203 32.08 -35.13 -38.01
CA SER A 203 32.18 -36.28 -37.14
C SER A 203 30.84 -36.54 -36.45
N THR A 204 30.44 -37.80 -36.40
CA THR A 204 29.16 -38.21 -35.81
C THR A 204 29.42 -39.05 -34.56
N VAL A 205 28.73 -38.71 -33.47
CA VAL A 205 28.71 -39.51 -32.25
C VAL A 205 27.30 -40.06 -32.07
N GLU A 206 27.20 -41.36 -31.80
CA GLU A 206 25.91 -42.03 -31.69
C GLU A 206 25.77 -42.67 -30.31
N LYS A 207 24.57 -42.55 -29.74
CA LYS A 207 24.19 -43.25 -28.52
C LYS A 207 22.88 -43.99 -28.76
N THR A 208 22.70 -45.10 -28.04
CA THR A 208 21.57 -45.99 -28.27
C THR A 208 21.05 -46.54 -26.96
N VAL A 209 19.71 -46.64 -26.86
CA VAL A 209 19.04 -47.27 -25.73
C VAL A 209 17.98 -48.23 -26.27
N ALA A 210 17.55 -49.14 -25.41
CA ALA A 210 16.59 -50.18 -25.77
C ALA A 210 15.53 -50.30 -24.68
N PRO A 211 14.30 -50.71 -25.04
CA PRO A 211 13.27 -50.87 -24.01
C PRO A 211 13.54 -52.02 -23.05
N THR A 212 14.08 -53.14 -23.53
CA THR A 212 14.34 -54.28 -22.66
C THR A 212 15.45 -54.00 -21.65
N GLU A 213 16.29 -52.98 -21.88
CA GLU A 213 17.36 -52.63 -20.95
C GLU A 213 16.75 -51.89 -19.76
N CYS A 214 16.29 -52.67 -18.79
CA CYS A 214 15.74 -52.14 -17.56
C CYS A 214 16.82 -52.15 -16.48
N SER A 215 16.68 -51.24 -15.52
CA SER A 215 17.63 -51.08 -14.43
C SER A 215 19.03 -50.75 -14.96
N GLU B 1 23.84 -5.47 1.72
CA GLU B 1 23.85 -5.74 0.29
C GLU B 1 22.59 -5.21 -0.39
N VAL B 2 22.78 -4.50 -1.50
CA VAL B 2 21.64 -3.99 -2.26
C VAL B 2 20.95 -5.15 -2.96
N GLN B 3 19.64 -5.28 -2.74
CA GLN B 3 18.86 -6.36 -3.31
C GLN B 3 17.58 -5.81 -3.91
N LEU B 4 17.27 -6.22 -5.14
CA LEU B 4 16.03 -5.88 -5.82
C LEU B 4 15.40 -7.18 -6.30
N VAL B 5 14.17 -7.44 -5.86
CA VAL B 5 13.50 -8.71 -6.14
C VAL B 5 12.17 -8.42 -6.82
N GLU B 6 12.02 -8.88 -8.05
CA GLU B 6 10.79 -8.71 -8.81
C GLU B 6 9.80 -9.82 -8.53
N SER B 7 8.53 -9.45 -8.47
CA SER B 7 7.41 -10.38 -8.37
C SER B 7 6.31 -9.91 -9.31
N GLY B 8 5.29 -10.73 -9.46
CA GLY B 8 4.31 -10.54 -10.51
C GLY B 8 4.74 -11.30 -11.75
N GLY B 9 4.47 -10.76 -12.92
CA GLY B 9 4.90 -11.44 -14.12
C GLY B 9 4.10 -12.72 -14.35
N GLY B 10 4.53 -13.45 -15.38
CA GLY B 10 3.84 -14.67 -15.76
C GLY B 10 3.06 -14.49 -17.05
N LEU B 11 1.96 -15.21 -17.20
CA LEU B 11 1.17 -15.18 -18.43
C LEU B 11 0.02 -14.20 -18.29
N VAL B 12 -0.16 -13.37 -19.31
CA VAL B 12 -1.28 -12.43 -19.37
C VAL B 12 -1.87 -12.48 -20.78
N GLU B 13 -3.19 -12.51 -20.85
CA GLU B 13 -3.87 -12.53 -22.14
C GLU B 13 -3.77 -11.17 -22.82
N PRO B 14 -3.64 -11.12 -24.14
CA PRO B 14 -3.51 -9.83 -24.84
C PRO B 14 -4.67 -8.90 -24.51
N GLY B 15 -4.33 -7.65 -24.23
CA GLY B 15 -5.28 -6.66 -23.77
C GLY B 15 -5.48 -6.62 -22.28
N GLY B 16 -5.00 -7.63 -21.55
CA GLY B 16 -5.18 -7.71 -20.12
C GLY B 16 -4.21 -6.82 -19.38
N SER B 17 -4.22 -6.96 -18.04
CA SER B 17 -3.41 -6.15 -17.16
C SER B 17 -2.51 -7.04 -16.30
N LEU B 18 -1.48 -6.41 -15.75
CA LEU B 18 -0.56 -7.05 -14.83
C LEU B 18 0.08 -5.97 -13.99
N ARG B 19 0.64 -6.36 -12.85
CA ARG B 19 1.34 -5.41 -11.98
C ARG B 19 2.64 -6.05 -11.51
N LEU B 20 3.77 -5.52 -11.96
CA LEU B 20 5.07 -5.95 -11.49
C LEU B 20 5.41 -5.23 -10.19
N SER B 21 5.97 -5.97 -9.24
CA SER B 21 6.44 -5.42 -7.98
C SER B 21 7.94 -5.65 -7.85
N CYS B 22 8.61 -4.76 -7.13
CA CYS B 22 10.04 -4.86 -6.91
C CYS B 22 10.31 -4.47 -5.46
N ALA B 23 10.72 -5.45 -4.66
CA ALA B 23 11.05 -5.22 -3.25
C ALA B 23 12.54 -4.92 -3.13
N ALA B 24 12.86 -3.85 -2.41
CA ALA B 24 14.23 -3.39 -2.25
C ALA B 24 14.70 -3.58 -0.82
N SER B 25 15.96 -3.98 -0.68
CA SER B 25 16.59 -4.10 0.64
C SER B 25 18.05 -3.70 0.52
N GLY B 26 18.63 -3.33 1.65
CA GLY B 26 20.03 -2.95 1.71
C GLY B 26 20.31 -1.49 1.47
N PHE B 27 19.29 -0.67 1.25
CA PHE B 27 19.50 0.75 1.02
C PHE B 27 18.22 1.51 1.32
N ASN B 28 18.38 2.81 1.58
CA ASN B 28 17.27 3.70 1.85
C ASN B 28 16.48 3.87 0.55
N PHE B 29 15.47 3.01 0.35
CA PHE B 29 14.75 2.97 -0.92
C PHE B 29 14.22 4.34 -1.32
N SER B 30 13.77 5.12 -0.33
CA SER B 30 13.19 6.43 -0.63
C SER B 30 14.22 7.40 -1.21
N ASN B 31 15.50 7.13 -1.02
CA ASN B 31 16.56 8.07 -1.40
C ASN B 31 17.09 7.84 -2.82
N TYR B 32 16.44 7.01 -3.61
CA TYR B 32 16.93 6.71 -4.95
C TYR B 32 15.77 6.61 -5.93
N GLY B 33 15.98 7.09 -7.15
CA GLY B 33 15.02 6.85 -8.21
C GLY B 33 15.09 5.44 -8.72
N MET B 34 14.04 5.03 -9.44
CA MET B 34 13.94 3.67 -9.95
C MET B 34 13.58 3.68 -11.41
N ASN B 35 13.97 2.61 -12.11
CA ASN B 35 13.73 2.44 -13.53
C ASN B 35 13.20 1.04 -13.79
N TRP B 36 12.23 0.96 -14.69
CA TRP B 36 11.82 -0.30 -15.30
C TRP B 36 12.45 -0.36 -16.68
N VAL B 37 13.22 -1.42 -16.93
CA VAL B 37 13.88 -1.65 -18.21
C VAL B 37 13.49 -3.04 -18.68
N ARG B 38 12.91 -3.14 -19.88
CA ARG B 38 12.50 -4.44 -20.38
C ARG B 38 13.44 -4.90 -21.48
N GLN B 39 13.38 -6.20 -21.77
CA GLN B 39 14.18 -6.81 -22.82
C GLN B 39 13.35 -7.88 -23.50
N ALA B 40 12.95 -7.64 -24.73
CA ALA B 40 12.24 -8.65 -25.50
C ALA B 40 13.16 -9.84 -25.78
N PRO B 41 12.60 -11.04 -25.88
CA PRO B 41 13.44 -12.23 -26.12
C PRO B 41 14.21 -12.11 -27.42
N GLY B 42 15.53 -12.25 -27.32
CA GLY B 42 16.41 -12.13 -28.47
C GLY B 42 16.67 -10.72 -28.95
N LYS B 43 16.19 -9.70 -28.25
CA LYS B 43 16.36 -8.31 -28.65
C LYS B 43 17.17 -7.55 -27.61
N GLY B 44 17.37 -6.26 -27.87
CA GLY B 44 18.16 -5.42 -27.00
C GLY B 44 17.38 -4.94 -25.79
N LEU B 45 18.08 -4.17 -24.95
CA LEU B 45 17.47 -3.57 -23.77
C LEU B 45 16.76 -2.27 -24.14
N GLU B 46 15.61 -2.04 -23.52
CA GLU B 46 14.88 -0.79 -23.65
C GLU B 46 14.53 -0.26 -22.26
N CYS B 47 14.90 0.98 -21.99
CA CYS B 47 14.53 1.64 -20.74
C CYS B 47 13.08 2.09 -20.83
N ILE B 48 12.21 1.48 -20.03
CA ILE B 48 10.77 1.73 -20.15
C ILE B 48 10.38 2.98 -19.37
N SER B 49 10.69 3.01 -18.08
CA SER B 49 10.08 4.01 -17.22
C SER B 49 11.03 4.38 -16.09
N TYR B 50 10.81 5.58 -15.56
CA TYR B 50 11.58 6.10 -14.43
C TYR B 50 10.63 6.79 -13.48
N ILE B 51 10.83 6.55 -12.19
CA ILE B 51 10.11 7.24 -11.13
C ILE B 51 11.14 7.83 -10.17
N SER B 52 10.89 9.05 -9.72
CA SER B 52 11.80 9.71 -8.80
C SER B 52 11.61 9.16 -7.39
N GLY B 53 12.53 9.55 -6.50
CA GLY B 53 12.45 9.05 -5.13
C GLY B 53 11.14 9.42 -4.44
N SER B 54 10.65 10.62 -4.68
CA SER B 54 9.39 11.10 -4.14
C SER B 54 8.22 10.83 -5.08
N SER B 55 8.42 10.00 -6.11
CA SER B 55 7.39 9.70 -7.11
C SER B 55 6.83 10.97 -7.74
N SER B 56 7.64 12.03 -7.74
CA SER B 56 7.21 13.31 -8.33
C SER B 56 7.46 13.35 -9.83
N THR B 57 8.57 12.77 -10.28
CA THR B 57 8.93 12.73 -11.69
C THR B 57 8.75 11.31 -12.22
N LYS B 58 7.96 11.18 -13.29
CA LYS B 58 7.79 9.90 -13.97
C LYS B 58 8.03 10.10 -15.46
N TYR B 59 9.00 9.39 -16.00
CA TYR B 59 9.24 9.35 -17.44
C TYR B 59 8.78 8.00 -17.97
N TYR B 60 8.21 8.00 -19.17
CA TYR B 60 7.74 6.80 -19.83
C TYR B 60 8.25 6.77 -21.27
N ALA B 61 8.58 5.58 -21.75
CA ALA B 61 8.94 5.43 -23.15
C ALA B 61 7.70 5.62 -24.02
N ASP B 62 7.94 6.12 -25.24
CA ASP B 62 6.83 6.35 -26.17
C ASP B 62 6.01 5.09 -26.39
N SER B 63 6.67 3.92 -26.45
CA SER B 63 5.97 2.68 -26.74
C SER B 63 4.99 2.29 -25.65
N VAL B 64 5.23 2.72 -24.41
CA VAL B 64 4.41 2.32 -23.28
C VAL B 64 3.66 3.50 -22.65
N LYS B 65 3.75 4.68 -23.27
CA LYS B 65 3.05 5.84 -22.74
C LYS B 65 1.54 5.64 -22.81
N GLY B 66 0.84 6.10 -21.77
CA GLY B 66 -0.59 5.95 -21.69
C GLY B 66 -1.07 4.58 -21.27
N ARG B 67 -0.24 3.55 -21.43
CA ARG B 67 -0.61 2.19 -21.05
C ARG B 67 0.02 1.76 -19.72
N PHE B 68 1.30 2.05 -19.52
CA PHE B 68 1.99 1.67 -18.29
C PHE B 68 1.96 2.82 -17.30
N THR B 69 1.98 2.46 -16.02
CA THR B 69 1.93 3.43 -14.93
C THR B 69 2.91 3.01 -13.86
N ILE B 70 3.93 3.82 -13.61
CA ILE B 70 4.93 3.49 -12.61
C ILE B 70 4.51 4.11 -11.28
N SER B 71 4.76 3.38 -10.19
CA SER B 71 4.33 3.78 -8.87
C SER B 71 5.34 3.28 -7.86
N ARG B 72 5.22 3.74 -6.62
CA ARG B 72 6.10 3.24 -5.57
C ARG B 72 5.51 3.53 -4.20
N ASP B 73 5.80 2.63 -3.27
CA ASP B 73 5.49 2.81 -1.85
C ASP B 73 6.81 2.77 -1.11
N ASN B 74 7.23 3.93 -0.58
CA ASN B 74 8.51 4.01 0.10
C ASN B 74 8.45 3.35 1.47
N ALA B 75 7.33 3.48 2.17
CA ALA B 75 7.18 2.81 3.46
C ALA B 75 7.24 1.30 3.32
N LYS B 76 6.94 0.77 2.13
CA LYS B 76 6.98 -0.67 1.87
C LYS B 76 8.16 -1.09 1.03
N ASN B 77 9.07 -0.16 0.68
CA ASN B 77 10.25 -0.47 -0.13
C ASN B 77 9.87 -1.14 -1.45
N SER B 78 8.75 -0.71 -2.02
CA SER B 78 8.20 -1.38 -3.19
C SER B 78 8.12 -0.44 -4.38
N LEU B 79 8.51 -0.95 -5.54
CA LEU B 79 8.33 -0.28 -6.82
C LEU B 79 7.29 -1.06 -7.61
N TYR B 80 6.43 -0.36 -8.35
CA TYR B 80 5.34 -1.00 -9.06
C TYR B 80 5.29 -0.53 -10.50
N LEU B 81 4.97 -1.46 -11.40
CA LEU B 81 4.69 -1.15 -12.80
C LEU B 81 3.33 -1.75 -13.15
N GLN B 82 2.33 -0.89 -13.31
CA GLN B 82 0.99 -1.31 -13.71
C GLN B 82 0.93 -1.31 -15.23
N MET B 83 0.91 -2.49 -15.83
CA MET B 83 0.88 -2.66 -17.27
C MET B 83 -0.55 -2.96 -17.72
N ASN B 84 -1.09 -2.10 -18.57
CA ASN B 84 -2.44 -2.27 -19.11
C ASN B 84 -2.38 -2.29 -20.63
N SER B 85 -3.43 -2.86 -21.24
CA SER B 85 -3.58 -2.93 -22.69
C SER B 85 -2.37 -3.62 -23.33
N LEU B 86 -1.99 -4.77 -22.77
CA LEU B 86 -0.79 -5.45 -23.21
C LEU B 86 -0.94 -6.01 -24.62
N ARG B 87 0.11 -5.87 -25.42
CA ARG B 87 0.18 -6.39 -26.78
C ARG B 87 1.25 -7.49 -26.84
N ASP B 88 1.28 -8.19 -27.98
CA ASP B 88 2.31 -9.20 -28.19
C ASP B 88 3.72 -8.62 -28.14
N GLU B 89 3.88 -7.32 -28.38
CA GLU B 89 5.19 -6.68 -28.32
C GLU B 89 5.67 -6.44 -26.89
N ASP B 90 4.81 -6.60 -25.89
CA ASP B 90 5.20 -6.40 -24.50
C ASP B 90 5.76 -7.65 -23.84
N THR B 91 5.75 -8.80 -24.52
CA THR B 91 6.33 -10.01 -23.97
C THR B 91 7.85 -9.82 -23.83
N ALA B 92 8.34 -9.87 -22.60
CA ALA B 92 9.74 -9.54 -22.36
C ALA B 92 10.11 -9.89 -20.93
N VAL B 93 11.41 -9.95 -20.67
CA VAL B 93 11.92 -9.99 -19.30
C VAL B 93 12.00 -8.55 -18.80
N TYR B 94 11.35 -8.27 -17.68
CA TYR B 94 11.28 -6.93 -17.11
C TYR B 94 12.21 -6.83 -15.91
N TYR B 95 13.17 -5.91 -15.99
CA TYR B 95 14.17 -5.69 -14.97
C TYR B 95 13.86 -4.42 -14.21
N CYS B 96 14.17 -4.45 -12.91
CA CYS B 96 14.00 -3.34 -11.99
C CYS B 96 15.39 -2.85 -11.61
N ALA B 97 15.69 -1.58 -11.92
CA ALA B 97 17.04 -1.06 -11.80
C ALA B 97 17.05 0.23 -10.99
N ARG B 98 18.01 0.36 -10.08
CA ARG B 98 18.14 1.57 -9.29
C ARG B 98 18.81 2.69 -10.09
N ASP B 99 18.42 3.92 -9.80
CA ASP B 99 18.91 5.09 -10.52
C ASP B 99 19.92 5.79 -9.64
N HIS B 100 21.19 5.41 -9.80
CA HIS B 100 22.30 5.96 -9.01
C HIS B 100 23.47 6.17 -9.96
N TRP B 101 23.56 7.37 -10.56
CA TRP B 101 24.57 7.71 -11.55
C TRP B 101 24.52 6.79 -12.76
N GLY B 102 23.38 6.18 -13.01
CA GLY B 102 23.22 5.13 -13.99
C GLY B 102 22.23 4.10 -13.49
N LEU B 103 22.35 2.88 -14.01
CA LEU B 103 21.54 1.75 -13.56
C LEU B 103 22.51 0.77 -12.89
N ASP B 104 22.85 1.05 -11.64
CA ASP B 104 23.94 0.32 -10.99
C ASP B 104 23.49 -1.04 -10.48
N TYR B 105 22.32 -1.12 -9.85
CA TYR B 105 21.80 -2.36 -9.31
C TYR B 105 20.50 -2.72 -10.01
N TRP B 106 20.42 -3.95 -10.52
CA TRP B 106 19.27 -4.47 -11.23
C TRP B 106 18.59 -5.55 -10.41
N GLY B 107 17.33 -5.81 -10.75
CA GLY B 107 16.66 -7.00 -10.24
C GLY B 107 17.02 -8.23 -11.04
N GLN B 108 16.55 -9.38 -10.56
CA GLN B 108 16.78 -10.61 -11.31
C GLN B 108 15.97 -10.66 -12.60
N GLY B 109 14.95 -9.82 -12.71
CA GLY B 109 14.10 -9.80 -13.89
C GLY B 109 12.96 -10.81 -13.78
N THR B 110 11.79 -10.43 -14.27
CA THR B 110 10.62 -11.31 -14.26
C THR B 110 10.06 -11.36 -15.68
N LEU B 111 9.75 -12.55 -16.15
CA LEU B 111 9.29 -12.72 -17.53
C LEU B 111 7.79 -12.52 -17.59
N VAL B 112 7.36 -11.65 -18.51
CA VAL B 112 5.95 -11.37 -18.76
C VAL B 112 5.66 -11.84 -20.17
N THR B 113 4.85 -12.89 -20.29
CA THR B 113 4.46 -13.48 -21.56
C THR B 113 3.03 -13.07 -21.87
N VAL B 114 2.85 -12.33 -22.96
CA VAL B 114 1.53 -11.90 -23.42
C VAL B 114 1.09 -12.92 -24.47
N SER B 115 0.19 -13.83 -24.07
CA SER B 115 -0.31 -14.84 -24.97
C SER B 115 -1.72 -15.22 -24.56
N SER B 116 -2.58 -15.46 -25.55
CA SER B 116 -3.93 -15.93 -25.28
C SER B 116 -3.97 -17.37 -24.79
N ALA B 117 -2.84 -18.07 -24.83
CA ALA B 117 -2.76 -19.45 -24.36
C ALA B 117 -3.06 -19.54 -22.86
N SER B 118 -2.98 -20.74 -22.31
CA SER B 118 -3.34 -20.98 -20.92
C SER B 118 -2.13 -21.44 -20.13
N THR B 119 -2.14 -21.14 -18.84
CA THR B 119 -1.07 -21.58 -17.96
C THR B 119 -1.18 -23.09 -17.74
N LYS B 120 -0.04 -23.77 -17.74
CA LYS B 120 -0.04 -25.22 -17.60
C LYS B 120 1.22 -25.63 -16.86
N GLY B 121 1.06 -26.39 -15.79
CA GLY B 121 2.17 -26.78 -14.96
C GLY B 121 2.95 -27.93 -15.55
N PRO B 122 4.20 -28.08 -15.13
CA PRO B 122 5.06 -29.11 -15.72
C PRO B 122 4.70 -30.52 -15.25
N SER B 123 5.16 -31.49 -16.03
CA SER B 123 5.14 -32.90 -15.64
C SER B 123 6.60 -33.35 -15.55
N VAL B 124 7.02 -33.76 -14.36
CA VAL B 124 8.41 -34.11 -14.12
C VAL B 124 8.54 -35.63 -14.09
N PHE B 125 9.44 -36.16 -14.91
CA PHE B 125 9.72 -37.59 -14.93
C PHE B 125 11.23 -37.78 -14.78
N PRO B 126 11.67 -38.60 -13.83
CA PRO B 126 13.11 -38.74 -13.61
C PRO B 126 13.79 -39.54 -14.72
N LEU B 127 14.99 -39.11 -15.11
CA LEU B 127 15.84 -39.81 -16.05
C LEU B 127 16.88 -40.55 -15.20
N ALA B 128 16.63 -41.83 -14.96
CA ALA B 128 17.40 -42.62 -14.01
C ALA B 128 18.76 -43.00 -14.60
N PRO B 129 19.79 -43.09 -13.75
CA PRO B 129 21.09 -43.59 -14.21
C PRO B 129 21.09 -45.10 -14.27
N SER B 130 21.44 -45.64 -15.44
CA SER B 130 21.50 -47.09 -15.61
C SER B 130 22.90 -47.49 -16.06
N SER B 131 23.04 -48.72 -16.57
CA SER B 131 24.31 -49.14 -17.14
C SER B 131 24.57 -48.51 -18.49
N LYS B 132 23.63 -47.72 -19.01
CA LYS B 132 23.83 -46.98 -20.26
C LYS B 132 24.71 -45.74 -20.02
N SER B 133 24.40 -44.97 -18.98
CA SER B 133 25.12 -43.74 -18.71
C SER B 133 26.08 -43.89 -17.53
N THR B 134 26.93 -44.92 -17.58
CA THR B 134 27.99 -45.11 -16.58
C THR B 134 29.29 -45.34 -17.36
N SER B 135 30.08 -44.28 -17.52
CA SER B 135 31.33 -44.32 -18.28
C SER B 135 32.47 -43.92 -17.36
N GLY B 136 33.26 -44.89 -16.94
CA GLY B 136 34.42 -44.64 -16.11
C GLY B 136 34.06 -44.18 -14.71
N GLY B 137 33.13 -44.89 -14.07
CA GLY B 137 32.73 -44.54 -12.72
C GLY B 137 31.91 -43.29 -12.58
N THR B 138 31.37 -42.76 -13.69
CA THR B 138 30.58 -41.53 -13.68
C THR B 138 29.17 -41.85 -14.16
N ALA B 139 28.19 -41.57 -13.32
CA ALA B 139 26.79 -41.81 -13.64
C ALA B 139 26.10 -40.49 -13.97
N ALA B 140 25.42 -40.44 -15.11
CA ALA B 140 24.68 -39.27 -15.54
C ALA B 140 23.20 -39.50 -15.27
N LEU B 141 22.59 -38.62 -14.47
CA LEU B 141 21.20 -38.76 -14.08
C LEU B 141 20.53 -37.40 -14.09
N GLY B 142 19.23 -37.38 -14.38
CA GLY B 142 18.55 -36.12 -14.47
C GLY B 142 17.05 -36.21 -14.27
N CYS B 143 16.36 -35.19 -14.78
CA CYS B 143 14.91 -35.14 -14.75
C CYS B 143 14.41 -34.37 -15.96
N LEU B 144 13.32 -34.86 -16.56
CA LEU B 144 12.65 -34.24 -17.69
C LEU B 144 11.46 -33.44 -17.19
N VAL B 145 11.40 -32.17 -17.58
CA VAL B 145 10.29 -31.28 -17.29
C VAL B 145 9.49 -31.08 -18.57
N LYS B 146 8.45 -31.88 -18.76
CA LYS B 146 7.74 -31.94 -20.03
C LYS B 146 6.40 -31.23 -19.93
N ASP B 147 6.00 -30.61 -21.04
CA ASP B 147 4.69 -30.00 -21.21
C ASP B 147 4.38 -28.98 -20.12
N TYR B 148 4.89 -27.76 -20.28
CA TYR B 148 4.61 -26.70 -19.32
C TYR B 148 4.55 -25.37 -20.05
N PHE B 149 3.81 -24.41 -19.45
CA PHE B 149 3.67 -23.10 -20.04
C PHE B 149 3.19 -22.13 -18.98
N PRO B 150 3.71 -20.90 -18.93
CA PRO B 150 4.77 -20.35 -19.78
C PRO B 150 6.16 -20.55 -19.20
N GLU B 151 7.14 -19.85 -19.75
CA GLU B 151 8.50 -19.90 -19.26
C GLU B 151 8.66 -19.07 -17.99
N PRO B 152 9.64 -19.39 -17.15
CA PRO B 152 10.56 -20.53 -17.21
C PRO B 152 10.40 -21.47 -16.02
N VAL B 153 11.23 -22.51 -15.93
CA VAL B 153 11.31 -23.33 -14.72
C VAL B 153 12.75 -23.27 -14.20
N THR B 154 12.87 -23.35 -12.89
CA THR B 154 14.16 -23.39 -12.22
C THR B 154 14.36 -24.77 -11.63
N VAL B 155 15.47 -25.41 -11.97
CA VAL B 155 15.73 -26.80 -11.58
C VAL B 155 17.04 -26.82 -10.81
N SER B 156 16.98 -27.17 -9.53
CA SER B 156 18.17 -27.39 -8.73
C SER B 156 18.24 -28.86 -8.32
N TRP B 157 19.31 -29.20 -7.59
CA TRP B 157 19.52 -30.57 -7.15
C TRP B 157 19.93 -30.59 -5.69
N ASN B 158 19.43 -31.58 -4.96
CA ASN B 158 19.63 -31.73 -3.52
C ASN B 158 19.40 -30.40 -2.79
N SER B 159 18.17 -29.90 -2.93
CA SER B 159 17.75 -28.63 -2.32
C SER B 159 18.65 -27.46 -2.74
N GLY B 160 19.33 -27.59 -3.87
CA GLY B 160 20.27 -26.58 -4.32
C GLY B 160 21.67 -26.72 -3.74
N ALA B 161 22.13 -27.96 -3.56
CA ALA B 161 23.44 -28.23 -2.97
C ALA B 161 24.41 -28.97 -3.87
N LEU B 162 23.99 -29.38 -5.06
CA LEU B 162 24.85 -30.21 -5.90
C LEU B 162 25.83 -29.38 -6.74
N THR B 163 25.46 -28.16 -7.11
CA THR B 163 26.36 -27.21 -7.76
C THR B 163 27.11 -27.79 -8.96
N SER B 164 28.02 -28.74 -8.70
CA SER B 164 28.86 -29.31 -9.74
C SER B 164 28.09 -30.32 -10.59
N GLY B 165 28.41 -30.36 -11.88
CA GLY B 165 27.80 -31.27 -12.81
C GLY B 165 26.42 -30.88 -13.31
N VAL B 166 25.71 -30.02 -12.59
CA VAL B 166 24.34 -29.65 -12.97
C VAL B 166 24.41 -28.78 -14.24
N HIS B 167 23.92 -29.32 -15.35
CA HIS B 167 23.73 -28.55 -16.58
C HIS B 167 22.26 -28.66 -16.97
N THR B 168 21.53 -27.56 -16.84
CA THR B 168 20.13 -27.51 -17.24
C THR B 168 20.04 -26.95 -18.65
N PHE B 169 19.45 -27.73 -19.55
CA PHE B 169 19.38 -27.42 -20.97
C PHE B 169 18.18 -26.52 -21.28
N PRO B 170 18.26 -25.72 -22.35
CA PRO B 170 17.10 -24.92 -22.75
C PRO B 170 15.94 -25.79 -23.21
N ALA B 171 14.76 -25.21 -23.15
CA ALA B 171 13.52 -25.90 -23.50
C ALA B 171 13.24 -25.82 -25.00
N VAL B 172 12.46 -26.77 -25.49
CA VAL B 172 11.92 -26.74 -26.85
C VAL B 172 10.51 -26.19 -26.81
N LEU B 173 10.13 -25.50 -27.89
CA LEU B 173 8.74 -25.12 -28.10
C LEU B 173 8.10 -26.24 -28.90
N GLN B 174 7.50 -27.19 -28.18
CA GLN B 174 6.91 -28.35 -28.81
C GLN B 174 5.80 -27.96 -29.76
N SER B 175 5.42 -28.91 -30.61
CA SER B 175 4.34 -28.70 -31.57
C SER B 175 3.04 -28.32 -30.87
N SER B 176 2.85 -28.79 -29.64
CA SER B 176 1.65 -28.48 -28.85
C SER B 176 1.61 -27.04 -28.36
N GLY B 177 2.71 -26.30 -28.49
CA GLY B 177 2.81 -24.97 -27.91
C GLY B 177 3.33 -24.96 -26.49
N LEU B 178 3.51 -26.12 -25.88
CA LEU B 178 4.04 -26.22 -24.52
C LEU B 178 5.55 -26.42 -24.56
N TYR B 179 6.22 -25.93 -23.52
CA TYR B 179 7.66 -26.09 -23.42
C TYR B 179 8.01 -27.38 -22.68
N SER B 180 9.27 -27.77 -22.81
CA SER B 180 9.80 -28.93 -22.10
C SER B 180 11.31 -28.88 -22.17
N LEU B 181 11.96 -29.15 -21.04
CA LEU B 181 13.41 -29.16 -20.97
C LEU B 181 13.89 -30.39 -20.21
N SER B 182 15.21 -30.55 -20.19
CA SER B 182 15.85 -31.61 -19.41
C SER B 182 16.92 -30.99 -18.54
N SER B 183 17.14 -31.59 -17.37
CA SER B 183 18.20 -31.14 -16.46
C SER B 183 18.96 -32.36 -15.96
N VAL B 184 20.24 -32.45 -16.30
CA VAL B 184 21.05 -33.62 -15.98
C VAL B 184 22.23 -33.20 -15.12
N VAL B 185 22.90 -34.20 -14.56
CA VAL B 185 24.11 -33.99 -13.76
C VAL B 185 24.89 -35.30 -13.77
N THR B 186 26.21 -35.18 -13.90
CA THR B 186 27.12 -36.32 -13.81
C THR B 186 27.75 -36.33 -12.43
N VAL B 187 27.59 -37.44 -11.73
CA VAL B 187 28.12 -37.60 -10.38
C VAL B 187 28.98 -38.86 -10.35
N PRO B 188 29.82 -39.07 -9.34
CA PRO B 188 30.49 -40.37 -9.21
C PRO B 188 29.48 -41.49 -9.04
N SER B 189 29.58 -42.51 -9.89
CA SER B 189 28.67 -43.65 -9.80
C SER B 189 28.81 -44.40 -8.48
N SER B 190 29.86 -44.12 -7.71
CA SER B 190 30.04 -44.69 -6.38
C SER B 190 29.22 -43.99 -5.31
N SER B 191 28.36 -43.05 -5.71
CA SER B 191 27.50 -42.32 -4.77
C SER B 191 26.02 -42.52 -5.07
N LEU B 192 25.68 -43.40 -6.03
CA LEU B 192 24.28 -43.59 -6.39
C LEU B 192 23.49 -44.23 -5.23
N GLY B 193 24.08 -45.19 -4.54
CA GLY B 193 23.41 -45.87 -3.45
C GLY B 193 23.59 -45.28 -2.08
N THR B 194 24.47 -44.27 -1.95
CA THR B 194 24.71 -43.62 -0.67
C THR B 194 24.25 -42.17 -0.64
N GLN B 195 24.00 -41.57 -1.79
CA GLN B 195 23.54 -40.19 -1.90
C GLN B 195 22.21 -40.18 -2.63
N THR B 196 21.21 -39.52 -2.05
CA THR B 196 19.91 -39.35 -2.70
C THR B 196 19.88 -38.04 -3.46
N TYR B 197 19.41 -38.09 -4.70
CA TYR B 197 19.41 -36.93 -5.59
C TYR B 197 17.98 -36.47 -5.82
N ILE B 198 17.61 -35.35 -5.23
CA ILE B 198 16.27 -34.81 -5.31
C ILE B 198 16.31 -33.64 -6.29
N CYS B 199 15.80 -33.87 -7.50
CA CYS B 199 15.69 -32.82 -8.51
C CYS B 199 14.50 -31.93 -8.14
N ASN B 200 14.79 -30.67 -7.80
CA ASN B 200 13.77 -29.73 -7.36
C ASN B 200 13.41 -28.82 -8.53
N VAL B 201 12.21 -29.01 -9.08
CA VAL B 201 11.70 -28.19 -10.17
C VAL B 201 10.74 -27.17 -9.58
N ASN B 202 10.79 -25.94 -10.10
CA ASN B 202 9.90 -24.89 -9.66
C ASN B 202 9.45 -24.11 -10.88
N HIS B 203 8.14 -24.06 -11.09
CA HIS B 203 7.51 -23.30 -12.18
C HIS B 203 6.69 -22.22 -11.49
N LYS B 204 7.31 -21.05 -11.32
CA LYS B 204 6.62 -19.94 -10.67
C LYS B 204 5.39 -19.45 -11.43
N PRO B 205 5.35 -19.39 -12.77
CA PRO B 205 4.14 -18.90 -13.44
C PRO B 205 2.90 -19.74 -13.14
N SER B 206 3.07 -20.99 -12.72
CA SER B 206 1.95 -21.84 -12.32
C SER B 206 2.01 -22.24 -10.86
N ASN B 207 2.95 -21.69 -10.09
CA ASN B 207 3.11 -22.01 -8.67
C ASN B 207 3.20 -23.52 -8.45
N THR B 208 4.06 -24.16 -9.24
CA THR B 208 4.23 -25.61 -9.18
C THR B 208 5.64 -25.91 -8.66
N LYS B 209 5.74 -26.30 -7.39
CA LYS B 209 6.98 -26.78 -6.83
C LYS B 209 6.89 -28.29 -6.73
N VAL B 210 7.91 -28.99 -7.22
CA VAL B 210 7.92 -30.45 -7.21
C VAL B 210 9.34 -30.95 -7.00
N ASP B 211 9.56 -31.70 -5.93
CA ASP B 211 10.86 -32.25 -5.59
C ASP B 211 10.83 -33.75 -5.89
N LYS B 212 11.18 -34.10 -7.12
CA LYS B 212 11.14 -35.48 -7.55
C LYS B 212 12.50 -36.13 -7.33
N LYS B 213 12.52 -37.28 -6.69
CA LYS B 213 13.78 -37.96 -6.42
C LYS B 213 14.15 -38.88 -7.57
N VAL B 214 15.43 -38.92 -7.90
CA VAL B 214 15.94 -39.76 -8.97
C VAL B 214 16.65 -40.94 -8.32
N GLU B 215 16.13 -42.13 -8.52
CA GLU B 215 16.71 -43.35 -7.99
C GLU B 215 17.39 -44.14 -9.11
N PRO B 216 18.48 -44.83 -8.82
CA PRO B 216 19.11 -45.67 -9.84
C PRO B 216 18.19 -46.82 -10.23
N LYS B 217 18.43 -47.33 -11.44
CA LYS B 217 17.65 -48.44 -11.98
C LYS B 217 16.16 -48.10 -12.05
N ASP C 4 48.56 26.15 6.66
CA ASP C 4 47.35 25.98 7.45
C ASP C 4 46.22 25.48 6.55
N THR C 5 45.67 24.31 6.88
CA THR C 5 44.70 23.65 6.02
C THR C 5 43.48 23.19 6.80
N ILE C 6 42.36 23.11 6.10
CA ILE C 6 41.16 22.41 6.55
C ILE C 6 41.34 20.92 6.30
N THR C 7 40.99 20.12 7.30
CA THR C 7 41.14 18.67 7.25
C THR C 7 39.77 18.04 7.22
N LEU C 8 39.39 17.48 6.06
CA LEU C 8 38.14 16.76 5.91
C LEU C 8 38.39 15.29 6.23
N PRO C 9 37.81 14.76 7.31
CA PRO C 9 38.02 13.33 7.62
C PRO C 9 37.24 12.46 6.66
N CYS C 10 37.91 11.44 6.12
CA CYS C 10 37.34 10.59 5.09
C CYS C 10 37.29 9.14 5.55
N ARG C 11 36.26 8.43 5.11
CA ARG C 11 36.11 7.02 5.40
C ARG C 11 35.61 6.28 4.16
N PRO C 12 36.35 5.30 3.66
CA PRO C 12 37.66 4.82 4.14
C PRO C 12 38.78 5.77 3.74
N ALA C 13 40.02 5.46 4.10
CA ALA C 13 41.15 6.35 3.81
C ALA C 13 41.37 6.43 2.31
N PRO C 14 41.24 7.60 1.69
CA PRO C 14 41.45 7.70 0.24
C PRO C 14 42.92 7.64 -0.08
N PRO C 15 43.31 6.77 -1.02
CA PRO C 15 44.73 6.64 -1.37
C PRO C 15 45.25 7.92 -2.00
N PRO C 16 46.57 8.13 -2.00
CA PRO C 16 47.10 9.42 -2.45
C PRO C 16 46.75 9.78 -3.89
N HIS C 17 46.49 8.80 -4.74
CA HIS C 17 46.20 9.10 -6.15
C HIS C 17 44.80 9.64 -6.38
N CYS C 18 44.00 9.84 -5.32
CA CYS C 18 42.67 10.39 -5.45
C CYS C 18 42.62 11.90 -5.24
N SER C 19 43.77 12.54 -5.00
CA SER C 19 43.80 14.00 -4.88
C SER C 19 43.18 14.62 -6.13
N SER C 20 42.33 15.63 -5.91
CA SER C 20 41.51 16.14 -6.99
C SER C 20 41.46 17.66 -6.92
N ASN C 21 40.68 18.26 -7.82
CA ASN C 21 40.56 19.70 -7.96
C ASN C 21 39.09 20.07 -7.85
N ILE C 22 38.69 20.68 -6.74
CA ILE C 22 37.36 21.26 -6.60
C ILE C 22 37.20 22.32 -7.68
N THR C 23 36.37 22.05 -8.67
CA THR C 23 36.04 22.99 -9.73
C THR C 23 34.68 23.63 -9.54
N GLY C 24 33.93 23.24 -8.53
CA GLY C 24 32.62 23.79 -8.29
C GLY C 24 31.95 23.03 -7.16
N LEU C 25 30.73 23.47 -6.87
CA LEU C 25 29.93 22.84 -5.83
C LEU C 25 28.46 23.08 -6.10
N ILE C 26 27.62 22.45 -5.28
CA ILE C 26 26.18 22.56 -5.40
C ILE C 26 25.61 22.88 -4.02
N LEU C 27 24.75 23.90 -3.96
CA LEU C 27 24.26 24.43 -2.70
C LEU C 27 22.73 24.41 -2.68
N THR C 28 22.20 24.65 -1.49
CA THR C 28 20.76 24.82 -1.27
C THR C 28 20.59 25.93 -0.26
N ARG C 29 19.76 26.91 -0.58
CA ARG C 29 19.52 28.03 0.30
C ARG C 29 18.50 27.63 1.36
N GLN C 30 18.78 27.98 2.62
CA GLN C 30 17.88 27.64 3.71
C GLN C 30 16.66 28.55 3.71
N GLY C 31 15.50 27.97 3.99
CA GLY C 31 14.23 28.67 3.89
C GLY C 31 14.09 29.91 4.75
N GLY C 32 13.61 30.99 4.16
CA GLY C 32 13.39 32.23 4.88
C GLY C 32 13.24 33.45 3.99
N TYR C 33 13.71 33.33 2.73
CA TYR C 33 13.70 34.41 1.76
C TYR C 33 14.33 35.68 2.33
N SER C 34 13.52 36.52 2.98
CA SER C 34 13.97 37.79 3.53
C SER C 34 14.03 37.66 5.05
N ASN C 35 15.16 37.15 5.54
CA ASN C 35 15.46 37.16 6.97
C ASN C 35 16.35 38.37 7.29
N ALA C 36 15.77 39.55 7.06
CA ALA C 36 16.47 40.83 7.18
C ALA C 36 17.61 40.93 6.17
N ASN C 37 18.76 40.33 6.49
CA ASN C 37 19.91 40.48 5.61
C ASN C 37 20.88 39.31 5.63
N THR C 38 20.64 38.25 6.40
CA THR C 38 21.55 37.11 6.47
C THR C 38 20.91 35.92 5.76
N VAL C 39 21.51 35.49 4.66
CA VAL C 39 21.03 34.35 3.88
C VAL C 39 21.94 33.16 4.15
N ILE C 40 21.33 32.01 4.45
CA ILE C 40 22.06 30.80 4.80
C ILE C 40 22.04 29.83 3.62
N PHE C 41 23.22 29.34 3.25
CA PHE C 41 23.37 28.29 2.25
C PHE C 41 23.98 27.07 2.92
N ARG C 42 23.69 25.91 2.37
CA ARG C 42 24.22 24.63 2.84
C ARG C 42 24.63 23.82 1.63
N PRO C 43 25.54 22.85 1.79
CA PRO C 43 25.85 21.96 0.67
C PRO C 43 24.63 21.12 0.31
N SER C 44 24.28 21.14 -0.97
CA SER C 44 23.08 20.44 -1.44
C SER C 44 23.24 18.93 -1.26
N GLY C 45 22.31 18.31 -0.55
CA GLY C 45 22.37 16.88 -0.34
C GLY C 45 21.21 16.16 -0.99
N GLY C 46 20.84 16.59 -2.20
CA GLY C 46 19.66 16.05 -2.86
C GLY C 46 19.89 14.77 -3.62
N ASP C 47 19.68 14.82 -4.94
CA ASP C 47 19.77 13.66 -5.82
C ASP C 47 20.92 13.83 -6.80
N TRP C 48 21.46 12.71 -7.29
CA TRP C 48 22.52 12.79 -8.28
C TRP C 48 22.06 13.50 -9.55
N ARG C 49 20.75 13.50 -9.82
CA ARG C 49 20.26 14.19 -11.01
C ARG C 49 20.37 15.70 -10.89
N ASP C 50 20.42 16.24 -9.67
CA ASP C 50 20.72 17.66 -9.51
C ASP C 50 22.13 17.99 -9.99
N ILE C 51 23.12 17.23 -9.50
CA ILE C 51 24.49 17.36 -9.96
C ILE C 51 24.56 17.17 -11.47
N ALA C 52 23.75 16.25 -12.00
CA ALA C 52 23.73 16.04 -13.45
C ALA C 52 23.19 17.24 -14.19
N ARG C 53 22.14 17.87 -13.64
CA ARG C 53 21.56 19.05 -14.26
C ARG C 53 22.46 20.27 -14.15
N CYS C 54 23.40 20.28 -13.21
CA CYS C 54 24.41 21.34 -13.19
C CYS C 54 25.23 21.34 -14.47
N GLN C 55 25.63 20.15 -14.95
CA GLN C 55 26.31 19.98 -16.23
C GLN C 55 27.70 20.63 -16.25
N ILE C 56 28.43 20.52 -15.14
CA ILE C 56 29.80 21.03 -15.07
C ILE C 56 30.66 20.05 -14.27
N ALA C 57 30.04 18.98 -13.77
CA ALA C 57 30.72 18.08 -12.84
C ALA C 57 31.78 17.22 -13.52
N GLY C 58 31.71 17.04 -14.83
CA GLY C 58 32.68 16.21 -15.51
C GLY C 58 32.38 14.73 -15.37
N THR C 59 33.43 13.92 -15.53
CA THR C 59 33.27 12.47 -15.47
C THR C 59 33.40 11.91 -14.07
N VAL C 60 33.75 12.71 -13.08
CA VAL C 60 33.98 12.20 -11.72
C VAL C 60 32.66 12.19 -10.97
N VAL C 61 32.33 11.04 -10.38
CA VAL C 61 31.15 10.94 -9.53
C VAL C 61 31.47 11.58 -8.18
N SER C 62 30.72 12.61 -7.83
CA SER C 62 31.01 13.37 -6.63
C SER C 62 29.76 14.10 -6.18
N THR C 63 29.63 14.26 -4.86
CA THR C 63 28.50 14.97 -4.26
C THR C 63 29.00 16.22 -3.55
N GLN C 64 28.11 17.20 -3.42
CA GLN C 64 28.40 18.49 -2.80
C GLN C 64 29.42 19.28 -3.58
N LEU C 65 30.61 18.71 -3.80
CA LEU C 65 31.69 19.37 -4.52
C LEU C 65 31.95 18.65 -5.84
N PHE C 66 32.18 19.43 -6.89
CA PHE C 66 32.50 18.87 -8.20
C PHE C 66 34.01 18.71 -8.31
N LEU C 67 34.46 17.48 -8.51
CA LEU C 67 35.88 17.18 -8.63
C LEU C 67 36.27 17.05 -10.09
N ASN C 68 37.34 17.74 -10.48
CA ASN C 68 37.95 17.61 -11.80
C ASN C 68 37.01 18.08 -12.91
N GLY C 69 35.93 18.76 -12.55
CA GLY C 69 34.96 19.22 -13.52
C GLY C 69 35.47 20.37 -14.34
N SER C 70 34.52 21.04 -14.99
CA SER C 70 34.81 22.16 -15.86
C SER C 70 34.77 23.45 -15.05
N LEU C 71 35.79 24.28 -15.23
CA LEU C 71 35.91 25.57 -14.56
C LEU C 71 35.39 26.69 -15.45
N ALA C 72 35.02 27.80 -14.82
CA ALA C 72 34.47 28.94 -15.54
C ALA C 72 35.59 29.76 -16.16
N GLU C 73 35.21 30.57 -17.14
CA GLU C 73 36.18 31.33 -17.94
C GLU C 73 36.84 32.44 -17.12
N GLU C 74 36.08 33.47 -16.75
CA GLU C 74 36.63 34.65 -16.10
C GLU C 74 36.49 34.60 -14.58
N GLU C 75 35.29 34.36 -14.06
CA GLU C 75 35.04 34.45 -12.64
C GLU C 75 34.03 33.39 -12.21
N VAL C 76 33.91 33.23 -10.89
CA VAL C 76 32.96 32.28 -10.32
C VAL C 76 31.55 32.65 -10.77
N VAL C 77 30.82 31.66 -11.28
CA VAL C 77 29.47 31.88 -11.81
C VAL C 77 28.50 30.95 -11.09
N ILE C 78 27.41 31.51 -10.59
CA ILE C 78 26.36 30.74 -9.93
C ILE C 78 25.15 30.67 -10.85
N ARG C 79 24.48 29.52 -10.84
CA ARG C 79 23.30 29.31 -11.67
C ARG C 79 22.26 28.51 -10.90
N SER C 80 21.00 28.67 -11.31
CA SER C 80 19.90 27.98 -10.66
C SER C 80 18.67 28.04 -11.58
N GLU C 81 17.88 26.97 -11.57
CA GLU C 81 16.65 26.95 -12.36
C GLU C 81 15.74 28.10 -11.97
N ASP C 82 15.60 28.35 -10.66
CA ASP C 82 14.85 29.48 -10.16
C ASP C 82 15.52 29.97 -8.89
N TRP C 83 15.95 31.23 -8.88
CA TRP C 83 16.64 31.77 -7.72
C TRP C 83 15.69 31.90 -6.53
N ARG C 84 14.42 32.18 -6.78
CA ARG C 84 13.44 32.40 -5.74
C ARG C 84 12.94 31.11 -5.09
N ASP C 85 13.45 29.95 -5.52
CA ASP C 85 12.98 28.66 -5.04
C ASP C 85 14.13 27.95 -4.33
N ASN C 86 13.88 27.49 -3.10
CA ASN C 86 14.92 26.82 -2.32
C ASN C 86 15.15 25.39 -2.81
N ALA C 87 14.09 24.71 -3.25
CA ALA C 87 14.24 23.36 -3.78
C ALA C 87 15.11 23.35 -5.03
N LYS C 88 15.15 24.45 -5.77
CA LYS C 88 16.06 24.58 -6.89
C LYS C 88 17.49 24.75 -6.36
N SER C 89 18.38 23.84 -6.75
CA SER C 89 19.74 23.88 -6.27
C SER C 89 20.51 25.05 -6.89
N ILE C 90 21.69 25.32 -6.33
CA ILE C 90 22.57 26.39 -6.77
C ILE C 90 23.85 25.74 -7.28
N CYS C 91 24.04 25.72 -8.60
CA CYS C 91 25.27 25.21 -9.19
C CYS C 91 26.28 26.35 -9.20
N VAL C 92 27.31 26.25 -8.36
CA VAL C 92 28.38 27.24 -8.29
C VAL C 92 29.58 26.67 -9.03
N GLN C 93 29.98 27.32 -10.12
CA GLN C 93 31.16 26.94 -10.87
C GLN C 93 32.29 27.89 -10.50
N LEU C 94 33.36 27.33 -9.94
CA LEU C 94 34.52 28.10 -9.57
C LEU C 94 35.25 28.57 -10.83
N ALA C 95 36.05 29.63 -10.66
CA ALA C 95 36.96 30.08 -11.71
C ALA C 95 38.36 29.52 -11.54
N THR C 96 38.85 29.46 -10.30
CA THR C 96 40.13 28.85 -9.98
C THR C 96 39.87 27.65 -9.09
N SER C 97 40.28 26.47 -9.54
CA SER C 97 40.05 25.26 -8.77
C SER C 97 40.79 25.34 -7.43
N VAL C 98 40.30 24.56 -6.47
CA VAL C 98 40.94 24.42 -5.17
C VAL C 98 41.42 22.97 -5.05
N GLU C 99 42.73 22.79 -4.92
CA GLU C 99 43.28 21.44 -4.86
C GLU C 99 42.95 20.83 -3.50
N ILE C 100 42.29 19.68 -3.53
CA ILE C 100 42.06 18.87 -2.33
C ILE C 100 42.99 17.67 -2.42
N ALA C 101 43.97 17.61 -1.51
CA ALA C 101 45.00 16.58 -1.54
C ALA C 101 44.70 15.54 -0.47
N CYS C 102 44.75 14.27 -0.86
CA CYS C 102 44.52 13.15 0.04
C CYS C 102 45.84 12.42 0.25
N THR C 103 46.15 12.13 1.51
CA THR C 103 47.41 11.53 1.89
C THR C 103 47.35 10.01 2.02
N GLY C 104 46.17 9.44 2.22
CA GLY C 104 46.03 8.04 2.54
C GLY C 104 45.84 7.76 4.02
N ALA C 105 45.79 8.80 4.86
CA ALA C 105 45.74 8.64 6.30
C ALA C 105 44.34 8.82 6.86
N GLY C 106 43.31 8.72 6.02
CA GLY C 106 41.94 8.84 6.49
C GLY C 106 41.36 10.23 6.47
N HIS C 107 42.04 11.18 5.84
CA HIS C 107 41.51 12.53 5.70
C HIS C 107 42.23 13.23 4.54
N CYS C 108 41.50 14.09 3.86
CA CYS C 108 42.06 14.92 2.80
C CYS C 108 42.17 16.35 3.30
N ALA C 109 42.97 17.15 2.60
CA ALA C 109 43.30 18.49 3.07
C ALA C 109 43.05 19.52 1.99
N ILE C 110 42.66 20.71 2.42
CA ILE C 110 42.40 21.84 1.53
C ILE C 110 43.05 23.08 2.14
N SER C 111 43.74 23.86 1.32
CA SER C 111 44.36 25.09 1.82
C SER C 111 43.28 26.04 2.33
N ARG C 112 43.36 26.40 3.62
CA ARG C 112 42.33 27.24 4.21
C ARG C 112 42.30 28.62 3.58
N ALA C 113 43.45 29.14 3.15
CA ALA C 113 43.48 30.44 2.48
C ALA C 113 42.78 30.38 1.13
N LYS C 114 43.10 29.35 0.33
CA LYS C 114 42.47 29.21 -0.98
C LYS C 114 40.97 28.91 -0.84
N TRP C 115 40.61 28.04 0.09
CA TRP C 115 39.19 27.75 0.29
C TRP C 115 38.44 28.97 0.80
N ALA C 116 39.08 29.78 1.64
CA ALA C 116 38.44 30.99 2.14
C ALA C 116 38.25 32.01 1.02
N ASN C 117 39.22 32.12 0.11
CA ASN C 117 39.05 33.01 -1.03
C ASN C 117 37.94 32.51 -1.95
N THR C 118 37.85 31.19 -2.14
CA THR C 118 36.77 30.63 -2.94
C THR C 118 35.41 30.89 -2.30
N LEU C 119 35.31 30.70 -0.99
CA LEU C 119 34.07 30.99 -0.28
C LEU C 119 33.71 32.46 -0.37
N LYS C 120 34.71 33.35 -0.29
CA LYS C 120 34.45 34.78 -0.43
C LYS C 120 33.91 35.11 -1.81
N GLN C 121 34.49 34.54 -2.86
CA GLN C 121 33.99 34.82 -4.21
C GLN C 121 32.57 34.28 -4.39
N ILE C 122 32.32 33.06 -3.90
CA ILE C 122 30.98 32.49 -3.96
C ILE C 122 30.00 33.38 -3.22
N ALA C 123 30.38 33.87 -2.04
CA ALA C 123 29.49 34.72 -1.26
C ALA C 123 29.25 36.05 -1.95
N SER C 124 30.26 36.57 -2.64
CA SER C 124 30.08 37.82 -3.39
C SER C 124 29.06 37.63 -4.51
N LYS C 125 29.20 36.54 -5.26
CA LYS C 125 28.25 36.29 -6.35
C LYS C 125 26.84 36.03 -5.81
N LEU C 126 26.74 35.26 -4.72
CA LEU C 126 25.44 35.01 -4.11
C LEU C 126 24.82 36.29 -3.55
N ARG C 127 25.65 37.21 -3.09
CA ARG C 127 25.15 38.48 -2.59
C ARG C 127 24.65 39.36 -3.74
N GLU C 128 25.39 39.39 -4.85
CA GLU C 128 24.91 40.07 -6.04
C GLU C 128 23.58 39.50 -6.51
N GLN C 129 23.42 38.18 -6.41
CA GLN C 129 22.19 37.54 -6.90
C GLN C 129 21.02 37.77 -5.95
N TYR C 130 21.12 37.27 -4.72
CA TYR C 130 20.06 37.36 -3.73
C TYR C 130 19.97 38.72 -3.06
N GLY C 131 20.86 39.65 -3.36
CA GLY C 131 20.64 41.04 -2.98
C GLY C 131 20.61 41.24 -1.48
N ALA C 132 21.48 40.56 -0.76
CA ALA C 132 21.58 40.65 0.68
C ALA C 132 22.91 41.28 1.07
N LYS C 133 23.44 40.90 2.22
CA LYS C 133 24.75 41.35 2.64
C LYS C 133 25.52 40.23 3.31
N THR C 134 24.92 39.61 4.32
CA THR C 134 25.57 38.56 5.09
C THR C 134 25.23 37.19 4.51
N ILE C 135 26.26 36.40 4.22
CA ILE C 135 26.13 35.06 3.68
C ILE C 135 26.71 34.09 4.68
N ILE C 136 25.91 33.11 5.10
CA ILE C 136 26.31 32.13 6.10
C ILE C 136 26.32 30.75 5.45
N PHE C 137 27.51 30.15 5.34
CA PHE C 137 27.64 28.77 4.90
C PHE C 137 27.56 27.86 6.12
N LYS C 138 26.52 27.03 6.17
CA LYS C 138 26.28 26.06 7.23
C LYS C 138 26.40 24.64 6.69
N PRO C 139 26.64 23.66 7.57
CA PRO C 139 26.83 22.28 7.09
C PRO C 139 25.59 21.65 6.46
N SER C 140 25.74 20.41 6.00
CA SER C 140 24.62 19.69 5.40
C SER C 140 23.60 19.28 6.45
N SER C 141 22.33 19.56 6.18
CA SER C 141 21.25 19.36 7.15
C SER C 141 20.72 17.93 7.16
N GLY C 142 21.58 16.92 7.08
CA GLY C 142 21.16 15.54 7.16
C GLY C 142 21.00 14.90 5.79
N GLY C 143 20.79 13.58 5.82
CA GLY C 143 20.60 12.77 4.63
C GLY C 143 21.41 11.50 4.70
N ASP C 144 21.40 10.76 3.59
CA ASP C 144 22.15 9.52 3.49
C ASP C 144 23.65 9.82 3.46
N PRO C 145 24.49 8.81 3.74
CA PRO C 145 25.94 9.05 3.79
C PRO C 145 26.52 9.63 2.51
N GLU C 146 25.90 9.39 1.35
CA GLU C 146 26.46 9.87 0.10
C GLU C 146 26.20 11.35 -0.17
N PHE C 147 25.17 11.93 0.45
CA PHE C 147 24.83 13.32 0.21
C PHE C 147 24.92 14.21 1.44
N VAL C 148 24.98 13.65 2.64
CA VAL C 148 25.31 14.46 3.80
C VAL C 148 26.82 14.63 3.94
N ASN C 149 27.59 13.73 3.34
CA ASN C 149 29.03 13.85 3.23
C ASN C 149 29.40 14.17 1.78
N HIS C 150 30.59 14.72 1.61
CA HIS C 150 31.18 14.85 0.29
C HIS C 150 31.70 13.48 -0.13
N SER C 151 31.01 12.84 -1.07
CA SER C 151 31.36 11.51 -1.52
C SER C 151 31.90 11.57 -2.94
N PHE C 152 32.76 10.61 -3.27
CA PHE C 152 33.33 10.56 -4.61
C PHE C 152 33.85 9.15 -4.89
N ASN C 153 33.71 8.71 -6.13
CA ASN C 153 34.23 7.43 -6.57
C ASN C 153 35.60 7.64 -7.22
N CYS C 154 36.61 6.96 -6.67
CA CYS C 154 37.97 7.02 -7.18
C CYS C 154 38.54 5.61 -7.15
N GLY C 155 39.20 5.22 -8.24
CA GLY C 155 39.76 3.88 -8.33
C GLY C 155 38.76 2.76 -8.13
N GLY C 156 37.50 3.00 -8.49
CA GLY C 156 36.47 2.00 -8.29
C GLY C 156 35.99 1.86 -6.86
N GLU C 157 36.39 2.75 -5.96
CA GLU C 157 35.95 2.72 -4.58
C GLU C 157 35.27 4.03 -4.23
N PHE C 158 34.19 3.94 -3.46
CA PHE C 158 33.43 5.12 -3.05
C PHE C 158 33.93 5.60 -1.69
N PHE C 159 34.41 6.84 -1.65
CA PHE C 159 34.92 7.45 -0.42
C PHE C 159 33.99 8.56 0.06
N TYR C 160 33.89 8.68 1.37
CA TYR C 160 33.01 9.63 2.04
C TYR C 160 33.84 10.51 2.97
N CYS C 161 33.71 11.83 2.82
CA CYS C 161 34.46 12.79 3.60
C CYS C 161 33.51 13.78 4.24
N ALA C 162 33.63 13.98 5.55
CA ALA C 162 32.83 14.98 6.24
C ALA C 162 33.26 16.36 5.77
N SER C 163 32.36 17.06 5.07
CA SER C 163 32.64 18.38 4.53
C SER C 163 32.10 19.50 5.43
N THR C 164 31.93 19.22 6.73
CA THR C 164 31.31 20.19 7.62
C THR C 164 32.19 21.41 7.84
N GLN C 165 33.52 21.23 7.84
CA GLN C 165 34.43 22.34 8.08
C GLN C 165 34.61 23.24 6.87
N LEU C 166 34.10 22.85 5.70
CA LEU C 166 34.14 23.73 4.54
C LEU C 166 32.96 24.70 4.52
N PHE C 167 31.83 24.30 5.08
CA PHE C 167 30.59 25.08 5.05
C PHE C 167 30.24 25.48 6.48
N ALA C 168 30.95 26.48 6.99
CA ALA C 168 30.71 27.01 8.32
C ALA C 168 31.39 28.36 8.46
N SER C 169 30.88 29.38 7.80
CA SER C 169 31.54 30.68 7.81
C SER C 169 30.54 31.78 7.48
N THR C 170 30.87 33.00 7.90
CA THR C 170 30.05 34.18 7.68
C THR C 170 30.83 35.18 6.84
N TRP C 171 30.15 35.79 5.87
CA TRP C 171 30.79 36.69 4.91
C TRP C 171 29.94 37.93 4.76
N PHE C 172 30.53 39.09 5.06
CA PHE C 172 29.83 40.35 5.13
C PHE C 172 30.07 41.16 3.86
N ALA C 173 29.45 42.33 3.79
CA ALA C 173 29.61 43.21 2.63
C ALA C 173 30.42 44.45 2.99
N THR D 2 -6.19 39.81 -15.04
CA THR D 2 -7.61 39.52 -15.05
C THR D 2 -8.31 40.16 -13.86
N VAL D 3 -9.21 41.10 -14.13
CA VAL D 3 -9.87 41.90 -13.10
C VAL D 3 -11.36 41.64 -13.16
N VAL D 4 -11.95 41.32 -12.01
CA VAL D 4 -13.39 41.14 -11.87
C VAL D 4 -13.93 42.33 -11.11
N THR D 5 -14.78 43.13 -11.75
CA THR D 5 -15.17 44.44 -11.25
C THR D 5 -16.61 44.41 -10.75
N GLN D 6 -16.84 44.94 -9.55
CA GLN D 6 -18.17 45.12 -8.99
C GLN D 6 -18.37 46.56 -8.57
N GLU D 7 -19.62 46.91 -8.29
CA GLU D 7 -19.93 48.18 -7.66
C GLU D 7 -19.35 48.19 -6.25
N PRO D 8 -18.71 49.29 -5.82
CA PRO D 8 -18.18 49.32 -4.45
C PRO D 8 -19.28 49.29 -3.40
N SER D 9 -20.36 50.05 -3.59
CA SER D 9 -21.46 50.05 -2.64
C SER D 9 -22.77 50.33 -3.37
N LEU D 10 -23.86 49.80 -2.82
CA LEU D 10 -25.20 50.05 -3.31
C LEU D 10 -26.15 50.18 -2.13
N THR D 11 -27.21 50.95 -2.32
CA THR D 11 -28.16 51.28 -1.25
C THR D 11 -29.58 51.03 -1.72
N VAL D 12 -30.40 50.43 -0.85
CA VAL D 12 -31.78 50.08 -1.19
C VAL D 12 -32.65 50.16 0.06
N SER D 13 -33.90 50.57 -0.13
CA SER D 13 -34.87 50.56 0.94
C SER D 13 -35.41 49.14 1.13
N PRO D 14 -35.92 48.83 2.32
CA PRO D 14 -36.56 47.52 2.51
C PRO D 14 -37.72 47.33 1.55
N GLY D 15 -37.94 46.07 1.16
CA GLY D 15 -38.95 45.73 0.19
C GLY D 15 -38.61 46.10 -1.25
N GLY D 16 -37.52 46.82 -1.48
CA GLY D 16 -37.14 47.23 -2.80
C GLY D 16 -36.39 46.14 -3.55
N THR D 17 -35.80 46.54 -4.67
CA THR D 17 -35.07 45.62 -5.54
C THR D 17 -33.71 46.23 -5.89
N VAL D 18 -32.66 45.42 -5.76
CA VAL D 18 -31.30 45.83 -6.09
C VAL D 18 -30.72 44.84 -7.09
N THR D 19 -29.90 45.34 -8.00
CA THR D 19 -29.20 44.52 -8.97
C THR D 19 -27.72 44.79 -8.88
N LEU D 20 -26.96 43.76 -8.48
CA LEU D 20 -25.51 43.85 -8.45
C LEU D 20 -24.96 43.31 -9.75
N THR D 21 -23.97 44.01 -10.30
CA THR D 21 -23.38 43.66 -11.58
C THR D 21 -21.95 43.22 -11.37
N CYS D 22 -21.50 42.27 -12.19
CA CYS D 22 -20.16 41.71 -12.09
C CYS D 22 -19.59 41.61 -13.49
N ALA D 23 -18.57 42.41 -13.78
CA ALA D 23 -17.98 42.49 -15.11
C ALA D 23 -16.58 41.89 -15.12
N SER D 24 -16.23 41.27 -16.25
CA SER D 24 -14.91 40.70 -16.46
C SER D 24 -14.12 41.55 -17.45
N SER D 25 -12.85 41.81 -17.13
CA SER D 25 -12.00 42.52 -18.07
C SER D 25 -11.71 41.68 -19.30
N THR D 26 -11.73 40.36 -19.17
CA THR D 26 -11.50 39.44 -20.29
C THR D 26 -12.84 39.11 -20.92
N GLY D 27 -13.31 40.01 -21.78
CA GLY D 27 -14.51 39.77 -22.54
C GLY D 27 -15.78 39.86 -21.71
N ALA D 28 -16.82 39.16 -22.17
CA ALA D 28 -18.13 39.16 -21.55
C ALA D 28 -18.33 37.90 -20.72
N VAL D 29 -19.08 38.04 -19.64
CA VAL D 29 -19.34 36.93 -18.74
C VAL D 29 -20.40 36.03 -19.36
N THR D 30 -20.05 34.78 -19.63
CA THR D 30 -20.94 33.80 -20.21
C THR D 30 -21.27 32.74 -19.17
N SER D 31 -22.12 31.79 -19.56
CA SER D 31 -22.45 30.69 -18.66
C SER D 31 -21.23 29.84 -18.33
N GLY D 32 -20.20 29.88 -19.18
CA GLY D 32 -18.96 29.15 -18.94
C GLY D 32 -18.05 29.77 -17.91
N PHE D 33 -18.28 31.02 -17.55
CA PHE D 33 -17.57 31.66 -16.44
C PHE D 33 -18.04 31.16 -15.08
N TYR D 34 -19.04 30.28 -15.06
CA TYR D 34 -19.69 29.70 -13.88
C TYR D 34 -19.74 30.67 -12.70
N PRO D 35 -20.44 31.80 -12.84
CA PRO D 35 -20.44 32.80 -11.78
C PRO D 35 -21.07 32.28 -10.49
N SER D 36 -20.50 32.73 -9.37
CA SER D 36 -21.07 32.53 -8.06
C SER D 36 -21.22 33.88 -7.36
N TRP D 37 -22.19 33.95 -6.45
CA TRP D 37 -22.43 35.13 -5.62
C TRP D 37 -22.43 34.71 -4.17
N PHE D 38 -21.54 35.30 -3.37
CA PHE D 38 -21.42 35.00 -1.95
C PHE D 38 -21.95 36.16 -1.13
N GLN D 39 -22.57 35.86 -0.01
CA GLN D 39 -23.10 36.85 0.92
C GLN D 39 -22.33 36.74 2.22
N GLN D 40 -21.67 37.83 2.62
CA GLN D 40 -20.87 37.86 3.84
C GLN D 40 -21.40 38.97 4.75
N LYS D 41 -22.13 38.58 5.80
CA LYS D 41 -22.49 39.52 6.83
C LYS D 41 -21.26 39.83 7.69
N PRO D 42 -21.24 40.99 8.34
CA PRO D 42 -20.04 41.40 9.08
C PRO D 42 -19.54 40.32 10.04
N GLY D 43 -18.26 39.97 9.90
CA GLY D 43 -17.64 38.96 10.74
C GLY D 43 -18.07 37.54 10.48
N GLN D 44 -18.89 37.29 9.47
CA GLN D 44 -19.40 35.96 9.16
C GLN D 44 -18.58 35.29 8.05
N THR D 45 -18.69 33.98 7.99
CA THR D 45 -18.06 33.23 6.91
C THR D 45 -18.84 33.46 5.61
N PRO D 46 -18.15 33.70 4.50
CA PRO D 46 -18.86 33.86 3.23
C PRO D 46 -19.73 32.64 2.94
N ARG D 47 -20.91 32.90 2.39
CA ARG D 47 -21.96 31.89 2.26
C ARG D 47 -22.51 31.95 0.85
N THR D 48 -22.44 30.83 0.13
CA THR D 48 -22.82 30.80 -1.28
C THR D 48 -24.32 30.97 -1.44
N LEU D 49 -24.73 31.98 -2.19
CA LEU D 49 -26.13 32.18 -2.54
C LEU D 49 -26.47 31.69 -3.95
N ILE D 50 -25.62 31.99 -4.93
CA ILE D 50 -25.85 31.62 -6.32
C ILE D 50 -24.58 30.99 -6.86
N TYR D 51 -24.73 29.94 -7.66
CA TYR D 51 -23.61 29.35 -8.38
C TYR D 51 -24.06 28.99 -9.79
N SER D 52 -23.09 28.88 -10.70
CA SER D 52 -23.33 28.65 -12.12
C SER D 52 -24.45 29.57 -12.64
N THR D 53 -24.10 30.85 -12.73
CA THR D 53 -24.98 31.90 -13.23
C THR D 53 -26.23 32.10 -12.36
N ASN D 54 -27.05 31.06 -12.19
CA ASN D 54 -28.35 31.25 -11.54
C ASN D 54 -28.79 30.12 -10.62
N ASN D 55 -28.01 29.06 -10.45
CA ASN D 55 -28.41 27.99 -9.55
C ASN D 55 -28.36 28.45 -8.10
N LYS D 56 -29.29 27.94 -7.29
CA LYS D 56 -29.38 28.26 -5.89
C LYS D 56 -29.16 27.02 -5.05
N HIS D 57 -28.66 27.21 -3.84
CA HIS D 57 -28.62 26.14 -2.86
C HIS D 57 -29.95 26.05 -2.13
N SER D 58 -30.08 25.03 -1.27
CA SER D 58 -31.30 24.91 -0.47
C SER D 58 -31.41 26.04 0.56
N TRP D 59 -30.28 26.59 0.99
CA TRP D 59 -30.26 27.68 1.96
C TRP D 59 -30.34 29.06 1.30
N THR D 60 -30.43 29.12 -0.02
CA THR D 60 -30.54 30.40 -0.70
C THR D 60 -31.94 30.95 -0.50
N PRO D 61 -32.07 32.20 -0.05
CA PRO D 61 -33.41 32.81 0.04
C PRO D 61 -34.05 32.94 -1.33
N ALA D 62 -35.38 32.87 -1.35
CA ALA D 62 -36.11 32.90 -2.63
C ALA D 62 -35.93 34.23 -3.34
N ARG D 63 -35.69 35.31 -2.59
CA ARG D 63 -35.61 36.65 -3.17
C ARG D 63 -34.34 36.88 -3.98
N PHE D 64 -33.34 36.01 -3.89
CA PHE D 64 -32.12 36.14 -4.67
C PHE D 64 -32.21 35.36 -5.98
N SER D 65 -31.69 35.95 -7.05
CA SER D 65 -31.74 35.32 -8.36
C SER D 65 -30.52 35.74 -9.19
N GLY D 66 -29.81 34.76 -9.74
CA GLY D 66 -28.71 35.06 -10.65
C GLY D 66 -29.17 35.14 -12.10
N SER D 67 -28.41 35.87 -12.90
CA SER D 67 -28.75 36.06 -14.31
C SER D 67 -27.53 36.62 -15.03
N LEU D 68 -27.71 36.91 -16.33
CA LEU D 68 -26.64 37.41 -17.19
C LEU D 68 -27.25 38.45 -18.12
N LEU D 69 -26.82 39.71 -18.00
CA LEU D 69 -27.25 40.75 -18.92
C LEU D 69 -26.03 41.55 -19.38
N GLY D 70 -25.96 41.81 -20.67
CA GLY D 70 -24.90 42.65 -21.23
C GLY D 70 -23.50 42.17 -20.91
N GLY D 71 -23.27 40.86 -20.97
CA GLY D 71 -21.96 40.33 -20.68
C GLY D 71 -21.52 40.46 -19.23
N LYS D 72 -22.43 40.79 -18.33
CA LYS D 72 -22.13 40.85 -16.90
C LYS D 72 -22.99 39.84 -16.16
N ALA D 73 -22.42 39.27 -15.10
CA ALA D 73 -23.21 38.51 -14.16
C ALA D 73 -24.02 39.45 -13.28
N ALA D 74 -25.24 39.03 -12.91
CA ALA D 74 -26.16 39.90 -12.20
C ALA D 74 -26.86 39.12 -11.11
N LEU D 75 -26.74 39.59 -9.87
CA LEU D 75 -27.51 39.09 -8.74
C LEU D 75 -28.61 40.09 -8.43
N THR D 76 -29.86 39.66 -8.55
CA THR D 76 -31.01 40.52 -8.32
C THR D 76 -31.68 40.12 -7.01
N LEU D 77 -31.77 41.08 -6.10
CA LEU D 77 -32.42 40.90 -4.81
C LEU D 77 -33.73 41.68 -4.84
N SER D 78 -34.84 40.96 -4.98
CA SER D 78 -36.16 41.57 -5.12
C SER D 78 -36.96 41.30 -3.86
N GLY D 79 -37.37 42.37 -3.19
CA GLY D 79 -37.99 42.26 -1.89
C GLY D 79 -36.96 42.22 -0.78
N VAL D 80 -36.14 43.28 -0.70
CA VAL D 80 -35.04 43.31 0.24
C VAL D 80 -35.56 43.28 1.67
N GLN D 81 -34.89 42.52 2.52
CA GLN D 81 -35.16 42.49 3.93
C GLN D 81 -34.00 43.13 4.70
N PRO D 82 -34.24 43.65 5.90
CA PRO D 82 -33.17 44.36 6.62
C PRO D 82 -31.95 43.51 6.89
N GLU D 83 -32.11 42.20 7.04
CA GLU D 83 -30.97 41.32 7.27
C GLU D 83 -30.19 41.02 5.99
N ASP D 84 -30.63 41.51 4.84
CA ASP D 84 -29.86 41.38 3.61
C ASP D 84 -28.69 42.34 3.52
N GLU D 85 -28.52 43.23 4.49
CA GLU D 85 -27.38 44.14 4.49
C GLU D 85 -26.11 43.37 4.79
N ALA D 86 -25.22 43.29 3.80
CA ALA D 86 -23.98 42.52 3.90
C ALA D 86 -23.11 42.86 2.70
N ASP D 87 -22.00 42.14 2.55
CA ASP D 87 -21.13 42.29 1.40
C ASP D 87 -21.33 41.11 0.47
N TYR D 88 -21.53 41.41 -0.81
CA TYR D 88 -21.80 40.39 -1.82
C TYR D 88 -20.63 40.34 -2.80
N TYR D 89 -19.89 39.25 -2.75
CA TYR D 89 -18.73 39.05 -3.61
C TYR D 89 -19.12 38.17 -4.80
N CYS D 90 -18.62 38.54 -5.97
CA CYS D 90 -18.82 37.80 -7.20
C CYS D 90 -17.58 37.00 -7.54
N LEU D 91 -17.77 35.75 -7.93
CA LEU D 91 -16.68 34.83 -8.23
C LEU D 91 -16.80 34.35 -9.66
N LEU D 92 -15.75 34.57 -10.46
CA LEU D 92 -15.74 34.16 -11.86
C LEU D 92 -14.71 33.07 -12.08
N TYR D 93 -14.95 32.26 -13.10
CA TYR D 93 -14.13 31.09 -13.42
C TYR D 93 -13.41 31.32 -14.74
N TYR D 94 -12.09 31.19 -14.73
CA TYR D 94 -11.25 31.40 -15.90
C TYR D 94 -10.41 30.14 -16.15
N GLY D 95 -11.06 29.09 -16.64
CA GLY D 95 -10.39 27.84 -16.95
C GLY D 95 -9.51 27.31 -15.83
N GLY D 96 -10.12 26.98 -14.70
CA GLY D 96 -9.41 26.47 -13.55
C GLY D 96 -8.95 27.54 -12.57
N VAL D 97 -9.01 28.81 -12.94
CA VAL D 97 -8.56 29.91 -12.10
C VAL D 97 -9.80 30.65 -11.61
N TRP D 98 -10.11 30.50 -10.33
CA TRP D 98 -11.14 31.32 -9.71
C TRP D 98 -10.60 32.71 -9.41
N VAL D 99 -11.42 33.72 -9.66
CA VAL D 99 -11.05 35.12 -9.40
C VAL D 99 -12.24 35.82 -8.78
N PHE D 100 -12.05 36.35 -7.58
CA PHE D 100 -13.12 37.02 -6.85
C PHE D 100 -13.26 38.47 -7.31
N GLY D 101 -14.45 39.03 -7.07
CA GLY D 101 -14.67 40.42 -7.33
C GLY D 101 -14.33 41.30 -6.13
N GLY D 102 -14.38 42.62 -6.36
CA GLY D 102 -14.06 43.54 -5.30
C GLY D 102 -15.04 43.53 -4.15
N GLY D 103 -16.25 43.04 -4.38
CA GLY D 103 -17.29 43.09 -3.37
C GLY D 103 -18.16 44.32 -3.51
N THR D 104 -19.38 44.21 -2.98
CA THR D 104 -20.33 45.31 -2.95
C THR D 104 -20.89 45.41 -1.54
N ARG D 105 -20.75 46.58 -0.91
CA ARG D 105 -21.42 46.82 0.36
C ARG D 105 -22.87 47.21 0.08
N LEU D 106 -23.81 46.36 0.48
CA LEU D 106 -25.22 46.64 0.29
C LEU D 106 -25.77 47.12 1.62
N THR D 107 -26.23 48.37 1.64
CA THR D 107 -26.79 48.98 2.85
C THR D 107 -28.29 49.07 2.68
N VAL D 108 -29.02 48.37 3.54
CA VAL D 108 -30.47 48.44 3.56
C VAL D 108 -30.87 49.66 4.39
N LEU D 109 -31.35 50.70 3.72
CA LEU D 109 -31.71 51.94 4.41
C LEU D 109 -33.01 51.80 5.17
N GLY D 110 -33.68 52.92 5.41
CA GLY D 110 -34.93 52.91 6.15
C GLY D 110 -34.76 52.45 7.58
N GLN D 111 -33.59 52.72 8.18
CA GLN D 111 -33.35 52.32 9.56
C GLN D 111 -33.81 53.43 10.48
N PRO D 112 -34.75 53.17 11.38
CA PRO D 112 -35.21 54.23 12.28
C PRO D 112 -34.13 54.62 13.27
N LYS D 113 -33.98 55.93 13.48
CA LYS D 113 -33.02 56.42 14.46
C LYS D 113 -33.37 55.88 15.84
N ALA D 114 -32.36 55.38 16.54
CA ALA D 114 -32.54 54.73 17.83
C ALA D 114 -31.49 55.22 18.82
N ALA D 115 -31.91 55.43 20.05
CA ALA D 115 -31.05 55.91 21.11
C ALA D 115 -30.21 54.77 21.68
N PRO D 116 -28.98 55.08 22.10
CA PRO D 116 -28.07 54.01 22.55
C PRO D 116 -28.43 53.48 23.93
N SER D 117 -28.26 52.17 24.10
CA SER D 117 -28.42 51.52 25.40
C SER D 117 -27.04 51.36 26.03
N VAL D 118 -26.86 51.92 27.22
CA VAL D 118 -25.56 51.97 27.88
C VAL D 118 -25.60 51.13 29.14
N THR D 119 -24.46 50.50 29.44
CA THR D 119 -24.27 49.75 30.69
C THR D 119 -22.83 49.92 31.12
N LEU D 120 -22.63 50.40 32.35
CA LEU D 120 -21.30 50.70 32.88
C LEU D 120 -20.99 49.73 34.02
N PHE D 121 -19.90 48.97 33.87
CA PHE D 121 -19.46 48.02 34.88
C PHE D 121 -18.23 48.55 35.60
N PRO D 122 -18.19 48.48 36.93
CA PRO D 122 -17.00 48.91 37.66
C PRO D 122 -15.94 47.82 37.65
N PRO D 123 -14.70 48.15 38.01
CA PRO D 123 -13.65 47.12 38.06
C PRO D 123 -14.00 46.03 39.08
N SER D 124 -13.74 44.79 38.70
CA SER D 124 -14.05 43.66 39.56
C SER D 124 -13.06 43.57 40.71
N SER D 125 -13.44 42.78 41.73
CA SER D 125 -12.56 42.59 42.88
C SER D 125 -11.24 41.96 42.47
N GLU D 126 -11.27 40.99 41.55
CA GLU D 126 -10.06 40.28 41.16
C GLU D 126 -9.10 41.20 40.42
N GLU D 127 -9.62 42.08 39.57
CA GLU D 127 -8.76 43.03 38.87
C GLU D 127 -8.12 44.01 39.85
N LEU D 128 -8.91 44.52 40.80
CA LEU D 128 -8.35 45.42 41.81
C LEU D 128 -7.25 44.74 42.60
N GLN D 129 -7.44 43.46 42.93
CA GLN D 129 -6.42 42.70 43.65
C GLN D 129 -5.20 42.41 42.78
N ALA D 130 -5.34 42.46 41.46
CA ALA D 130 -4.22 42.32 40.54
C ALA D 130 -3.54 43.64 40.22
N ASN D 131 -3.74 44.66 41.06
CA ASN D 131 -3.12 45.98 40.90
C ASN D 131 -3.46 46.60 39.54
N LYS D 132 -4.71 46.41 39.12
CA LYS D 132 -5.23 47.05 37.92
C LYS D 132 -6.69 47.40 38.13
N ALA D 133 -7.17 48.37 37.35
CA ALA D 133 -8.57 48.76 37.40
C ALA D 133 -9.03 49.17 36.01
N THR D 134 -10.25 48.79 35.66
CA THR D 134 -10.80 49.12 34.34
C THR D 134 -12.31 49.25 34.44
N LEU D 135 -12.82 50.42 34.06
CA LEU D 135 -14.27 50.64 33.93
C LEU D 135 -14.70 50.31 32.51
N VAL D 136 -15.80 49.57 32.38
CA VAL D 136 -16.26 49.05 31.10
C VAL D 136 -17.62 49.67 30.81
N CYS D 137 -17.68 50.51 29.78
CA CYS D 137 -18.90 51.20 29.37
C CYS D 137 -19.32 50.65 28.00
N LEU D 138 -20.40 49.88 27.98
CA LEU D 138 -20.85 49.18 26.79
C LEU D 138 -22.07 49.87 26.20
N ILE D 139 -22.05 50.09 24.89
CA ILE D 139 -23.09 50.84 24.17
C ILE D 139 -23.62 49.95 23.06
N SER D 140 -24.94 49.86 22.93
CA SER D 140 -25.53 48.97 21.95
C SER D 140 -26.82 49.56 21.41
N ASP D 141 -27.24 49.05 20.25
CA ASP D 141 -28.58 49.26 19.71
C ASP D 141 -28.84 50.74 19.39
N PHE D 142 -27.87 51.38 18.74
CA PHE D 142 -28.04 52.77 18.32
C PHE D 142 -27.82 52.91 16.83
N TYR D 143 -28.53 53.87 16.24
CA TYR D 143 -28.44 54.21 14.83
C TYR D 143 -28.78 55.70 14.68
N PRO D 144 -28.02 56.45 13.87
CA PRO D 144 -26.82 56.09 13.09
C PRO D 144 -25.62 55.71 13.95
N GLY D 145 -24.63 55.03 13.36
CA GLY D 145 -23.49 54.56 14.11
C GLY D 145 -22.39 55.59 14.31
N ALA D 146 -22.71 56.70 14.96
CA ALA D 146 -21.73 57.73 15.29
C ALA D 146 -22.02 58.20 16.70
N VAL D 147 -21.18 57.79 17.66
CA VAL D 147 -21.30 58.20 19.04
C VAL D 147 -19.98 58.79 19.51
N THR D 148 -20.05 59.51 20.63
CA THR D 148 -18.89 60.01 21.33
C THR D 148 -19.03 59.69 22.81
N VAL D 149 -17.93 59.30 23.45
CA VAL D 149 -17.93 58.86 24.84
C VAL D 149 -17.05 59.80 25.64
N ALA D 150 -17.60 60.37 26.71
CA ALA D 150 -16.87 61.21 27.64
C ALA D 150 -16.93 60.61 29.03
N TRP D 151 -15.81 60.68 29.75
CA TRP D 151 -15.69 60.12 31.09
C TRP D 151 -15.60 61.25 32.12
N LYS D 152 -16.13 60.98 33.31
CA LYS D 152 -16.19 61.96 34.39
C LYS D 152 -15.69 61.34 35.68
N ALA D 153 -14.70 61.97 36.30
CA ALA D 153 -14.30 61.65 37.67
C ALA D 153 -15.04 62.60 38.59
N ASP D 154 -15.85 62.04 39.49
CA ASP D 154 -16.83 62.80 40.26
C ASP D 154 -17.79 63.47 39.29
N SER D 155 -17.49 64.70 38.89
CA SER D 155 -18.26 65.38 37.85
C SER D 155 -17.37 66.12 36.86
N SER D 156 -16.02 65.97 36.97
CA SER D 156 -15.01 66.62 36.14
C SER D 156 -14.48 65.65 35.09
N PRO D 157 -14.12 66.18 33.91
CA PRO D 157 -13.75 65.30 32.80
C PRO D 157 -12.51 64.46 33.09
N VAL D 158 -12.47 63.29 32.46
CA VAL D 158 -11.32 62.40 32.47
C VAL D 158 -10.85 62.26 31.03
N LYS D 159 -9.55 62.35 30.81
CA LYS D 159 -9.01 62.32 29.45
C LYS D 159 -7.94 61.28 29.20
N ALA D 160 -7.22 60.81 30.22
CA ALA D 160 -6.17 59.82 30.05
C ALA D 160 -6.68 58.42 30.37
N GLY D 161 -6.28 57.45 29.56
CA GLY D 161 -6.62 56.06 29.80
C GLY D 161 -7.91 55.57 29.19
N VAL D 162 -8.46 56.29 28.20
CA VAL D 162 -9.73 55.93 27.58
C VAL D 162 -9.46 55.24 26.25
N GLU D 163 -10.12 54.12 26.01
CA GLU D 163 -9.97 53.36 24.76
C GLU D 163 -11.36 52.97 24.29
N THR D 164 -11.79 53.51 23.16
CA THR D 164 -13.13 53.29 22.62
C THR D 164 -13.06 52.65 21.24
N THR D 165 -14.00 51.74 20.97
CA THR D 165 -14.12 51.14 19.66
C THR D 165 -14.73 52.12 18.66
N THR D 166 -14.58 51.77 17.39
CA THR D 166 -15.43 52.40 16.37
C THR D 166 -16.70 51.58 16.22
N PRO D 167 -17.86 52.22 16.07
CA PRO D 167 -19.12 51.49 16.15
C PRO D 167 -19.18 50.34 15.16
N SER D 168 -19.81 49.24 15.59
CA SER D 168 -19.85 48.01 14.83
C SER D 168 -21.26 47.48 14.77
N LYS D 169 -21.72 47.15 13.56
CA LYS D 169 -23.06 46.64 13.36
C LYS D 169 -23.27 45.33 14.13
N GLN D 170 -24.39 45.25 14.83
CA GLN D 170 -24.80 44.01 15.50
C GLN D 170 -25.53 43.13 14.49
N SER D 171 -26.11 42.03 14.96
CA SER D 171 -26.90 41.17 14.11
C SER D 171 -28.28 41.75 13.79
N ASN D 172 -28.63 42.91 14.35
CA ASN D 172 -29.90 43.57 14.08
C ASN D 172 -29.71 44.90 13.34
N ASN D 173 -28.62 44.99 12.56
CA ASN D 173 -28.30 46.15 11.72
C ASN D 173 -27.92 47.40 12.52
N LYS D 174 -28.31 47.49 13.79
CA LYS D 174 -27.91 48.64 14.57
C LYS D 174 -26.48 48.47 15.08
N TYR D 175 -25.91 49.56 15.58
CA TYR D 175 -24.49 49.62 15.91
C TYR D 175 -24.26 49.39 17.40
N ALA D 176 -23.00 49.09 17.74
CA ALA D 176 -22.60 48.88 19.11
C ALA D 176 -21.13 49.27 19.26
N ALA D 177 -20.80 49.82 20.43
CA ALA D 177 -19.44 50.24 20.72
C ALA D 177 -19.12 49.98 22.19
N SER D 178 -17.84 50.08 22.53
CA SER D 178 -17.37 49.86 23.88
C SER D 178 -16.25 50.85 24.21
N SER D 179 -16.26 51.34 25.45
CA SER D 179 -15.25 52.28 25.92
C SER D 179 -14.70 51.81 27.25
N TYR D 180 -13.37 51.81 27.38
CA TYR D 180 -12.69 51.32 28.58
C TYR D 180 -11.87 52.44 29.20
N LEU D 181 -11.97 52.59 30.52
CA LEU D 181 -11.19 53.57 31.28
C LEU D 181 -10.26 52.80 32.21
N SER D 182 -8.95 52.90 31.98
CA SER D 182 -7.95 52.19 32.75
C SER D 182 -7.48 53.06 33.91
N LEU D 183 -7.53 52.50 35.13
CA LEU D 183 -7.17 53.21 36.34
C LEU D 183 -6.27 52.35 37.21
N THR D 184 -5.60 53.00 38.16
CA THR D 184 -5.02 52.24 39.28
C THR D 184 -6.07 52.09 40.38
N PRO D 185 -6.12 50.94 41.06
CA PRO D 185 -7.14 50.78 42.12
C PRO D 185 -7.10 51.86 43.18
N GLU D 186 -5.94 52.47 43.39
CA GLU D 186 -5.82 53.56 44.36
C GLU D 186 -6.61 54.79 43.92
N GLN D 187 -6.34 55.29 42.70
CA GLN D 187 -7.10 56.45 42.21
C GLN D 187 -8.53 56.09 41.83
N TRP D 188 -8.84 54.79 41.72
CA TRP D 188 -10.23 54.36 41.61
C TRP D 188 -10.95 54.62 42.92
N LYS D 189 -10.33 54.25 44.04
CA LYS D 189 -10.90 54.51 45.36
C LYS D 189 -10.80 55.98 45.75
N SER D 190 -9.94 56.76 45.08
CA SER D 190 -9.69 58.15 45.42
C SER D 190 -10.77 59.11 44.95
N HIS D 191 -11.79 58.64 44.23
CA HIS D 191 -12.86 59.49 43.75
C HIS D 191 -14.21 58.90 44.15
N ARG D 192 -15.21 59.77 44.23
CA ARG D 192 -16.50 59.35 44.78
C ARG D 192 -17.35 58.63 43.74
N SER D 193 -17.24 59.00 42.47
CA SER D 193 -18.01 58.34 41.43
C SER D 193 -17.34 58.56 40.09
N TYR D 194 -17.54 57.61 39.18
CA TYR D 194 -17.10 57.71 37.80
C TYR D 194 -18.31 57.57 36.88
N SER D 195 -18.37 58.43 35.87
CA SER D 195 -19.53 58.51 34.99
C SER D 195 -19.11 58.34 33.54
N CYS D 196 -19.96 57.64 32.78
CA CYS D 196 -19.77 57.44 31.35
C CYS D 196 -20.90 58.16 30.62
N GLN D 197 -20.54 59.07 29.72
CA GLN D 197 -21.51 59.89 28.99
C GLN D 197 -21.39 59.57 27.51
N VAL D 198 -22.45 58.98 26.94
CA VAL D 198 -22.49 58.60 25.54
C VAL D 198 -23.38 59.60 24.82
N THR D 199 -22.79 60.39 23.93
CA THR D 199 -23.53 61.40 23.16
C THR D 199 -23.82 60.83 21.79
N HIS D 200 -25.10 60.77 21.43
CA HIS D 200 -25.53 60.20 20.16
C HIS D 200 -26.61 61.07 19.55
N GLU D 201 -26.31 61.65 18.39
CA GLU D 201 -27.25 62.48 17.64
C GLU D 201 -27.77 63.63 18.51
N GLY D 202 -26.88 64.22 19.31
CA GLY D 202 -27.23 65.32 20.17
C GLY D 202 -27.83 64.95 21.50
N SER D 203 -28.23 63.69 21.69
CA SER D 203 -28.80 63.23 22.95
C SER D 203 -27.71 62.50 23.74
N THR D 204 -27.68 62.76 25.06
CA THR D 204 -26.68 62.17 25.94
C THR D 204 -27.36 61.21 26.92
N VAL D 205 -26.80 60.01 27.03
CA VAL D 205 -27.18 59.05 28.05
C VAL D 205 -25.98 58.86 28.98
N GLU D 206 -26.21 58.97 30.28
CA GLU D 206 -25.16 58.90 31.27
C GLU D 206 -25.43 57.76 32.25
N LYS D 207 -24.36 57.03 32.57
CA LYS D 207 -24.39 56.03 33.62
C LYS D 207 -23.25 56.30 34.59
N THR D 208 -23.44 55.92 35.85
CA THR D 208 -22.49 56.25 36.89
C THR D 208 -22.36 55.08 37.85
N VAL D 209 -21.12 54.84 38.28
CA VAL D 209 -20.81 53.83 39.28
C VAL D 209 -19.88 54.46 40.31
N ALA D 210 -19.81 53.84 41.48
CA ALA D 210 -19.02 54.36 42.57
C ALA D 210 -18.22 53.24 43.22
N PRO D 211 -17.03 53.55 43.77
CA PRO D 211 -16.27 52.50 44.46
C PRO D 211 -16.94 52.03 45.73
N THR D 212 -17.59 52.94 46.45
CA THR D 212 -18.25 52.58 47.69
C THR D 212 -19.45 51.66 47.48
N GLU D 213 -19.97 51.59 46.26
CA GLU D 213 -21.10 50.72 45.96
C GLU D 213 -20.60 49.28 45.86
N CYS D 214 -20.41 48.67 47.02
CA CYS D 214 -20.01 47.27 47.13
C CYS D 214 -21.23 46.40 47.44
N SER D 215 -21.15 45.14 47.04
CA SER D 215 -22.23 44.17 47.23
C SER D 215 -23.54 44.64 46.59
N GLU E 1 -23.52 15.44 6.86
CA GLU E 1 -23.43 16.87 6.65
C GLU E 1 -21.99 17.25 6.30
N VAL E 2 -21.82 18.05 5.25
CA VAL E 2 -20.49 18.47 4.81
C VAL E 2 -19.88 19.43 5.82
N GLN E 3 -18.68 19.11 6.31
CA GLN E 3 -17.98 19.93 7.29
C GLN E 3 -16.52 20.12 6.90
N LEU E 4 -16.05 21.35 6.98
CA LEU E 4 -14.65 21.71 6.76
C LEU E 4 -14.18 22.49 7.99
N VAL E 5 -13.16 21.98 8.66
CA VAL E 5 -12.68 22.54 9.92
C VAL E 5 -11.22 22.92 9.78
N GLU E 6 -10.92 24.21 9.91
CA GLU E 6 -9.54 24.68 9.83
C GLU E 6 -8.87 24.62 11.20
N SER E 7 -7.59 24.27 11.19
CA SER E 7 -6.73 24.31 12.37
C SER E 7 -5.38 24.88 11.96
N GLY E 8 -4.54 25.12 12.97
CA GLY E 8 -3.33 25.87 12.74
C GLY E 8 -3.57 27.35 12.95
N GLY E 9 -2.92 28.19 12.15
CA GLY E 9 -3.13 29.61 12.28
C GLY E 9 -2.56 30.17 13.56
N GLY E 10 -2.88 31.45 13.78
CA GLY E 10 -2.36 32.17 14.93
C GLY E 10 -1.33 33.20 14.54
N LEU E 11 -0.39 33.49 15.44
CA LEU E 11 0.60 34.53 15.23
C LEU E 11 1.89 33.92 14.69
N VAL E 12 2.45 34.54 13.65
CA VAL E 12 3.72 34.14 13.08
C VAL E 12 4.55 35.38 12.79
N GLU E 13 5.84 35.33 13.12
CA GLU E 13 6.72 36.45 12.89
C GLU E 13 6.98 36.63 11.39
N PRO E 14 7.10 37.88 10.94
CA PRO E 14 7.36 38.13 9.51
C PRO E 14 8.58 37.37 9.01
N GLY E 15 8.42 36.76 7.84
CA GLY E 15 9.45 35.91 7.27
C GLY E 15 9.37 34.45 7.66
N GLY E 16 8.59 34.12 8.69
CA GLY E 16 8.48 32.75 9.17
C GLY E 16 7.55 31.92 8.32
N SER E 17 7.29 30.71 8.80
CA SER E 17 6.44 29.75 8.11
C SER E 17 5.31 29.29 9.02
N LEU E 18 4.28 28.72 8.40
CA LEU E 18 3.14 28.17 9.12
C LEU E 18 2.49 27.15 8.20
N ARG E 19 1.65 26.28 8.79
CA ARG E 19 0.91 25.28 8.02
C ARG E 19 -0.53 25.25 8.50
N LEU E 20 -1.44 25.69 7.64
CA LEU E 20 -2.87 25.59 7.92
C LEU E 20 -3.38 24.21 7.51
N SER E 21 -4.26 23.65 8.35
CA SER E 21 -4.88 22.36 8.08
C SER E 21 -6.38 22.54 7.93
N CYS E 22 -7.00 21.67 7.14
CA CYS E 22 -8.45 21.68 6.95
C CYS E 22 -8.91 20.23 6.90
N ALA E 23 -9.64 19.81 7.92
CA ALA E 23 -10.19 18.46 7.99
C ALA E 23 -11.59 18.46 7.39
N ALA E 24 -11.85 17.50 6.50
CA ALA E 24 -13.11 17.39 5.79
C ALA E 24 -13.87 16.17 6.29
N SER E 25 -15.18 16.32 6.43
CA SER E 25 -16.02 15.19 6.81
C SER E 25 -17.37 15.31 6.10
N GLY E 26 -18.06 14.18 5.98
CA GLY E 26 -19.36 14.14 5.36
C GLY E 26 -19.38 13.93 3.87
N PHE E 27 -18.22 13.77 3.22
CA PHE E 27 -18.18 13.59 1.79
C PHE E 27 -16.86 12.93 1.39
N ASN E 28 -16.87 12.32 0.21
CA ASN E 28 -15.67 11.68 -0.34
C ASN E 28 -14.63 12.74 -0.70
N PHE E 29 -13.75 13.06 0.24
CA PHE E 29 -12.80 14.15 0.08
C PHE E 29 -11.99 14.02 -1.20
N SER E 30 -11.63 12.79 -1.57
CA SER E 30 -10.79 12.58 -2.75
C SER E 30 -11.47 12.97 -4.06
N ASN E 31 -12.81 13.04 -4.09
CA ASN E 31 -13.55 13.28 -5.32
C ASN E 31 -13.85 14.74 -5.59
N TYR E 32 -13.23 15.66 -4.84
CA TYR E 32 -13.48 17.08 -5.00
C TYR E 32 -12.18 17.85 -4.90
N GLY E 33 -12.04 18.90 -5.70
CA GLY E 33 -10.93 19.81 -5.53
C GLY E 33 -11.13 20.72 -4.33
N MET E 34 -10.05 21.36 -3.90
CA MET E 34 -10.08 22.23 -2.73
C MET E 34 -9.41 23.55 -3.07
N ASN E 35 -9.83 24.60 -2.35
CA ASN E 35 -9.31 25.94 -2.53
C ASN E 35 -8.99 26.56 -1.17
N TRP E 36 -7.87 27.27 -1.11
CA TRP E 36 -7.59 28.19 -0.01
C TRP E 36 -7.86 29.60 -0.51
N VAL E 37 -8.75 30.30 0.18
CA VAL E 37 -9.17 31.66 -0.14
C VAL E 37 -8.97 32.52 1.10
N ARG E 38 -8.21 33.60 0.98
CA ARG E 38 -7.96 34.45 2.14
C ARG E 38 -8.75 35.74 2.05
N GLN E 39 -8.82 36.42 3.18
CA GLN E 39 -9.49 37.71 3.30
C GLN E 39 -8.70 38.56 4.28
N ALA E 40 -8.02 39.59 3.78
CA ALA E 40 -7.35 40.53 4.65
C ALA E 40 -8.37 41.31 5.47
N PRO E 41 -8.03 41.71 6.69
CA PRO E 41 -9.00 42.41 7.54
C PRO E 41 -9.50 43.69 6.88
N GLY E 42 -10.82 43.77 6.74
CA GLY E 42 -11.45 44.93 6.12
C GLY E 42 -11.33 44.99 4.61
N LYS E 43 -10.76 43.98 3.97
CA LYS E 43 -10.59 43.96 2.53
C LYS E 43 -11.35 42.78 1.94
N GLY E 44 -11.27 42.62 0.62
CA GLY E 44 -12.05 41.62 -0.06
C GLY E 44 -11.47 40.22 0.02
N LEU E 45 -12.21 39.29 -0.58
CA LEU E 45 -11.78 37.90 -0.65
C LEU E 45 -10.86 37.73 -1.86
N GLU E 46 -9.82 36.91 -1.68
CA GLU E 46 -8.91 36.56 -2.76
C GLU E 46 -8.76 35.05 -2.80
N CYS E 47 -9.00 34.45 -3.97
CA CYS E 47 -8.78 33.02 -4.15
C CYS E 47 -7.27 32.80 -4.31
N ILE E 48 -6.66 32.16 -3.31
CA ILE E 48 -5.22 32.00 -3.24
C ILE E 48 -4.77 30.79 -4.05
N SER E 49 -5.31 29.62 -3.73
CA SER E 49 -4.72 28.40 -4.25
C SER E 49 -5.79 27.33 -4.46
N TYR E 50 -5.51 26.43 -5.40
CA TYR E 50 -6.39 25.32 -5.73
C TYR E 50 -5.58 24.06 -5.92
N ILE E 51 -6.08 22.95 -5.37
CA ILE E 51 -5.51 21.63 -5.59
C ILE E 51 -6.61 20.68 -6.05
N SER E 52 -6.30 19.84 -7.02
CA SER E 52 -7.28 18.90 -7.55
C SER E 52 -7.45 17.71 -6.61
N GLY E 53 -8.44 16.88 -6.93
CA GLY E 53 -8.72 15.72 -6.09
C GLY E 53 -7.54 14.76 -5.99
N SER E 54 -6.83 14.56 -7.10
CA SER E 54 -5.66 13.71 -7.14
C SER E 54 -4.36 14.47 -6.87
N SER E 55 -4.45 15.72 -6.40
CA SER E 55 -3.29 16.58 -6.15
C SER E 55 -2.38 16.67 -7.38
N SER E 56 -2.96 16.48 -8.57
CA SER E 56 -2.18 16.54 -9.79
C SER E 56 -2.05 17.96 -10.30
N THR E 57 -3.11 18.76 -10.19
CA THR E 57 -3.12 20.14 -10.62
C THR E 57 -3.11 21.06 -9.41
N LYS E 58 -2.16 21.98 -9.36
CA LYS E 58 -2.08 22.99 -8.32
C LYS E 58 -1.96 24.36 -8.97
N TYR E 59 -2.92 25.23 -8.72
CA TYR E 59 -2.85 26.64 -9.12
C TYR E 59 -2.59 27.51 -7.91
N TYR E 60 -1.78 28.55 -8.10
CA TYR E 60 -1.46 29.52 -7.07
C TYR E 60 -1.65 30.93 -7.60
N ALA E 61 -2.10 31.82 -6.74
CA ALA E 61 -2.20 33.23 -7.12
C ALA E 61 -0.80 33.83 -7.27
N ASP E 62 -0.70 34.83 -8.15
CA ASP E 62 0.58 35.48 -8.39
C ASP E 62 1.22 35.99 -7.10
N SER E 63 0.39 36.52 -6.19
CA SER E 63 0.92 37.11 -4.96
C SER E 63 1.55 36.05 -4.04
N VAL E 64 1.13 34.80 -4.16
CA VAL E 64 1.59 33.73 -3.28
C VAL E 64 2.38 32.67 -4.02
N LYS E 65 2.67 32.88 -5.30
CA LYS E 65 3.44 31.91 -6.06
C LYS E 65 4.85 31.78 -5.49
N GLY E 66 5.37 30.55 -5.47
CA GLY E 66 6.69 30.28 -4.96
C GLY E 66 6.82 30.29 -3.46
N ARG E 67 5.89 30.91 -2.74
CA ARG E 67 5.92 30.96 -1.28
C ARG E 67 4.96 29.98 -0.65
N PHE E 68 3.73 29.87 -1.16
CA PHE E 68 2.75 28.97 -0.61
C PHE E 68 2.77 27.64 -1.35
N THR E 69 2.41 26.58 -0.64
CA THR E 69 2.41 25.23 -1.19
C THR E 69 1.15 24.51 -0.71
N ILE E 70 0.27 24.18 -1.63
CA ILE E 70 -0.97 23.49 -1.28
C ILE E 70 -0.72 21.99 -1.37
N SER E 71 -1.31 21.25 -0.44
CA SER E 71 -1.09 19.81 -0.34
C SER E 71 -2.37 19.18 0.18
N ARG E 72 -2.43 17.85 0.12
CA ARG E 72 -3.60 17.17 0.65
C ARG E 72 -3.27 15.71 0.90
N ASP E 73 -3.94 15.15 1.92
CA ASP E 73 -3.91 13.73 2.23
C ASP E 73 -5.34 13.23 2.13
N ASN E 74 -5.62 12.42 1.11
CA ASN E 74 -6.97 11.92 0.91
C ASN E 74 -7.31 10.85 1.94
N ALA E 75 -6.34 10.03 2.32
CA ALA E 75 -6.54 9.04 3.37
C ALA E 75 -6.87 9.70 4.71
N LYS E 76 -6.47 10.95 4.90
CA LYS E 76 -6.75 11.68 6.13
C LYS E 76 -7.85 12.72 5.97
N ASN E 77 -8.44 12.83 4.77
CA ASN E 77 -9.48 13.82 4.50
C ASN E 77 -8.99 15.23 4.84
N SER E 78 -7.71 15.48 4.60
CA SER E 78 -7.06 16.71 5.04
C SER E 78 -6.51 17.50 3.87
N LEU E 79 -6.70 18.81 3.93
CA LEU E 79 -6.08 19.77 3.03
C LEU E 79 -5.08 20.59 3.83
N TYR E 80 -3.94 20.91 3.21
CA TYR E 80 -2.87 21.61 3.90
C TYR E 80 -2.40 22.79 3.06
N LEU E 81 -2.09 23.89 3.74
CA LEU E 81 -1.47 25.05 3.09
C LEU E 81 -0.20 25.39 3.86
N GLN E 82 0.96 25.10 3.25
CA GLN E 82 2.25 25.44 3.82
C GLN E 82 2.62 26.83 3.34
N MET E 83 2.55 27.81 4.24
CA MET E 83 2.85 29.20 3.93
C MET E 83 4.27 29.51 4.40
N ASN E 84 5.11 29.95 3.47
CA ASN E 84 6.49 30.31 3.78
C ASN E 84 6.72 31.77 3.41
N SER E 85 7.75 32.35 4.05
CA SER E 85 8.15 33.74 3.79
C SER E 85 6.99 34.70 4.04
N LEU E 86 6.36 34.59 5.21
CA LEU E 86 5.18 35.36 5.52
C LEU E 86 5.50 36.85 5.65
N ARG E 87 4.64 37.68 5.09
CA ARG E 87 4.75 39.13 5.15
C ARG E 87 3.60 39.70 5.95
N ASP E 88 3.71 40.98 6.30
CA ASP E 88 2.60 41.66 6.95
C ASP E 88 1.36 41.71 6.08
N GLU E 89 1.52 41.60 4.76
CA GLU E 89 0.42 41.60 3.82
C GLU E 89 -0.33 40.28 3.76
N ASP E 90 0.23 39.22 4.35
CA ASP E 90 -0.44 37.92 4.40
C ASP E 90 -1.32 37.75 5.62
N THR E 91 -1.35 38.74 6.52
CA THR E 91 -2.24 38.68 7.67
C THR E 91 -3.68 38.69 7.19
N ALA E 92 -4.42 37.61 7.46
CA ALA E 92 -5.75 37.48 6.90
C ALA E 92 -6.44 36.28 7.53
N VAL E 93 -7.76 36.22 7.36
CA VAL E 93 -8.51 35.01 7.67
C VAL E 93 -8.45 34.10 6.46
N TYR E 94 -7.98 32.87 6.66
CA TYR E 94 -7.80 31.92 5.58
C TYR E 94 -8.91 30.88 5.65
N TYR E 95 -9.70 30.79 4.57
CA TYR E 95 -10.84 29.92 4.45
C TYR E 95 -10.53 28.75 3.54
N CYS E 96 -11.11 27.60 3.88
CA CYS E 96 -10.96 26.35 3.17
C CYS E 96 -12.29 26.03 2.49
N ALA E 97 -12.28 25.94 1.16
CA ALA E 97 -13.52 25.86 0.39
C ALA E 97 -13.49 24.67 -0.56
N ARG E 98 -14.60 23.95 -0.62
CA ARG E 98 -14.73 22.82 -1.53
C ARG E 98 -15.01 23.31 -2.94
N ASP E 99 -14.52 22.57 -3.93
CA ASP E 99 -14.64 22.94 -5.34
C ASP E 99 -15.71 22.05 -5.98
N HIS E 100 -16.95 22.52 -5.97
CA HIS E 100 -18.09 21.79 -6.53
C HIS E 100 -18.98 22.80 -7.25
N TRP E 101 -18.72 22.99 -8.55
CA TRP E 101 -19.43 23.98 -9.38
C TRP E 101 -19.25 25.39 -8.84
N GLY E 102 -18.19 25.63 -8.10
CA GLY E 102 -17.97 26.85 -7.37
C GLY E 102 -17.31 26.53 -6.05
N LEU E 103 -17.51 27.41 -5.08
CA LEU E 103 -17.04 27.21 -3.71
C LEU E 103 -18.28 27.04 -2.83
N ASP E 104 -18.82 25.82 -2.83
CA ASP E 104 -20.13 25.59 -2.22
C ASP E 104 -20.05 25.49 -0.70
N TYR E 105 -19.03 24.79 -0.17
CA TYR E 105 -18.87 24.64 1.26
C TYR E 105 -17.54 25.26 1.70
N TRP E 106 -17.60 26.15 2.68
CA TRP E 106 -16.43 26.82 3.22
C TRP E 106 -16.15 26.32 4.63
N GLY E 107 -14.91 26.52 5.06
CA GLY E 107 -14.59 26.35 6.47
C GLY E 107 -14.90 27.60 7.26
N GLN E 108 -14.78 27.49 8.58
CA GLN E 108 -14.98 28.65 9.43
C GLN E 108 -13.88 29.67 9.28
N GLY E 109 -12.75 29.30 8.68
CA GLY E 109 -11.63 30.22 8.53
C GLY E 109 -10.73 30.25 9.74
N THR E 110 -9.43 30.42 9.56
CA THR E 110 -8.49 30.56 10.66
C THR E 110 -7.68 31.83 10.45
N LEU E 111 -7.50 32.61 11.50
CA LEU E 111 -6.84 33.91 11.40
C LEU E 111 -5.34 33.74 11.51
N VAL E 112 -4.62 34.30 10.54
CA VAL E 112 -3.15 34.30 10.52
C VAL E 112 -2.69 35.74 10.67
N THR E 113 -2.06 36.04 11.81
CA THR E 113 -1.55 37.36 12.13
C THR E 113 -0.04 37.35 11.97
N VAL E 114 0.46 38.13 11.02
CA VAL E 114 1.90 38.28 10.81
C VAL E 114 2.33 39.57 11.49
N SER E 115 2.95 39.46 12.66
CA SER E 115 3.42 40.63 13.40
C SER E 115 4.65 40.23 14.20
N SER E 116 5.59 41.18 14.31
CA SER E 116 6.77 40.94 15.12
C SER E 116 6.46 40.92 16.62
N ALA E 117 5.24 41.28 17.02
CA ALA E 117 4.82 41.26 18.42
C ALA E 117 4.82 39.85 19.00
N SER E 118 4.45 39.73 20.27
CA SER E 118 4.49 38.46 20.99
C SER E 118 3.09 38.05 21.41
N THR E 119 2.88 36.75 21.55
CA THR E 119 1.60 36.22 22.00
C THR E 119 1.41 36.48 23.50
N LYS E 120 0.18 36.82 23.87
CA LYS E 120 -0.15 37.13 25.25
C LYS E 120 -1.58 36.68 25.52
N GLY E 121 -1.77 35.90 26.58
CA GLY E 121 -3.06 35.34 26.89
C GLY E 121 -3.98 36.31 27.59
N PRO E 122 -5.28 36.06 27.51
CA PRO E 122 -6.26 37.00 28.08
C PRO E 122 -6.33 36.88 29.59
N SER E 123 -6.88 37.94 30.20
CA SER E 123 -7.26 37.95 31.60
C SER E 123 -8.76 38.17 31.68
N VAL E 124 -9.48 37.21 32.25
CA VAL E 124 -10.93 37.25 32.30
C VAL E 124 -11.38 37.68 33.70
N PHE E 125 -12.20 38.72 33.76
CA PHE E 125 -12.75 39.19 35.02
C PHE E 125 -14.27 39.29 34.90
N PRO E 126 -15.03 38.69 35.79
CA PRO E 126 -16.49 38.76 35.67
C PRO E 126 -17.01 40.15 35.98
N LEU E 127 -17.97 40.60 35.18
CA LEU E 127 -18.66 41.87 35.38
C LEU E 127 -20.00 41.53 36.02
N ALA E 128 -20.06 41.69 37.35
CA ALA E 128 -21.17 41.20 38.13
C ALA E 128 -22.41 42.09 37.95
N PRO E 129 -23.60 41.50 38.01
CA PRO E 129 -24.84 42.30 37.98
C PRO E 129 -25.14 42.83 39.37
N SER E 130 -25.32 44.14 39.47
CA SER E 130 -25.67 44.79 40.72
C SER E 130 -27.00 45.53 40.55
N SER E 131 -27.29 46.41 41.50
CA SER E 131 -28.48 47.25 41.37
C SER E 131 -28.30 48.38 40.36
N LYS E 132 -27.08 48.56 39.84
CA LYS E 132 -26.83 49.55 38.80
C LYS E 132 -27.33 49.09 37.44
N SER E 133 -27.07 47.83 37.09
CA SER E 133 -27.50 47.25 35.82
C SER E 133 -28.81 46.49 35.96
N THR E 134 -29.75 47.01 36.74
CA THR E 134 -31.07 46.41 36.92
C THR E 134 -32.12 47.48 36.69
N SER E 135 -32.83 47.39 35.56
CA SER E 135 -33.88 48.35 35.21
C SER E 135 -35.09 47.57 34.75
N GLY E 136 -36.12 47.52 35.58
CA GLY E 136 -37.34 46.82 35.22
C GLY E 136 -37.22 45.31 35.22
N GLY E 137 -36.53 44.74 36.20
CA GLY E 137 -36.44 43.29 36.31
C GLY E 137 -35.53 42.63 35.30
N THR E 138 -34.62 43.38 34.70
CA THR E 138 -33.64 42.84 33.74
C THR E 138 -32.24 43.14 34.25
N ALA E 139 -31.45 42.10 34.46
CA ALA E 139 -30.08 42.23 34.95
C ALA E 139 -29.12 41.98 33.81
N ALA E 140 -28.20 42.92 33.60
CA ALA E 140 -27.16 42.79 32.58
C ALA E 140 -25.85 42.41 33.27
N LEU E 141 -25.29 41.27 32.87
CA LEU E 141 -24.07 40.76 33.50
C LEU E 141 -23.15 40.22 32.41
N GLY E 142 -21.85 40.29 32.65
CA GLY E 142 -20.95 39.87 31.60
C GLY E 142 -19.57 39.47 32.08
N CYS E 143 -18.62 39.56 31.17
CA CYS E 143 -17.23 39.27 31.48
C CYS E 143 -16.31 40.11 30.59
N LEU E 144 -15.23 40.60 31.19
CA LEU E 144 -14.20 41.36 30.50
C LEU E 144 -13.04 40.44 30.15
N VAL E 145 -12.64 40.45 28.88
CA VAL E 145 -11.49 39.72 28.39
C VAL E 145 -10.42 40.76 28.06
N LYS E 146 -9.53 41.04 29.01
CA LYS E 146 -8.61 42.15 28.92
C LYS E 146 -7.19 41.68 28.62
N ASP E 147 -6.47 42.50 27.86
CA ASP E 147 -5.05 42.31 27.58
C ASP E 147 -4.75 40.95 26.97
N TYR E 148 -4.95 40.81 25.66
CA TYR E 148 -4.63 39.58 24.96
C TYR E 148 -4.20 39.90 23.54
N PHE E 149 -3.37 39.03 22.96
CA PHE E 149 -2.87 39.20 21.61
C PHE E 149 -2.34 37.88 21.11
N PRO E 150 -2.60 37.51 19.85
CA PRO E 150 -3.38 38.24 18.86
C PRO E 150 -4.86 37.86 18.90
N GLU E 151 -5.60 38.25 17.88
CA GLU E 151 -7.02 37.91 17.76
C GLU E 151 -7.17 36.46 17.31
N PRO E 152 -8.33 35.84 17.59
CA PRO E 152 -9.45 36.34 18.37
C PRO E 152 -9.73 35.52 19.63
N VAL E 153 -10.77 35.91 20.37
CA VAL E 153 -11.30 35.10 21.46
C VAL E 153 -12.77 34.82 21.16
N THR E 154 -13.21 33.63 21.56
CA THR E 154 -14.61 33.22 21.41
C THR E 154 -15.24 33.12 22.79
N VAL E 155 -16.35 33.82 22.98
CA VAL E 155 -17.01 33.92 24.28
C VAL E 155 -18.44 33.42 24.13
N SER E 156 -18.75 32.32 24.80
CA SER E 156 -20.09 31.78 24.92
C SER E 156 -20.52 31.87 26.39
N TRP E 157 -21.71 31.33 26.68
CA TRP E 157 -22.26 31.37 28.02
C TRP E 157 -22.75 29.99 28.43
N ASN E 158 -22.59 29.69 29.72
CA ASN E 158 -22.82 28.35 30.27
C ASN E 158 -22.04 27.30 29.50
N SER E 159 -22.35 27.12 28.22
CA SER E 159 -21.67 26.20 27.33
C SER E 159 -22.25 26.36 25.93
N GLY E 160 -22.80 27.55 25.68
CA GLY E 160 -23.55 27.79 24.46
C GLY E 160 -24.99 27.40 24.69
N ALA E 161 -25.47 27.62 25.92
CA ALA E 161 -26.82 27.27 26.32
C ALA E 161 -27.68 28.48 26.67
N LEU E 162 -27.10 29.67 26.75
CA LEU E 162 -27.87 30.87 27.05
C LEU E 162 -28.36 31.54 25.76
N THR E 163 -27.51 31.58 24.75
CA THR E 163 -27.87 32.00 23.39
C THR E 163 -28.53 33.38 23.33
N SER E 164 -29.73 33.49 23.89
CA SER E 164 -30.48 34.74 23.82
C SER E 164 -29.93 35.76 24.80
N GLY E 165 -29.98 37.03 24.40
CA GLY E 165 -29.46 38.11 25.20
C GLY E 165 -27.97 38.30 25.12
N VAL E 166 -27.23 37.27 24.69
CA VAL E 166 -25.77 37.32 24.62
C VAL E 166 -25.37 38.30 23.53
N HIS E 167 -24.74 39.41 23.91
CA HIS E 167 -24.13 40.34 22.97
C HIS E 167 -22.66 40.43 23.30
N THR E 168 -21.82 39.88 22.43
CA THR E 168 -20.37 39.96 22.57
C THR E 168 -19.86 41.14 21.77
N PHE E 169 -19.23 42.07 22.44
CA PHE E 169 -18.83 43.29 21.78
C PHE E 169 -17.47 43.11 21.10
N PRO E 170 -17.20 43.87 20.05
CA PRO E 170 -15.87 43.84 19.44
C PRO E 170 -14.82 44.36 20.41
N ALA E 171 -13.58 43.96 20.14
CA ALA E 171 -12.46 44.32 21.00
C ALA E 171 -11.88 45.68 20.62
N VAL E 172 -11.20 46.30 21.59
CA VAL E 172 -10.44 47.51 21.32
C VAL E 172 -8.99 47.08 21.09
N LEU E 173 -8.31 47.77 20.19
CA LEU E 173 -6.88 47.62 20.02
C LEU E 173 -6.23 48.75 20.83
N GLN E 174 -5.91 48.45 22.08
CA GLN E 174 -5.35 49.45 22.98
C GLN E 174 -4.01 49.96 22.46
N SER E 175 -3.59 51.10 23.00
CA SER E 175 -2.30 51.68 22.62
C SER E 175 -1.16 50.72 22.91
N SER E 176 -1.32 49.82 23.90
CA SER E 176 -0.30 48.85 24.23
C SER E 176 -0.12 47.78 23.16
N GLY E 177 -1.02 47.74 22.17
CA GLY E 177 -1.01 46.69 21.18
C GLY E 177 -1.82 45.46 21.53
N LEU E 178 -2.34 45.38 22.75
CA LEU E 178 -3.15 44.25 23.17
C LEU E 178 -4.62 44.55 22.96
N TYR E 179 -5.38 43.50 22.66
CA TYR E 179 -6.82 43.61 22.50
C TYR E 179 -7.52 43.37 23.83
N SER E 180 -8.78 43.79 23.90
CA SER E 180 -9.64 43.51 25.04
C SER E 180 -11.07 43.78 24.65
N LEU E 181 -11.98 42.88 25.02
CA LEU E 181 -13.39 43.04 24.71
C LEU E 181 -14.23 42.71 25.93
N SER E 182 -15.52 42.94 25.81
CA SER E 182 -16.49 42.55 26.84
C SER E 182 -17.60 41.76 26.19
N SER E 183 -18.16 40.82 26.95
CA SER E 183 -19.29 40.02 26.49
C SER E 183 -20.33 39.97 27.59
N VAL E 184 -21.51 40.53 27.32
CA VAL E 184 -22.56 40.66 28.32
C VAL E 184 -23.81 39.92 27.84
N VAL E 185 -24.76 39.81 28.76
CA VAL E 185 -26.06 39.20 28.47
C VAL E 185 -27.06 39.75 29.47
N THR E 186 -28.25 40.06 28.96
CA THR E 186 -29.37 40.52 29.79
C THR E 186 -30.28 39.33 30.08
N VAL E 187 -30.51 39.06 31.35
CA VAL E 187 -31.35 37.95 31.78
C VAL E 187 -32.42 38.50 32.72
N PRO E 188 -33.46 37.73 32.99
CA PRO E 188 -34.40 38.10 34.05
C PRO E 188 -33.68 38.18 35.39
N SER E 189 -33.81 39.32 36.07
CA SER E 189 -33.17 39.51 37.36
C SER E 189 -33.66 38.53 38.42
N SER E 190 -34.75 37.83 38.16
CA SER E 190 -35.26 36.81 39.07
C SER E 190 -34.51 35.48 38.95
N SER E 191 -33.43 35.44 38.16
CA SER E 191 -32.64 34.24 37.97
C SER E 191 -31.20 34.41 38.43
N LEU E 192 -30.87 35.54 39.06
CA LEU E 192 -29.48 35.79 39.47
C LEU E 192 -29.05 34.81 40.55
N GLY E 193 -29.93 34.51 41.51
CA GLY E 193 -29.61 33.59 42.58
C GLY E 193 -29.95 32.14 42.32
N THR E 194 -30.66 31.87 41.23
CA THR E 194 -31.06 30.50 40.89
C THR E 194 -30.38 29.94 39.65
N GLN E 195 -29.80 30.79 38.82
CA GLN E 195 -29.08 30.36 37.62
C GLN E 195 -27.65 30.91 37.67
N THR E 196 -26.68 30.03 37.47
CA THR E 196 -25.28 30.44 37.39
C THR E 196 -24.90 30.66 35.93
N TYR E 197 -24.23 31.77 35.66
CA TYR E 197 -23.88 32.17 34.30
C TYR E 197 -22.37 32.05 34.14
N ILE E 198 -21.94 31.05 33.37
CA ILE E 198 -20.52 30.76 33.19
C ILE E 198 -20.11 31.30 31.83
N CYS E 199 -19.38 32.42 31.83
CA CYS E 199 -18.84 33.00 30.61
C CYS E 199 -17.62 32.20 30.18
N ASN E 200 -17.71 31.56 29.01
CA ASN E 200 -16.67 30.68 28.48
C ASN E 200 -15.87 31.43 27.43
N VAL E 201 -14.63 31.80 27.76
CA VAL E 201 -13.72 32.49 26.88
C VAL E 201 -12.70 31.49 26.35
N ASN E 202 -12.33 31.62 25.08
CA ASN E 202 -11.29 30.76 24.51
C ASN E 202 -10.41 31.61 23.60
N HIS E 203 -9.11 31.63 23.88
CA HIS E 203 -8.10 32.31 23.08
C HIS E 203 -7.14 31.23 22.59
N LYS E 204 -7.39 30.72 21.38
CA LYS E 204 -6.54 29.69 20.82
C LYS E 204 -5.09 30.13 20.58
N PRO E 205 -4.79 31.34 20.09
CA PRO E 205 -3.38 31.69 19.84
C PRO E 205 -2.48 31.65 21.06
N SER E 206 -3.03 31.72 22.27
CA SER E 206 -2.24 31.62 23.49
C SER E 206 -2.58 30.39 24.30
N ASN E 207 -3.39 29.48 23.74
CA ASN E 207 -3.83 28.26 24.40
C ASN E 207 -4.44 28.58 25.77
N THR E 208 -5.28 29.60 25.82
CA THR E 208 -5.87 30.06 27.07
C THR E 208 -7.39 29.93 27.03
N LYS E 209 -7.93 28.93 27.70
CA LYS E 209 -9.37 28.79 27.89
C LYS E 209 -9.70 29.23 29.31
N VAL E 210 -10.83 29.91 29.48
CA VAL E 210 -11.26 30.29 30.82
C VAL E 210 -12.78 30.35 30.89
N ASP E 211 -13.39 29.48 31.70
CA ASP E 211 -14.83 29.46 31.86
C ASP E 211 -15.14 30.01 33.26
N LYS E 212 -15.21 31.33 33.35
CA LYS E 212 -15.36 32.01 34.64
C LYS E 212 -16.83 32.31 34.90
N LYS E 213 -17.30 32.01 36.11
CA LYS E 213 -18.69 32.23 36.47
C LYS E 213 -18.88 33.64 37.01
N VAL E 214 -20.02 34.24 36.68
CA VAL E 214 -20.38 35.59 37.09
C VAL E 214 -21.39 35.50 38.22
N GLU E 215 -21.03 36.05 39.42
CA GLU E 215 -21.89 36.04 40.58
C GLU E 215 -22.54 37.39 40.79
N PRO E 216 -23.78 37.41 41.28
CA PRO E 216 -24.45 38.68 41.57
C PRO E 216 -23.80 39.41 42.74
N LYS E 217 -24.01 40.72 42.78
CA LYS E 217 -23.50 41.59 43.84
C LYS E 217 -21.99 41.50 43.96
N ASP F 4 -43.11 4.50 -27.15
CA ASP F 4 -42.16 3.67 -26.42
C ASP F 4 -41.04 4.53 -25.86
N THR F 5 -40.81 4.45 -24.55
CA THR F 5 -39.91 5.36 -23.86
C THR F 5 -38.95 4.59 -22.96
N ILE F 6 -37.77 5.19 -22.76
CA ILE F 6 -36.82 4.79 -21.73
C ILE F 6 -37.18 5.50 -20.44
N THR F 7 -37.14 4.78 -19.33
CA THR F 7 -37.50 5.30 -18.02
C THR F 7 -36.26 5.26 -17.12
N LEU F 8 -35.71 6.44 -16.83
CA LEU F 8 -34.58 6.56 -15.93
C LEU F 8 -35.09 6.80 -14.51
N PRO F 9 -34.77 5.93 -13.55
CA PRO F 9 -35.22 6.15 -12.17
C PRO F 9 -34.40 7.23 -11.49
N CYS F 10 -35.09 8.11 -10.78
CA CYS F 10 -34.47 9.28 -10.17
C CYS F 10 -34.76 9.33 -8.68
N ARG F 11 -33.77 9.79 -7.90
CA ARG F 11 -33.93 9.92 -6.46
C ARG F 11 -33.31 11.24 -6.01
N PRO F 12 -34.07 12.12 -5.35
CA PRO F 12 -35.50 12.00 -5.03
C PRO F 12 -36.38 12.24 -6.24
N ALA F 13 -37.69 12.22 -6.08
CA ALA F 13 -38.60 12.37 -7.21
C ALA F 13 -38.52 13.79 -7.77
N PRO F 14 -38.09 13.98 -9.01
CA PRO F 14 -37.99 15.33 -9.57
C PRO F 14 -39.37 15.88 -9.92
N PRO F 15 -39.68 17.09 -9.48
CA PRO F 15 -40.99 17.66 -9.78
C PRO F 15 -41.14 17.93 -11.27
N PRO F 16 -42.38 18.09 -11.76
CA PRO F 16 -42.59 18.21 -13.21
C PRO F 16 -41.84 19.36 -13.86
N HIS F 17 -41.59 20.45 -13.15
CA HIS F 17 -40.98 21.62 -13.77
C HIS F 17 -39.48 21.47 -14.02
N CYS F 18 -38.88 20.35 -13.61
CA CYS F 18 -37.46 20.10 -13.88
C CYS F 18 -37.23 19.39 -15.21
N SER F 19 -38.27 19.21 -16.02
CA SER F 19 -38.11 18.57 -17.32
C SER F 19 -37.18 19.41 -18.20
N SER F 20 -36.27 18.72 -18.90
CA SER F 20 -35.15 19.40 -19.55
C SER F 20 -35.00 18.91 -20.99
N ASN F 21 -34.07 19.55 -21.70
CA ASN F 21 -33.72 19.21 -23.08
C ASN F 21 -32.25 18.82 -23.13
N ILE F 22 -31.97 17.53 -23.22
CA ILE F 22 -30.60 17.04 -23.40
C ILE F 22 -30.04 17.61 -24.69
N THR F 23 -29.08 18.53 -24.56
CA THR F 23 -28.43 19.17 -25.69
C THR F 23 -27.03 18.66 -25.96
N GLY F 24 -26.59 17.64 -25.24
CA GLY F 24 -25.24 17.14 -25.40
C GLY F 24 -24.89 16.19 -24.28
N LEU F 25 -23.67 15.68 -24.34
CA LEU F 25 -23.19 14.76 -23.32
C LEU F 25 -21.65 14.74 -23.34
N ILE F 26 -21.09 14.00 -22.40
CA ILE F 26 -19.64 13.89 -22.24
C ILE F 26 -19.28 12.42 -22.11
N LEU F 27 -18.32 11.98 -22.90
CA LEU F 27 -17.97 10.57 -23.02
C LEU F 27 -16.51 10.33 -22.64
N THR F 28 -16.22 9.04 -22.44
CA THR F 28 -14.86 8.55 -22.20
C THR F 28 -14.71 7.25 -22.98
N ARG F 29 -13.71 7.20 -23.86
CA ARG F 29 -13.43 5.97 -24.60
C ARG F 29 -12.67 5.00 -23.73
N GLN F 30 -13.05 3.72 -23.79
CA GLN F 30 -12.41 2.71 -22.96
C GLN F 30 -11.17 2.13 -23.63
N ALA F 36 -10.57 -4.50 -31.00
CA ALA F 36 -11.06 -5.48 -31.94
C ALA F 36 -12.14 -4.89 -32.84
N ASN F 37 -11.85 -3.72 -33.42
CA ASN F 37 -12.74 -3.00 -34.34
C ASN F 37 -14.03 -2.52 -33.68
N THR F 38 -14.19 -2.75 -32.37
CA THR F 38 -15.34 -2.24 -31.63
C THR F 38 -14.83 -1.28 -30.57
N VAL F 39 -15.20 0.00 -30.69
CA VAL F 39 -14.78 1.03 -29.74
C VAL F 39 -15.88 1.24 -28.71
N ILE F 40 -15.51 1.18 -27.45
CA ILE F 40 -16.45 1.30 -26.33
C ILE F 40 -16.36 2.71 -25.77
N PHE F 41 -17.51 3.37 -25.67
CA PHE F 41 -17.62 4.66 -25.01
C PHE F 41 -18.52 4.51 -23.79
N ARG F 42 -18.29 5.36 -22.79
CA ARG F 42 -19.10 5.38 -21.59
C ARG F 42 -19.38 6.84 -21.25
N PRO F 43 -20.43 7.10 -20.48
CA PRO F 43 -20.64 8.47 -19.98
C PRO F 43 -19.54 8.84 -19.00
N SER F 44 -18.89 9.98 -19.26
CA SER F 44 -17.77 10.41 -18.43
C SER F 44 -18.24 10.69 -17.01
N GLY F 45 -17.61 10.04 -16.04
CA GLY F 45 -17.93 10.24 -14.64
C GLY F 45 -16.79 10.89 -13.88
N GLY F 46 -16.10 11.83 -14.54
CA GLY F 46 -14.92 12.44 -13.95
C GLY F 46 -15.22 13.59 -13.02
N ASP F 47 -14.80 14.79 -13.41
CA ASP F 47 -14.85 15.96 -12.55
C ASP F 47 -15.72 17.02 -13.22
N TRP F 48 -16.33 17.88 -12.39
CA TRP F 48 -17.16 18.97 -12.92
C TRP F 48 -16.35 19.90 -13.81
N ARG F 49 -15.04 19.99 -13.58
CA ARG F 49 -14.21 20.87 -14.39
C ARG F 49 -14.08 20.38 -15.83
N ASP F 50 -14.28 19.09 -16.08
CA ASP F 50 -14.36 18.60 -17.46
C ASP F 50 -15.60 19.15 -18.15
N ILE F 51 -16.75 19.00 -17.50
CA ILE F 51 -18.00 19.57 -18.00
C ILE F 51 -17.83 21.07 -18.24
N ALA F 52 -17.07 21.74 -17.38
CA ALA F 52 -16.79 23.15 -17.60
C ALA F 52 -15.91 23.38 -18.82
N ARG F 53 -14.90 22.51 -19.02
CA ARG F 53 -14.01 22.67 -20.15
C ARG F 53 -14.70 22.42 -21.49
N CYS F 54 -15.82 21.70 -21.49
CA CYS F 54 -16.57 21.55 -22.73
C CYS F 54 -17.10 22.89 -23.24
N GLN F 55 -17.56 23.75 -22.33
CA GLN F 55 -18.06 25.08 -22.66
C GLN F 55 -19.27 25.03 -23.59
N ILE F 56 -20.16 24.06 -23.36
CA ILE F 56 -21.43 23.99 -24.08
C ILE F 56 -22.54 23.64 -23.09
N ALA F 57 -22.16 23.47 -21.81
CA ALA F 57 -23.09 22.91 -20.84
C ALA F 57 -24.17 23.91 -20.40
N GLY F 58 -23.96 25.20 -20.61
CA GLY F 58 -24.95 26.18 -20.21
C GLY F 58 -24.92 26.47 -18.72
N THR F 59 -26.03 27.05 -18.24
CA THR F 59 -26.10 27.53 -16.86
C THR F 59 -26.60 26.48 -15.88
N VAL F 60 -27.15 25.37 -16.35
CA VAL F 60 -27.71 24.37 -15.45
C VAL F 60 -26.64 23.37 -15.06
N VAL F 61 -26.62 23.01 -13.79
CA VAL F 61 -25.65 22.05 -13.26
C VAL F 61 -26.16 20.64 -13.58
N SER F 62 -25.36 19.89 -14.33
CA SER F 62 -25.75 18.54 -14.71
C SER F 62 -24.51 17.73 -15.04
N THR F 63 -24.60 16.42 -14.84
CA THR F 63 -23.50 15.51 -15.10
C THR F 63 -23.90 14.52 -16.20
N GLN F 64 -22.90 14.05 -16.94
CA GLN F 64 -23.06 13.12 -18.05
C GLN F 64 -23.79 13.74 -19.23
N LEU F 65 -24.99 14.28 -18.98
CA LEU F 65 -25.81 14.89 -20.02
C LEU F 65 -25.95 16.38 -19.76
N PHE F 66 -25.80 17.18 -20.82
CA PHE F 66 -25.92 18.63 -20.72
C PHE F 66 -27.38 19.02 -20.94
N LEU F 67 -28.00 19.59 -19.92
CA LEU F 67 -29.41 19.97 -19.95
C LEU F 67 -29.54 21.45 -20.30
N ASN F 68 -30.53 21.76 -21.11
CA ASN F 68 -30.85 23.13 -21.53
C ASN F 68 -29.64 23.88 -22.10
N GLY F 69 -28.58 23.15 -22.45
CA GLY F 69 -27.35 23.76 -22.90
C GLY F 69 -27.45 24.30 -24.30
N SER F 70 -26.28 24.57 -24.88
CA SER F 70 -26.18 25.11 -26.23
C SER F 70 -26.10 23.99 -27.24
N LEU F 71 -26.92 24.08 -28.28
CA LEU F 71 -26.95 23.08 -29.34
C LEU F 71 -26.00 23.45 -30.48
N ALA F 72 -25.66 22.45 -31.27
CA ALA F 72 -24.82 22.69 -32.44
C ALA F 72 -25.68 23.20 -33.59
N GLU F 73 -25.02 23.89 -34.53
CA GLU F 73 -25.72 24.56 -35.61
C GLU F 73 -26.38 23.58 -36.57
N GLU F 74 -25.56 22.85 -37.33
CA GLU F 74 -26.04 21.98 -38.40
C GLU F 74 -26.12 20.52 -37.99
N GLU F 75 -25.09 20.00 -37.35
CA GLU F 75 -25.02 18.56 -37.08
C GLU F 75 -24.30 18.34 -35.76
N VAL F 76 -24.45 17.12 -35.23
CA VAL F 76 -23.76 16.74 -34.01
C VAL F 76 -22.25 16.92 -34.22
N VAL F 77 -21.60 17.57 -33.27
CA VAL F 77 -20.16 17.81 -33.36
C VAL F 77 -19.51 17.29 -32.08
N ILE F 78 -18.46 16.49 -32.24
CA ILE F 78 -17.72 15.94 -31.12
C ILE F 78 -16.35 16.62 -31.07
N ARG F 79 -15.88 16.89 -29.85
CA ARG F 79 -14.60 17.55 -29.65
C ARG F 79 -13.88 16.90 -28.48
N SER F 80 -12.56 17.05 -28.47
CA SER F 80 -11.74 16.48 -27.40
C SER F 80 -10.40 17.20 -27.38
N GLU F 81 -9.84 17.34 -26.17
CA GLU F 81 -8.52 17.95 -26.03
C GLU F 81 -7.47 17.18 -26.82
N ASP F 82 -7.55 15.85 -26.78
CA ASP F 82 -6.66 14.98 -27.56
C ASP F 82 -7.45 13.73 -27.92
N TRP F 83 -7.54 13.43 -29.22
CA TRP F 83 -8.36 12.30 -29.65
C TRP F 83 -7.73 10.97 -29.30
N ARG F 84 -6.39 10.89 -29.32
CA ARG F 84 -5.69 9.64 -29.04
C ARG F 84 -5.54 9.35 -27.55
N ASP F 85 -6.01 10.25 -26.68
CA ASP F 85 -5.94 10.07 -25.24
C ASP F 85 -7.34 9.80 -24.70
N ASN F 86 -7.53 8.62 -24.09
CA ASN F 86 -8.85 8.25 -23.61
C ASN F 86 -9.20 8.94 -22.30
N ALA F 87 -8.21 9.32 -21.50
CA ALA F 87 -8.49 10.08 -20.28
C ALA F 87 -9.06 11.44 -20.60
N LYS F 88 -8.73 12.00 -21.76
CA LYS F 88 -9.37 13.21 -22.25
C LYS F 88 -10.80 12.89 -22.68
N SER F 89 -11.76 13.61 -22.11
CA SER F 89 -13.16 13.35 -22.38
C SER F 89 -13.54 13.81 -23.78
N ILE F 90 -14.72 13.39 -24.22
CA ILE F 90 -15.27 13.75 -25.53
C ILE F 90 -16.54 14.54 -25.28
N CYS F 91 -16.53 15.81 -25.65
CA CYS F 91 -17.71 16.66 -25.56
C CYS F 91 -18.52 16.45 -26.84
N VAL F 92 -19.71 15.86 -26.71
CA VAL F 92 -20.64 15.69 -27.82
C VAL F 92 -21.69 16.77 -27.72
N GLN F 93 -21.79 17.60 -28.76
CA GLN F 93 -22.79 18.64 -28.85
C GLN F 93 -23.82 18.21 -29.88
N LEU F 94 -25.06 18.01 -29.43
CA LEU F 94 -26.12 17.57 -30.32
C LEU F 94 -26.58 18.73 -31.22
N ALA F 95 -27.29 18.36 -32.28
CA ALA F 95 -27.88 19.36 -33.17
C ALA F 95 -29.33 19.66 -32.80
N THR F 96 -30.11 18.63 -32.49
CA THR F 96 -31.47 18.78 -32.00
C THR F 96 -31.58 18.08 -30.65
N SER F 97 -32.05 18.81 -29.65
CA SER F 97 -32.11 18.30 -28.29
C SER F 97 -33.11 17.15 -28.18
N VAL F 98 -32.90 16.32 -27.16
CA VAL F 98 -33.82 15.23 -26.82
C VAL F 98 -34.49 15.57 -25.50
N GLU F 99 -35.81 15.67 -25.50
CA GLU F 99 -36.52 16.04 -24.27
C GLU F 99 -36.54 14.89 -23.27
N ILE F 100 -36.18 15.20 -22.03
CA ILE F 100 -36.37 14.31 -20.90
C ILE F 100 -37.46 14.94 -20.04
N ALA F 101 -38.56 14.21 -19.85
CA ALA F 101 -39.73 14.74 -19.17
C ALA F 101 -39.91 14.02 -17.84
N CYS F 102 -40.04 14.79 -16.77
CA CYS F 102 -40.19 14.24 -15.43
C CYS F 102 -41.60 14.48 -14.93
N THR F 103 -42.19 13.44 -14.33
CA THR F 103 -43.56 13.48 -13.85
C THR F 103 -43.66 13.76 -12.35
N GLY F 104 -42.63 13.45 -11.58
CA GLY F 104 -42.70 13.52 -10.14
C GLY F 104 -42.85 12.18 -9.45
N ALA F 105 -42.79 11.07 -10.18
CA ALA F 105 -43.03 9.74 -9.65
C ALA F 105 -41.77 8.96 -9.38
N GLY F 106 -40.62 9.65 -9.32
CA GLY F 106 -39.36 8.99 -9.06
C GLY F 106 -38.62 8.50 -10.28
N HIS F 107 -39.03 8.94 -11.47
CA HIS F 107 -38.35 8.57 -12.71
C HIS F 107 -38.78 9.53 -13.80
N CYS F 108 -37.85 9.81 -14.70
CA CYS F 108 -38.11 10.63 -15.88
C CYS F 108 -38.08 9.74 -17.12
N ALA F 109 -38.60 10.28 -18.23
CA ALA F 109 -38.81 9.50 -19.43
C ALA F 109 -38.21 10.20 -20.65
N ILE F 110 -37.67 9.40 -21.56
CA ILE F 110 -37.09 9.89 -22.81
C ILE F 110 -37.64 9.05 -23.95
N SER F 111 -37.99 9.71 -25.06
CA SER F 111 -38.47 8.97 -26.22
C SER F 111 -37.36 8.08 -26.77
N ARG F 112 -37.63 6.77 -26.83
CA ARG F 112 -36.59 5.83 -27.23
C ARG F 112 -36.18 6.01 -28.69
N ALA F 113 -37.14 6.30 -29.57
CA ALA F 113 -36.81 6.52 -30.98
C ALA F 113 -35.86 7.71 -31.15
N LYS F 114 -36.16 8.81 -30.48
CA LYS F 114 -35.34 10.01 -30.61
C LYS F 114 -33.97 9.82 -29.97
N TRP F 115 -33.92 9.16 -28.81
CA TRP F 115 -32.63 8.87 -28.19
C TRP F 115 -31.80 7.95 -29.07
N ALA F 116 -32.46 7.00 -29.75
CA ALA F 116 -31.73 6.09 -30.63
C ALA F 116 -31.20 6.82 -31.85
N ASN F 117 -31.98 7.74 -32.41
CA ASN F 117 -31.47 8.54 -33.52
C ASN F 117 -30.28 9.40 -33.08
N THR F 118 -30.36 9.98 -31.88
CA THR F 118 -29.24 10.74 -31.36
C THR F 118 -28.00 9.87 -31.21
N LEU F 119 -28.16 8.67 -30.62
CA LEU F 119 -27.04 7.76 -30.47
C LEU F 119 -26.46 7.35 -31.82
N LYS F 120 -27.32 7.19 -32.84
CA LYS F 120 -26.83 6.84 -34.16
C LYS F 120 -25.99 7.97 -34.75
N GLN F 121 -26.44 9.21 -34.61
CA GLN F 121 -25.65 10.35 -35.10
C GLN F 121 -24.32 10.45 -34.37
N ILE F 122 -24.35 10.30 -33.05
CA ILE F 122 -23.11 10.33 -32.25
C ILE F 122 -22.16 9.22 -32.70
N ALA F 123 -22.70 8.02 -32.94
CA ALA F 123 -21.86 6.91 -33.37
C ALA F 123 -21.28 7.16 -34.75
N SER F 124 -22.05 7.78 -35.65
CA SER F 124 -21.52 8.14 -36.96
C SER F 124 -20.35 9.11 -36.85
N LYS F 125 -20.50 10.12 -36.00
CA LYS F 125 -19.40 11.09 -35.81
C LYS F 125 -18.18 10.42 -35.17
N LEU F 126 -18.40 9.61 -34.13
CA LEU F 126 -17.31 8.89 -33.50
C LEU F 126 -16.63 7.94 -34.49
N ARG F 127 -17.40 7.39 -35.42
CA ARG F 127 -16.84 6.49 -36.42
C ARG F 127 -15.97 7.26 -37.41
N GLU F 128 -16.46 8.39 -37.91
CA GLU F 128 -15.65 9.16 -38.84
C GLU F 128 -14.42 9.74 -38.17
N GLN F 129 -14.44 9.91 -36.84
CA GLN F 129 -13.23 10.36 -36.16
C GLN F 129 -12.26 9.20 -35.91
N TYR F 130 -12.69 8.18 -35.16
CA TYR F 130 -11.81 7.06 -34.82
C TYR F 130 -11.72 6.00 -35.91
N GLY F 131 -12.52 6.09 -36.97
CA GLY F 131 -12.42 5.17 -38.10
C GLY F 131 -12.41 3.70 -37.72
N ALA F 132 -13.26 3.30 -36.77
CA ALA F 132 -13.25 1.92 -36.29
C ALA F 132 -14.58 1.19 -36.48
N LYS F 133 -15.45 1.68 -37.36
CA LYS F 133 -16.70 1.02 -37.72
C LYS F 133 -17.72 0.88 -36.59
N THR F 134 -17.48 -0.01 -35.63
CA THR F 134 -18.50 -0.39 -34.65
C THR F 134 -18.34 0.39 -33.35
N ILE F 135 -19.44 1.02 -32.92
CA ILE F 135 -19.46 1.87 -31.73
C ILE F 135 -20.39 1.24 -30.69
N ILE F 136 -19.86 0.95 -29.51
CA ILE F 136 -20.63 0.34 -28.43
C ILE F 136 -20.69 1.33 -27.26
N PHE F 137 -21.90 1.74 -26.89
CA PHE F 137 -22.13 2.62 -25.75
C PHE F 137 -22.47 1.77 -24.53
N LYS F 138 -21.63 1.84 -23.51
CA LYS F 138 -21.74 1.11 -22.26
C LYS F 138 -22.03 2.07 -21.12
N PRO F 139 -22.58 1.58 -19.99
CA PRO F 139 -22.92 2.49 -18.88
C PRO F 139 -21.71 3.14 -18.22
N SER F 140 -21.96 3.98 -17.21
CA SER F 140 -20.87 4.66 -16.52
C SER F 140 -20.08 3.65 -15.68
N SER F 141 -18.76 3.78 -15.72
CA SER F 141 -17.85 2.81 -15.10
C SER F 141 -17.60 3.11 -13.62
N GLY F 142 -18.61 3.56 -12.88
CA GLY F 142 -18.46 3.81 -11.47
C GLY F 142 -18.12 5.27 -11.16
N GLY F 143 -18.01 5.54 -9.87
CA GLY F 143 -17.74 6.86 -9.34
C GLY F 143 -18.72 7.24 -8.26
N ASP F 144 -18.68 8.50 -7.85
CA ASP F 144 -19.57 8.98 -6.81
C ASP F 144 -21.00 9.12 -7.34
N PRO F 145 -22.00 9.19 -6.45
CA PRO F 145 -23.39 9.26 -6.92
C PRO F 145 -23.69 10.44 -7.81
N GLU F 146 -22.91 11.52 -7.74
CA GLU F 146 -23.19 12.67 -8.59
C GLU F 146 -22.67 12.50 -10.01
N PHE F 147 -21.69 11.63 -10.23
CA PHE F 147 -21.10 11.46 -11.55
C PHE F 147 -21.29 10.06 -12.14
N VAL F 148 -21.64 9.06 -11.34
CA VAL F 148 -22.03 7.77 -11.90
C VAL F 148 -23.48 7.78 -12.37
N ASN F 149 -24.30 8.66 -11.80
CA ASN F 149 -25.65 8.90 -12.28
C ASN F 149 -25.69 10.20 -13.09
N HIS F 150 -26.75 10.36 -13.87
CA HIS F 150 -27.04 11.65 -14.45
C HIS F 150 -27.65 12.50 -13.34
N SER F 151 -26.86 13.41 -12.81
CA SER F 151 -27.28 14.25 -11.70
C SER F 151 -27.43 15.68 -12.20
N PHE F 152 -28.35 16.42 -11.57
CA PHE F 152 -28.60 17.79 -12.00
C PHE F 152 -29.24 18.57 -10.87
N ASN F 153 -28.89 19.85 -10.79
CA ASN F 153 -29.48 20.75 -9.81
C ASN F 153 -30.65 21.50 -10.44
N CYS F 154 -31.81 21.42 -9.79
CA CYS F 154 -33.02 22.07 -10.26
C CYS F 154 -33.81 22.54 -9.04
N GLY F 155 -34.26 23.78 -9.07
CA GLY F 155 -34.99 24.35 -7.95
C GLY F 155 -34.24 24.30 -6.64
N GLY F 156 -32.91 24.40 -6.69
CA GLY F 156 -32.11 24.30 -5.48
C GLY F 156 -31.98 22.92 -4.90
N GLU F 157 -32.43 21.88 -5.61
CA GLU F 157 -32.33 20.51 -5.15
C GLU F 157 -31.53 19.69 -6.16
N PHE F 158 -30.69 18.79 -5.65
CA PHE F 158 -29.84 17.96 -6.49
C PHE F 158 -30.53 16.61 -6.69
N PHE F 159 -30.85 16.29 -7.94
CA PHE F 159 -31.49 15.03 -8.29
C PHE F 159 -30.49 14.12 -8.98
N TYR F 160 -30.64 12.81 -8.74
CA TYR F 160 -29.77 11.79 -9.31
C TYR F 160 -30.62 10.76 -10.03
N CYS F 161 -30.27 10.44 -11.27
CA CYS F 161 -31.04 9.53 -12.10
C CYS F 161 -30.13 8.47 -12.67
N ALA F 162 -30.50 7.20 -12.49
CA ALA F 162 -29.73 6.11 -13.07
C ALA F 162 -29.75 6.18 -14.59
N SER F 163 -28.60 6.45 -15.20
CA SER F 163 -28.48 6.58 -16.64
C SER F 163 -28.00 5.30 -17.32
N THR F 164 -28.24 4.14 -16.69
CA THR F 164 -27.74 2.89 -17.25
C THR F 164 -28.46 2.50 -18.52
N GLN F 165 -29.74 2.87 -18.65
CA GLN F 165 -30.52 2.49 -19.82
C GLN F 165 -30.23 3.36 -21.03
N LEU F 166 -29.59 4.51 -20.86
CA LEU F 166 -29.27 5.35 -22.01
C LEU F 166 -28.02 4.89 -22.73
N PHE F 167 -27.07 4.31 -22.01
CA PHE F 167 -25.78 3.91 -22.55
C PHE F 167 -25.67 2.39 -22.45
N ALA F 168 -26.34 1.70 -23.36
CA ALA F 168 -26.30 0.25 -23.44
C ALA F 168 -26.76 -0.18 -24.81
N SER F 169 -25.94 0.07 -25.83
CA SER F 169 -26.37 -0.18 -27.20
C SER F 169 -25.16 -0.39 -28.10
N THR F 170 -25.40 -1.06 -29.22
CA THR F 170 -24.39 -1.32 -30.23
C THR F 170 -24.84 -0.70 -31.55
N TRP F 171 -23.90 -0.07 -32.26
CA TRP F 171 -24.19 0.64 -33.50
C TRP F 171 -23.15 0.28 -34.53
N PHE F 172 -23.58 -0.36 -35.62
CA PHE F 172 -22.69 -0.87 -36.63
C PHE F 172 -22.49 0.15 -37.74
N ALA F 173 -21.62 -0.19 -38.69
CA ALA F 173 -21.27 0.70 -39.80
C ALA F 173 -21.92 0.20 -41.08
N SER F 174 -21.84 1.04 -42.11
CA SER F 174 -22.39 0.71 -43.42
C SER F 174 -21.40 1.12 -44.52
N THR G 2 -26.79 -21.74 14.40
CA THR G 2 -26.09 -22.98 14.74
C THR G 2 -24.86 -22.68 15.58
N VAL G 3 -24.86 -23.15 16.82
CA VAL G 3 -23.80 -22.86 17.78
C VAL G 3 -23.14 -24.17 18.20
N VAL G 4 -21.82 -24.21 18.15
CA VAL G 4 -21.04 -25.34 18.61
C VAL G 4 -20.38 -24.95 19.92
N THR G 5 -20.76 -25.62 21.00
CA THR G 5 -20.42 -25.20 22.35
C THR G 5 -19.40 -26.13 22.97
N GLN G 6 -18.37 -25.55 23.58
CA GLN G 6 -17.35 -26.28 24.33
C GLN G 6 -17.26 -25.69 25.73
N GLU G 7 -16.58 -26.40 26.62
CA GLU G 7 -16.24 -25.81 27.91
C GLU G 7 -15.30 -24.63 27.70
N PRO G 8 -15.54 -23.50 28.38
CA PRO G 8 -14.64 -22.36 28.19
C PRO G 8 -13.23 -22.62 28.70
N SER G 9 -13.09 -23.26 29.86
CA SER G 9 -11.78 -23.59 30.39
C SER G 9 -11.88 -24.87 31.21
N LEU G 10 -10.79 -25.63 31.23
CA LEU G 10 -10.68 -26.83 32.04
C LEU G 10 -9.27 -26.94 32.60
N THR G 11 -9.15 -27.59 33.75
CA THR G 11 -7.89 -27.68 34.48
C THR G 11 -7.62 -29.13 34.85
N VAL G 12 -6.38 -29.57 34.68
CA VAL G 12 -6.01 -30.96 34.94
C VAL G 12 -4.57 -31.00 35.45
N SER G 13 -4.31 -31.92 36.38
CA SER G 13 -2.97 -32.16 36.87
C SER G 13 -2.20 -33.06 35.90
N PRO G 14 -0.87 -33.01 35.92
CA PRO G 14 -0.09 -33.93 35.10
C PRO G 14 -0.40 -35.38 35.45
N GLY G 15 -0.33 -36.24 34.43
CA GLY G 15 -0.66 -37.64 34.59
C GLY G 15 -2.14 -37.93 34.73
N GLY G 16 -2.98 -36.91 34.87
CA GLY G 16 -4.40 -37.12 35.03
C GLY G 16 -5.09 -37.31 33.70
N THR G 17 -6.43 -37.26 33.76
CA THR G 17 -7.27 -37.45 32.59
C THR G 17 -8.33 -36.36 32.56
N VAL G 18 -8.47 -35.72 31.40
CA VAL G 18 -9.47 -34.68 31.20
C VAL G 18 -10.29 -35.05 29.97
N THR G 19 -11.58 -34.72 30.01
CA THR G 19 -12.49 -34.99 28.90
C THR G 19 -13.13 -33.69 28.47
N LEU G 20 -12.85 -33.26 27.24
CA LEU G 20 -13.48 -32.08 26.67
C LEU G 20 -14.70 -32.51 25.85
N THR G 21 -15.78 -31.76 26.01
CA THR G 21 -17.04 -32.08 25.37
C THR G 21 -17.38 -31.02 24.31
N CYS G 22 -18.06 -31.45 23.25
CA CYS G 22 -18.41 -30.56 22.15
C CYS G 22 -19.86 -30.82 21.77
N ALA G 23 -20.72 -29.84 22.01
CA ALA G 23 -22.16 -29.98 21.82
C ALA G 23 -22.63 -29.14 20.65
N SER G 24 -23.63 -29.65 19.95
CA SER G 24 -24.26 -28.96 18.82
C SER G 24 -25.63 -28.46 19.22
N SER G 25 -25.94 -27.22 18.86
CA SER G 25 -27.28 -26.69 19.10
C SER G 25 -28.32 -27.44 18.27
N THR G 26 -27.91 -27.95 17.11
CA THR G 26 -28.81 -28.69 16.22
C THR G 26 -28.73 -30.17 16.57
N GLY G 27 -29.48 -30.55 17.61
CA GLY G 27 -29.59 -31.95 17.92
C GLY G 27 -28.33 -32.55 18.53
N ALA G 28 -28.18 -33.86 18.34
CA ALA G 28 -27.08 -34.62 18.89
C ALA G 28 -26.01 -34.87 17.83
N VAL G 29 -24.75 -34.89 18.26
CA VAL G 29 -23.63 -35.07 17.36
C VAL G 29 -23.50 -36.54 16.99
N THR G 30 -23.59 -36.84 15.70
CA THR G 30 -23.43 -38.19 15.18
C THR G 30 -22.12 -38.27 14.40
N SER G 31 -21.82 -39.48 13.91
CA SER G 31 -20.60 -39.64 13.11
C SER G 31 -20.64 -38.84 11.83
N GLY G 32 -21.83 -38.47 11.35
CA GLY G 32 -21.94 -37.69 10.14
C GLY G 32 -21.57 -36.23 10.31
N PHE G 33 -21.48 -35.76 11.55
CA PHE G 33 -20.98 -34.41 11.85
C PHE G 33 -19.49 -34.29 11.67
N TYR G 34 -18.81 -35.40 11.33
CA TYR G 34 -17.36 -35.52 11.14
C TYR G 34 -16.58 -34.61 12.09
N PRO G 35 -16.68 -34.82 13.39
CA PRO G 35 -16.02 -33.92 14.34
C PRO G 35 -14.51 -33.96 14.15
N SER G 36 -13.89 -32.79 14.30
CA SER G 36 -12.44 -32.65 14.34
C SER G 36 -12.03 -31.96 15.64
N TRP G 37 -10.82 -32.25 16.09
CA TRP G 37 -10.24 -31.60 17.26
C TRP G 37 -8.89 -31.01 16.89
N PHE G 38 -8.76 -29.70 17.04
CA PHE G 38 -7.52 -29.00 16.73
C PHE G 38 -6.87 -28.54 18.03
N GLN G 39 -5.55 -28.56 18.03
CA GLN G 39 -4.76 -28.11 19.17
C GLN G 39 -3.96 -26.89 18.75
N GLN G 40 -4.15 -25.79 19.46
CA GLN G 40 -3.46 -24.54 19.16
C GLN G 40 -2.66 -24.13 20.40
N LYS G 41 -1.36 -24.40 20.37
CA LYS G 41 -0.47 -23.88 21.38
C LYS G 41 -0.25 -22.39 21.12
N PRO G 42 0.13 -21.62 22.16
CA PRO G 42 0.22 -20.16 22.03
C PRO G 42 0.98 -19.69 20.79
N GLY G 43 0.32 -18.87 19.97
CA GLY G 43 0.91 -18.32 18.77
C GLY G 43 1.12 -19.29 17.64
N GLN G 44 0.67 -20.53 17.77
CA GLN G 44 0.89 -21.55 16.76
C GLN G 44 -0.33 -21.70 15.86
N THR G 45 -0.10 -22.27 14.69
CA THR G 45 -1.18 -22.59 13.78
C THR G 45 -1.94 -23.81 14.31
N PRO G 46 -3.28 -23.78 14.30
CA PRO G 46 -4.03 -24.95 14.76
C PRO G 46 -3.61 -26.21 14.02
N ARG G 47 -3.62 -27.32 14.75
CA ARG G 47 -3.03 -28.57 14.31
C ARG G 47 -4.04 -29.69 14.56
N THR G 48 -4.42 -30.41 13.50
CA THR G 48 -5.45 -31.41 13.62
C THR G 48 -4.94 -32.59 14.45
N LEU G 49 -5.63 -32.87 15.55
CA LEU G 49 -5.34 -34.04 16.37
C LEU G 49 -6.27 -35.20 16.10
N ILE G 50 -7.56 -34.92 15.98
CA ILE G 50 -8.59 -35.94 15.71
C ILE G 50 -9.45 -35.42 14.58
N TYR G 51 -9.83 -36.30 13.66
CA TYR G 51 -10.78 -35.96 12.63
C TYR G 51 -11.73 -37.13 12.43
N SER G 52 -12.90 -36.83 11.87
CA SER G 52 -13.97 -37.82 11.69
C SER G 52 -14.18 -38.62 12.99
N THR G 53 -14.75 -37.92 13.97
CA THR G 53 -15.08 -38.48 15.28
C THR G 53 -13.87 -38.95 16.06
N ASN G 54 -13.11 -39.91 15.51
CA ASN G 54 -12.05 -40.52 16.30
C ASN G 54 -10.79 -40.89 15.53
N ASN G 55 -10.69 -40.58 14.25
CA ASN G 55 -9.46 -40.87 13.52
C ASN G 55 -8.34 -39.95 14.00
N LYS G 56 -7.12 -40.49 14.02
CA LYS G 56 -5.94 -39.76 14.42
C LYS G 56 -4.97 -39.65 13.25
N HIS G 57 -4.17 -38.58 13.25
CA HIS G 57 -3.06 -38.49 12.32
C HIS G 57 -1.83 -39.20 12.89
N SER G 58 -0.79 -39.29 12.06
CA SER G 58 0.47 -39.88 12.53
C SER G 58 1.14 -39.01 13.57
N TRP G 59 0.90 -37.70 13.54
CA TRP G 59 1.47 -36.78 14.51
C TRP G 59 0.60 -36.63 15.75
N THR G 60 -0.53 -37.31 15.81
CA THR G 60 -1.37 -37.26 17.00
C THR G 60 -0.75 -38.06 18.12
N PRO G 61 -0.59 -37.50 19.32
CA PRO G 61 -0.10 -38.28 20.45
C PRO G 61 -1.06 -39.42 20.78
N ALA G 62 -0.50 -40.50 21.30
CA ALA G 62 -1.30 -41.68 21.61
C ALA G 62 -2.31 -41.40 22.72
N ARG G 63 -2.01 -40.45 23.60
CA ARG G 63 -2.86 -40.19 24.76
C ARG G 63 -4.18 -39.50 24.39
N PHE G 64 -4.31 -38.98 23.18
CA PHE G 64 -5.56 -38.35 22.74
C PHE G 64 -6.48 -39.37 22.08
N SER G 65 -7.77 -39.24 22.36
CA SER G 65 -8.75 -40.16 21.79
C SER G 65 -10.07 -39.43 21.57
N GLY G 66 -10.60 -39.52 20.36
CA GLY G 66 -11.91 -39.00 20.06
C GLY G 66 -13.00 -40.04 20.27
N SER G 67 -14.21 -39.58 20.52
CA SER G 67 -15.35 -40.45 20.76
C SER G 67 -16.62 -39.60 20.70
N LEU G 68 -17.75 -40.25 20.99
CA LEU G 68 -19.07 -39.61 20.96
C LEU G 68 -19.86 -40.15 22.14
N LEU G 69 -20.21 -39.27 23.08
CA LEU G 69 -21.04 -39.65 24.22
C LEU G 69 -22.17 -38.65 24.37
N GLY G 70 -23.38 -39.16 24.58
CA GLY G 70 -24.54 -38.31 24.82
C GLY G 70 -24.77 -37.26 23.75
N GLY G 71 -24.60 -37.63 22.49
CA GLY G 71 -24.81 -36.68 21.43
C GLY G 71 -23.80 -35.56 21.38
N LYS G 72 -22.69 -35.68 22.10
CA LYS G 72 -21.62 -34.71 22.07
C LYS G 72 -20.34 -35.37 21.55
N ALA G 73 -19.54 -34.60 20.82
CA ALA G 73 -18.20 -35.03 20.51
C ALA G 73 -17.34 -34.90 21.76
N ALA G 74 -16.40 -35.84 21.95
CA ALA G 74 -15.63 -35.90 23.18
C ALA G 74 -14.18 -36.19 22.84
N LEU G 75 -13.29 -35.28 23.25
CA LEU G 75 -11.85 -35.49 23.17
C LEU G 75 -11.35 -35.83 24.57
N THR G 76 -10.78 -37.02 24.73
CA THR G 76 -10.30 -37.48 26.01
C THR G 76 -8.77 -37.49 25.98
N LEU G 77 -8.17 -36.74 26.90
CA LEU G 77 -6.72 -36.70 27.06
C LEU G 77 -6.40 -37.46 28.33
N SER G 78 -5.86 -38.67 28.18
CA SER G 78 -5.60 -39.57 29.29
C SER G 78 -4.09 -39.67 29.48
N GLY G 79 -3.62 -39.25 30.65
CA GLY G 79 -2.19 -39.16 30.87
C GLY G 79 -1.67 -37.82 30.39
N VAL G 80 -2.20 -36.74 30.97
CA VAL G 80 -1.87 -35.41 30.50
C VAL G 80 -0.39 -35.11 30.73
N GLN G 81 0.24 -34.50 29.74
CA GLN G 81 1.61 -34.04 29.84
C GLN G 81 1.64 -32.52 29.87
N PRO G 82 2.68 -31.93 30.45
CA PRO G 82 2.70 -30.45 30.60
C PRO G 82 2.63 -29.72 29.27
N GLU G 83 3.16 -30.28 28.18
CA GLU G 83 3.10 -29.61 26.89
C GLU G 83 1.73 -29.72 26.22
N ASP G 84 0.79 -30.44 26.83
CA ASP G 84 -0.59 -30.49 26.33
C ASP G 84 -1.38 -29.23 26.65
N GLU G 85 -0.79 -28.28 27.39
CA GLU G 85 -1.47 -27.03 27.69
C GLU G 85 -1.60 -26.21 26.42
N ALA G 86 -2.83 -26.02 25.95
CA ALA G 86 -3.11 -25.32 24.70
C ALA G 86 -4.60 -25.08 24.63
N ASP G 87 -5.07 -24.56 23.49
CA ASP G 87 -6.48 -24.39 23.22
C ASP G 87 -6.95 -25.47 22.26
N TYR G 88 -8.04 -26.13 22.60
CA TYR G 88 -8.57 -27.23 21.82
C TYR G 88 -9.89 -26.80 21.22
N TYR G 89 -9.91 -26.64 19.89
CA TYR G 89 -11.10 -26.25 19.16
C TYR G 89 -11.77 -27.47 18.57
N CYS G 90 -13.10 -27.49 18.66
CA CYS G 90 -13.90 -28.55 18.09
C CYS G 90 -14.55 -28.05 16.81
N LEU G 91 -14.51 -28.87 15.76
CA LEU G 91 -15.04 -28.51 14.45
C LEU G 91 -16.12 -29.51 14.07
N LEU G 92 -17.31 -29.01 13.79
CA LEU G 92 -18.44 -29.85 13.40
C LEU G 92 -18.82 -29.56 11.95
N TYR G 93 -19.40 -30.58 11.31
CA TYR G 93 -19.77 -30.54 9.90
C TYR G 93 -21.28 -30.59 9.80
N TYR G 94 -21.87 -29.61 9.13
CA TYR G 94 -23.33 -29.49 9.00
C TYR G 94 -23.67 -29.48 7.51
N GLY G 95 -23.58 -30.64 6.88
CA GLY G 95 -23.88 -30.76 5.47
C GLY G 95 -23.17 -29.73 4.61
N GLY G 96 -21.84 -29.80 4.57
CA GLY G 96 -21.04 -28.89 3.79
C GLY G 96 -20.59 -27.65 4.51
N VAL G 97 -21.14 -27.36 5.69
CA VAL G 97 -20.82 -26.16 6.45
C VAL G 97 -20.00 -26.57 7.65
N TRP G 98 -18.71 -26.23 7.64
CA TRP G 98 -17.88 -26.38 8.82
C TRP G 98 -18.18 -25.27 9.82
N VAL G 99 -18.26 -25.62 11.10
CA VAL G 99 -18.53 -24.66 12.16
C VAL G 99 -17.62 -24.99 13.34
N PHE G 100 -16.79 -24.02 13.74
CA PHE G 100 -15.85 -24.23 14.82
C PHE G 100 -16.53 -24.02 16.17
N GLY G 101 -15.93 -24.62 17.21
CA GLY G 101 -16.38 -24.40 18.57
C GLY G 101 -15.70 -23.20 19.21
N GLY G 102 -16.17 -22.85 20.40
CA GLY G 102 -15.60 -21.72 21.11
C GLY G 102 -14.17 -21.93 21.55
N GLY G 103 -13.74 -23.17 21.66
CA GLY G 103 -12.43 -23.48 22.19
C GLY G 103 -12.45 -23.72 23.68
N THR G 104 -11.45 -24.47 24.14
CA THR G 104 -11.27 -24.75 25.56
C THR G 104 -9.82 -24.49 25.93
N ARG G 105 -9.60 -23.62 26.93
CA ARG G 105 -8.27 -23.42 27.47
C ARG G 105 -7.98 -24.50 28.50
N LEU G 106 -6.99 -25.35 28.22
CA LEU G 106 -6.59 -26.43 29.11
C LEU G 106 -5.32 -26.02 29.85
N THR G 107 -5.42 -25.96 31.18
CA THR G 107 -4.30 -25.58 32.04
C THR G 107 -3.78 -26.84 32.73
N VAL G 108 -2.54 -27.20 32.40
CA VAL G 108 -1.84 -28.31 33.05
C VAL G 108 -1.22 -27.79 34.34
N LEU G 109 -1.74 -28.25 35.47
CA LEU G 109 -1.28 -27.76 36.77
C LEU G 109 0.09 -28.35 37.09
N GLY G 110 0.48 -28.31 38.35
CA GLY G 110 1.75 -28.89 38.76
C GLY G 110 2.95 -28.27 38.10
N GLN G 111 2.88 -26.99 37.75
CA GLN G 111 4.02 -26.30 37.15
C GLN G 111 4.90 -25.72 38.25
N PRO G 112 6.18 -26.10 38.30
CA PRO G 112 7.03 -25.58 39.37
C PRO G 112 7.28 -24.08 39.22
N LYS G 113 7.18 -23.38 40.36
CA LYS G 113 7.50 -21.96 40.39
C LYS G 113 8.98 -21.74 40.05
N ALA G 114 9.25 -20.74 39.21
CA ALA G 114 10.60 -20.47 38.76
C ALA G 114 10.87 -18.97 38.85
N ALA G 115 12.08 -18.63 39.31
CA ALA G 115 12.44 -17.23 39.44
C ALA G 115 12.86 -16.66 38.08
N PRO G 116 12.57 -15.40 37.82
CA PRO G 116 12.80 -14.85 36.49
C PRO G 116 14.28 -14.63 36.21
N SER G 117 14.67 -14.91 34.98
CA SER G 117 16.02 -14.63 34.49
C SER G 117 16.00 -13.30 33.74
N VAL G 118 16.84 -12.36 34.19
CA VAL G 118 16.84 -11.00 33.69
C VAL G 118 18.11 -10.74 32.91
N THR G 119 18.00 -9.93 31.86
CA THR G 119 19.15 -9.48 31.08
C THR G 119 18.85 -8.06 30.62
N LEU G 120 19.75 -7.13 30.94
CA LEU G 120 19.56 -5.72 30.64
C LEU G 120 20.60 -5.28 29.61
N PHE G 121 20.12 -4.78 28.48
CA PHE G 121 20.97 -4.30 27.40
C PHE G 121 20.97 -2.79 27.37
N PRO G 122 22.13 -2.13 27.28
CA PRO G 122 22.16 -0.68 27.20
C PRO G 122 21.88 -0.22 25.78
N PRO G 123 21.56 1.05 25.57
CA PRO G 123 21.35 1.53 24.20
C PRO G 123 22.62 1.38 23.38
N SER G 124 22.45 0.91 22.15
CA SER G 124 23.58 0.67 21.27
C SER G 124 24.14 1.99 20.74
N SER G 125 25.37 1.91 20.21
CA SER G 125 26.00 3.10 19.63
C SER G 125 25.19 3.64 18.47
N GLU G 126 24.68 2.75 17.61
CA GLU G 126 23.97 3.19 16.42
C GLU G 126 22.66 3.88 16.77
N GLU G 127 21.94 3.37 17.78
CA GLU G 127 20.72 4.03 18.21
C GLU G 127 21.02 5.40 18.81
N LEU G 128 22.06 5.47 19.65
CA LEU G 128 22.47 6.76 20.22
C LEU G 128 22.84 7.76 19.13
N GLN G 129 23.54 7.29 18.09
CA GLN G 129 23.90 8.16 16.98
C GLN G 129 22.69 8.59 16.16
N ALA G 130 21.58 7.83 16.24
CA ALA G 130 20.33 8.24 15.62
C ALA G 130 19.48 9.09 16.57
N ASN G 131 20.10 9.63 17.61
CA ASN G 131 19.43 10.49 18.60
C ASN G 131 18.24 9.80 19.25
N LYS G 132 18.43 8.51 19.57
CA LYS G 132 17.46 7.75 20.33
C LYS G 132 18.20 6.84 21.29
N ALA G 133 17.51 6.45 22.36
CA ALA G 133 18.10 5.56 23.36
C ALA G 133 17.01 4.62 23.86
N THR G 134 17.38 3.36 24.06
CA THR G 134 16.42 2.38 24.54
C THR G 134 17.15 1.34 25.38
N LEU G 135 16.74 1.21 26.64
CA LEU G 135 17.22 0.14 27.49
C LEU G 135 16.28 -1.05 27.36
N VAL G 136 16.85 -2.23 27.20
CA VAL G 136 16.09 -3.45 26.90
C VAL G 136 16.28 -4.40 28.07
N CYS G 137 15.21 -4.64 28.82
CA CYS G 137 15.24 -5.53 29.98
C CYS G 137 14.39 -6.75 29.64
N LEU G 138 15.03 -7.89 29.43
CA LEU G 138 14.37 -9.10 29.00
C LEU G 138 14.24 -10.07 30.16
N ILE G 139 13.05 -10.63 30.33
CA ILE G 139 12.72 -11.50 31.46
C ILE G 139 12.18 -12.81 30.91
N SER G 140 12.68 -13.93 31.43
CA SER G 140 12.29 -15.23 30.91
C SER G 140 12.31 -16.26 32.04
N ASP G 141 11.63 -17.38 31.77
CA ASP G 141 11.73 -18.60 32.59
C ASP G 141 11.23 -18.37 34.01
N PHE G 142 10.08 -17.72 34.13
CA PHE G 142 9.45 -17.52 35.42
C PHE G 142 8.04 -18.06 35.43
N TYR G 143 7.62 -18.55 36.59
CA TYR G 143 6.27 -19.05 36.81
C TYR G 143 5.98 -18.82 38.28
N PRO G 144 4.77 -18.35 38.65
CA PRO G 144 3.63 -17.97 37.79
C PRO G 144 3.93 -16.78 36.89
N GLY G 145 3.13 -16.59 35.84
CA GLY G 145 3.40 -15.53 34.89
C GLY G 145 2.86 -14.19 35.32
N ALA G 146 3.34 -13.70 36.46
CA ALA G 146 2.97 -12.39 36.96
C ALA G 146 4.22 -11.73 37.51
N VAL G 147 4.75 -10.75 36.79
CA VAL G 147 5.91 -9.98 37.23
C VAL G 147 5.55 -8.51 37.19
N THR G 148 6.37 -7.72 37.88
CA THR G 148 6.29 -6.27 37.82
C THR G 148 7.69 -5.74 37.56
N VAL G 149 7.78 -4.73 36.69
CA VAL G 149 9.04 -4.18 36.25
C VAL G 149 9.10 -2.73 36.69
N ALA G 150 10.15 -2.39 37.45
CA ALA G 150 10.39 -1.02 37.88
C ALA G 150 11.76 -0.58 37.36
N TRP G 151 11.82 0.66 36.90
CA TRP G 151 13.05 1.23 36.38
C TRP G 151 13.59 2.26 37.37
N LYS G 152 14.91 2.38 37.42
CA LYS G 152 15.58 3.26 38.36
C LYS G 152 16.61 4.09 37.61
N ALA G 153 16.49 5.41 37.70
CA ALA G 153 17.54 6.31 37.25
C ALA G 153 18.42 6.64 38.45
N ASP G 154 19.70 6.26 38.35
CA ASP G 154 20.58 6.26 39.51
C ASP G 154 19.97 5.37 40.60
N SER G 155 19.16 5.96 41.48
CA SER G 155 18.43 5.16 42.46
C SER G 155 16.98 5.61 42.64
N SER G 156 16.48 6.57 41.83
CA SER G 156 15.12 7.05 41.96
C SER G 156 14.22 6.45 40.89
N PRO G 157 12.94 6.22 41.21
CA PRO G 157 12.05 5.51 40.27
C PRO G 157 11.89 6.26 38.95
N VAL G 158 11.66 5.49 37.89
CA VAL G 158 11.37 6.02 36.56
C VAL G 158 9.99 5.56 36.15
N LYS G 159 9.18 6.48 35.63
CA LYS G 159 7.82 6.18 35.20
C LYS G 159 7.53 6.60 33.77
N ALA G 160 8.28 7.54 33.18
CA ALA G 160 8.05 7.99 31.83
C ALA G 160 8.96 7.25 30.87
N GLY G 161 8.39 6.80 29.76
CA GLY G 161 9.13 6.09 28.73
C GLY G 161 9.25 4.60 28.97
N VAL G 162 8.47 4.04 29.87
CA VAL G 162 8.53 2.63 30.21
C VAL G 162 7.38 1.91 29.53
N GLU G 163 7.69 0.81 28.84
CA GLU G 163 6.68 -0.02 28.19
C GLU G 163 7.03 -1.47 28.44
N THR G 164 6.15 -2.20 29.14
CA THR G 164 6.39 -3.58 29.52
C THR G 164 5.32 -4.47 28.90
N THR G 165 5.73 -5.65 28.44
CA THR G 165 4.77 -6.63 27.96
C THR G 165 4.06 -7.29 29.13
N THR G 166 2.93 -7.90 28.82
CA THR G 166 2.39 -8.85 29.79
C THR G 166 2.90 -10.25 29.49
N PRO G 167 3.23 -11.02 30.53
CA PRO G 167 3.95 -12.28 30.31
C PRO G 167 3.25 -13.20 29.34
N SER G 168 4.05 -13.92 28.56
CA SER G 168 3.58 -14.83 27.52
C SER G 168 4.32 -16.15 27.65
N LYS G 169 3.56 -17.24 27.63
CA LYS G 169 4.16 -18.57 27.79
C LYS G 169 5.18 -18.84 26.69
N GLN G 170 6.35 -19.36 27.10
CA GLN G 170 7.36 -19.79 26.16
C GLN G 170 7.04 -21.21 25.69
N SER G 171 7.97 -21.83 24.96
CA SER G 171 7.82 -23.21 24.53
C SER G 171 8.04 -24.20 25.67
N ASN G 172 8.41 -23.75 26.86
CA ASN G 172 8.60 -24.61 28.02
C ASN G 172 7.57 -24.33 29.11
N ASN G 173 6.39 -23.84 28.73
CA ASN G 173 5.27 -23.55 29.63
C ASN G 173 5.56 -22.37 30.56
N LYS G 174 6.84 -22.01 30.71
CA LYS G 174 7.19 -20.88 31.54
C LYS G 174 6.94 -19.57 30.77
N TYR G 175 6.94 -18.47 31.51
CA TYR G 175 6.55 -17.19 30.95
C TYR G 175 7.78 -16.34 30.64
N ALA G 176 7.55 -15.31 29.82
CA ALA G 176 8.59 -14.37 29.43
C ALA G 176 7.96 -13.02 29.15
N ALA G 177 8.70 -11.96 29.47
CA ALA G 177 8.24 -10.61 29.24
C ALA G 177 9.42 -9.74 28.85
N SER G 178 9.11 -8.55 28.35
CA SER G 178 10.14 -7.61 27.92
C SER G 178 9.68 -6.21 28.31
N SER G 179 10.62 -5.39 28.78
CA SER G 179 10.35 -4.02 29.16
C SER G 179 11.39 -3.12 28.50
N TYR G 180 10.91 -2.05 27.86
CA TYR G 180 11.77 -1.14 27.11
C TYR G 180 11.65 0.25 27.71
N LEU G 181 12.79 0.90 27.94
CA LEU G 181 12.84 2.26 28.43
C LEU G 181 13.42 3.15 27.35
N SER G 182 12.60 4.05 26.81
CA SER G 182 13.01 4.97 25.76
C SER G 182 13.51 6.26 26.37
N LEU G 183 14.71 6.68 25.99
CA LEU G 183 15.34 7.86 26.55
C LEU G 183 15.90 8.73 25.43
N THR G 184 16.17 9.98 25.79
CA THR G 184 17.02 10.76 24.91
C THR G 184 18.49 10.50 25.25
N PRO G 185 19.37 10.40 24.25
CA PRO G 185 20.79 10.14 24.55
C PRO G 185 21.38 11.15 25.51
N GLU G 186 20.81 12.35 25.59
CA GLU G 186 21.28 13.36 26.53
C GLU G 186 21.10 12.89 27.97
N GLN G 187 19.85 12.55 28.34
CA GLN G 187 19.59 12.06 29.68
C GLN G 187 20.05 10.62 29.88
N TRP G 188 20.43 9.91 28.82
CA TRP G 188 21.07 8.62 28.99
C TRP G 188 22.47 8.79 29.57
N LYS G 189 23.29 9.65 28.97
CA LYS G 189 24.61 9.93 29.50
C LYS G 189 24.58 10.83 30.73
N SER G 190 23.46 11.51 30.98
CA SER G 190 23.34 12.46 32.08
C SER G 190 23.15 11.78 33.43
N HIS G 191 23.07 10.46 33.49
CA HIS G 191 22.88 9.75 34.74
C HIS G 191 23.93 8.65 34.88
N ARG G 192 24.19 8.28 36.13
CA ARG G 192 25.30 7.39 36.44
C ARG G 192 24.97 5.93 36.19
N SER G 193 23.72 5.53 36.41
CA SER G 193 23.33 4.14 36.17
C SER G 193 21.82 4.06 36.00
N TYR G 194 21.40 3.06 35.24
CA TYR G 194 19.99 2.72 35.07
C TYR G 194 19.78 1.27 35.50
N SER G 195 18.72 1.03 36.26
CA SER G 195 18.48 -0.26 36.87
C SER G 195 17.10 -0.80 36.48
N CYS G 196 17.04 -2.12 36.26
CA CYS G 196 15.79 -2.82 35.98
C CYS G 196 15.53 -3.78 37.13
N GLN G 197 14.38 -3.64 37.78
CA GLN G 197 14.03 -4.47 38.94
C GLN G 197 12.79 -5.29 38.58
N VAL G 198 12.95 -6.61 38.53
CA VAL G 198 11.87 -7.53 38.20
C VAL G 198 11.41 -8.20 39.48
N THR G 199 10.20 -7.89 39.93
CA THR G 199 9.64 -8.43 41.15
C THR G 199 8.69 -9.57 40.80
N HIS G 200 8.99 -10.76 41.32
CA HIS G 200 8.20 -11.95 41.04
C HIS G 200 8.04 -12.75 42.32
N GLU G 201 6.79 -12.91 42.78
CA GLU G 201 6.48 -13.65 44.00
C GLU G 201 7.23 -13.08 45.20
N GLY G 202 7.32 -11.75 45.27
CA GLY G 202 7.97 -11.09 46.38
C GLY G 202 9.48 -10.97 46.29
N SER G 203 10.11 -11.69 45.36
CA SER G 203 11.56 -11.64 45.19
C SER G 203 11.90 -10.73 44.01
N THR G 204 12.95 -9.93 44.18
CA THR G 204 13.40 -8.98 43.17
C THR G 204 14.76 -9.38 42.63
N VAL G 205 14.87 -9.41 41.31
CA VAL G 205 16.14 -9.57 40.61
C VAL G 205 16.43 -8.27 39.88
N GLU G 206 17.64 -7.75 40.06
CA GLU G 206 18.00 -6.45 39.50
C GLU G 206 19.21 -6.56 38.59
N LYS G 207 19.14 -5.85 37.47
CA LYS G 207 20.28 -5.65 36.57
C LYS G 207 20.47 -4.17 36.34
N THR G 208 21.72 -3.78 36.11
CA THR G 208 22.08 -2.37 36.00
C THR G 208 23.13 -2.19 34.92
N VAL G 209 22.99 -1.11 34.15
CA VAL G 209 23.98 -0.72 33.15
C VAL G 209 24.25 0.77 33.28
N ALA G 210 25.39 1.20 32.74
CA ALA G 210 25.85 2.57 32.83
C ALA G 210 26.37 3.02 31.48
N PRO G 211 26.28 4.32 31.17
CA PRO G 211 26.82 4.80 29.87
C PRO G 211 28.32 4.67 29.78
N THR G 212 29.04 4.90 30.89
CA THR G 212 30.49 4.82 30.88
C THR G 212 30.99 3.41 30.64
N GLU G 213 30.14 2.40 30.82
CA GLU G 213 30.50 1.00 30.61
C GLU G 213 30.51 0.73 29.11
N CYS G 214 31.63 1.04 28.48
CA CYS G 214 31.84 0.77 27.07
C CYS G 214 32.61 -0.53 26.88
N SER G 215 32.38 -1.18 25.73
CA SER G 215 32.99 -2.46 25.41
C SER G 215 32.66 -3.54 26.45
N GLU H 1 5.68 -33.24 0.11
CA GLU H 1 4.89 -32.84 1.28
C GLU H 1 3.85 -31.80 0.91
N VAL H 2 2.64 -31.95 1.45
CA VAL H 2 1.57 -30.99 1.20
C VAL H 2 1.94 -29.68 1.88
N GLN H 3 1.97 -28.60 1.11
CA GLN H 3 2.35 -27.29 1.60
C GLN H 3 1.38 -26.23 1.10
N LEU H 4 0.97 -25.35 2.01
CA LEU H 4 0.09 -24.22 1.72
C LEU H 4 0.79 -22.95 2.19
N VAL H 5 0.97 -22.00 1.27
CA VAL H 5 1.71 -20.78 1.53
C VAL H 5 0.81 -19.59 1.24
N GLU H 6 0.51 -18.80 2.27
CA GLU H 6 -0.30 -17.61 2.13
C GLU H 6 0.56 -16.40 1.76
N SER H 7 0.01 -15.54 0.91
CA SER H 7 0.60 -14.26 0.56
C SER H 7 -0.50 -13.22 0.52
N GLY H 8 -0.11 -11.96 0.38
CA GLY H 8 -1.01 -10.85 0.59
C GLY H 8 -0.96 -10.41 2.03
N GLY H 9 -2.09 -9.99 2.58
CA GLY H 9 -2.13 -9.57 3.96
C GLY H 9 -1.38 -8.27 4.21
N GLY H 10 -1.29 -7.93 5.49
CA GLY H 10 -0.68 -6.67 5.87
C GLY H 10 -1.71 -5.67 6.37
N LEU H 11 -1.44 -4.40 6.15
CA LEU H 11 -2.30 -3.32 6.65
C LEU H 11 -3.29 -2.91 5.57
N VAL H 12 -4.55 -2.73 5.96
CA VAL H 12 -5.60 -2.27 5.06
C VAL H 12 -6.43 -1.21 5.77
N GLU H 13 -6.75 -0.13 5.05
CA GLU H 13 -7.58 0.92 5.63
C GLU H 13 -9.01 0.41 5.77
N PRO H 14 -9.72 0.80 6.83
CA PRO H 14 -11.11 0.36 6.99
C PRO H 14 -11.95 0.72 5.77
N GLY H 15 -12.73 -0.26 5.29
CA GLY H 15 -13.49 -0.10 4.08
C GLY H 15 -12.76 -0.50 2.81
N GLY H 16 -11.43 -0.66 2.87
CA GLY H 16 -10.65 -0.99 1.70
C GLY H 16 -10.74 -2.46 1.34
N SER H 17 -9.93 -2.84 0.37
CA SER H 17 -9.93 -4.20 -0.15
C SER H 17 -8.54 -4.83 -0.05
N LEU H 18 -8.53 -6.15 -0.15
CA LEU H 18 -7.29 -6.93 -0.15
C LEU H 18 -7.59 -8.26 -0.83
N ARG H 19 -6.54 -8.94 -1.27
CA ARG H 19 -6.71 -10.26 -1.88
C ARG H 19 -5.63 -11.18 -1.31
N LEU H 20 -6.05 -12.14 -0.49
CA LEU H 20 -5.14 -13.14 0.03
C LEU H 20 -4.99 -14.27 -0.99
N SER H 21 -3.76 -14.75 -1.16
CA SER H 21 -3.47 -15.86 -2.03
C SER H 21 -2.93 -17.03 -1.22
N CYS H 22 -3.17 -18.24 -1.72
CA CYS H 22 -2.67 -19.44 -1.07
C CYS H 22 -2.19 -20.38 -2.16
N ALA H 23 -0.87 -20.57 -2.23
CA ALA H 23 -0.27 -21.48 -3.20
C ALA H 23 -0.11 -22.85 -2.57
N ALA H 24 -0.55 -23.87 -3.28
CA ALA H 24 -0.51 -25.25 -2.82
C ALA H 24 0.51 -26.03 -3.61
N SER H 25 1.24 -26.90 -2.92
CA SER H 25 2.18 -27.79 -3.59
C SER H 25 2.19 -29.13 -2.88
N GLY H 26 2.63 -30.17 -3.61
CA GLY H 26 2.70 -31.50 -3.06
C GLY H 26 1.45 -32.35 -3.23
N PHE H 27 0.41 -31.84 -3.89
CA PHE H 27 -0.80 -32.62 -4.09
C PHE H 27 -1.59 -32.03 -5.26
N ASN H 28 -2.47 -32.86 -5.82
CA ASN H 28 -3.33 -32.43 -6.92
C ASN H 28 -4.34 -31.41 -6.43
N PHE H 29 -3.98 -30.12 -6.51
CA PHE H 29 -4.81 -29.06 -5.92
C PHE H 29 -6.24 -29.11 -6.40
N SER H 30 -6.46 -29.48 -7.67
CA SER H 30 -7.82 -29.51 -8.21
C SER H 30 -8.69 -30.56 -7.54
N ASN H 31 -8.10 -31.54 -6.87
CA ASN H 31 -8.83 -32.67 -6.31
C ASN H 31 -9.29 -32.46 -4.88
N TYR H 32 -9.19 -31.24 -4.35
CA TYR H 32 -9.56 -30.97 -2.97
C TYR H 32 -10.25 -29.63 -2.85
N GLY H 33 -11.24 -29.55 -1.98
CA GLY H 33 -11.81 -28.28 -1.63
C GLY H 33 -10.91 -27.48 -0.69
N MET H 34 -11.20 -26.19 -0.57
CA MET H 34 -10.39 -25.30 0.24
C MET H 34 -11.27 -24.47 1.16
N ASN H 35 -10.70 -24.05 2.29
CA ASN H 35 -11.38 -23.25 3.29
C ASN H 35 -10.50 -22.10 3.71
N TRP H 36 -11.11 -20.94 3.88
CA TRP H 36 -10.49 -19.82 4.57
C TRP H 36 -11.07 -19.79 5.97
N VAL H 37 -10.19 -19.84 6.97
CA VAL H 37 -10.56 -19.82 8.38
C VAL H 37 -9.78 -18.70 9.04
N ARG H 38 -10.47 -17.75 9.67
CA ARG H 38 -9.78 -16.65 10.31
C ARG H 38 -9.83 -16.81 11.83
N GLN H 39 -8.94 -16.07 12.49
CA GLN H 39 -8.85 -16.07 13.95
C GLN H 39 -8.49 -14.66 14.40
N ALA H 40 -9.43 -13.98 15.04
CA ALA H 40 -9.15 -12.67 15.61
C ALA H 40 -8.13 -12.81 16.74
N PRO H 41 -7.29 -11.80 16.95
CA PRO H 41 -6.25 -11.90 17.98
C PRO H 41 -6.86 -12.12 19.36
N GLY H 42 -6.42 -13.20 20.02
CA GLY H 42 -6.92 -13.55 21.33
C GLY H 42 -8.29 -14.17 21.36
N LYS H 43 -8.88 -14.44 20.20
CA LYS H 43 -10.21 -15.02 20.10
C LYS H 43 -10.14 -16.38 19.43
N GLY H 44 -11.31 -17.00 19.27
CA GLY H 44 -11.39 -18.34 18.72
C GLY H 44 -11.29 -18.37 17.21
N LEU H 45 -11.32 -19.59 16.67
CA LEU H 45 -11.30 -19.79 15.23
C LEU H 45 -12.70 -19.64 14.65
N GLU H 46 -12.77 -19.02 13.48
CA GLU H 46 -14.02 -18.90 12.74
C GLU H 46 -13.78 -19.37 11.32
N CYS H 47 -14.57 -20.35 10.88
CA CYS H 47 -14.50 -20.85 9.51
C CYS H 47 -15.21 -19.84 8.60
N ILE H 48 -14.45 -19.19 7.73
CA ILE H 48 -15.01 -18.12 6.91
C ILE H 48 -15.70 -18.66 5.67
N SER H 49 -14.96 -19.41 4.85
CA SER H 49 -15.45 -19.71 3.52
C SER H 49 -14.93 -21.06 3.04
N TYR H 50 -15.68 -21.65 2.10
CA TYR H 50 -15.31 -22.91 1.48
C TYR H 50 -15.59 -22.84 -0.01
N ILE H 51 -14.66 -23.36 -0.80
CA ILE H 51 -14.83 -23.51 -2.23
C ILE H 51 -14.51 -24.95 -2.60
N SER H 52 -15.32 -25.52 -3.50
CA SER H 52 -15.13 -26.90 -3.92
C SER H 52 -13.97 -27.00 -4.92
N GLY H 53 -13.60 -28.24 -5.22
CA GLY H 53 -12.49 -28.48 -6.15
C GLY H 53 -12.75 -27.88 -7.52
N SER H 54 -13.99 -27.97 -8.00
CA SER H 54 -14.38 -27.41 -9.28
C SER H 54 -14.93 -25.99 -9.15
N SER H 55 -14.76 -25.36 -7.99
CA SER H 55 -15.28 -24.01 -7.72
C SER H 55 -16.78 -23.92 -8.02
N SER H 56 -17.49 -25.04 -7.92
CA SER H 56 -18.93 -25.03 -8.18
C SER H 56 -19.72 -24.63 -6.95
N THR H 57 -19.29 -25.08 -5.78
CA THR H 57 -19.94 -24.77 -4.52
C THR H 57 -19.06 -23.80 -3.72
N LYS H 58 -19.66 -22.67 -3.32
CA LYS H 58 -18.99 -21.71 -2.45
C LYS H 58 -19.91 -21.41 -1.27
N TYR H 59 -19.43 -21.69 -0.07
CA TYR H 59 -20.13 -21.33 1.16
C TYR H 59 -19.39 -20.18 1.83
N TYR H 60 -20.15 -19.26 2.42
CA TYR H 60 -19.60 -18.13 3.15
C TYR H 60 -20.27 -18.02 4.51
N ALA H 61 -19.48 -17.63 5.52
CA ALA H 61 -20.03 -17.37 6.84
C ALA H 61 -20.90 -16.11 6.80
N ASP H 62 -21.90 -16.08 7.68
CA ASP H 62 -22.79 -14.93 7.75
C ASP H 62 -22.01 -13.63 7.96
N SER H 63 -20.96 -13.68 8.78
CA SER H 63 -20.20 -12.47 9.12
C SER H 63 -19.47 -11.90 7.92
N VAL H 64 -19.16 -12.72 6.91
CA VAL H 64 -18.38 -12.29 5.76
C VAL H 64 -19.17 -12.37 4.46
N LYS H 65 -20.45 -12.72 4.50
CA LYS H 65 -21.25 -12.79 3.29
C LYS H 65 -21.42 -11.40 2.68
N GLY H 66 -21.41 -11.35 1.34
CA GLY H 66 -21.53 -10.10 0.62
C GLY H 66 -20.28 -9.27 0.56
N ARG H 67 -19.33 -9.49 1.46
CA ARG H 67 -18.07 -8.76 1.47
C ARG H 67 -16.90 -9.58 0.91
N PHE H 68 -16.79 -10.84 1.31
CA PHE H 68 -15.69 -11.69 0.86
C PHE H 68 -16.11 -12.52 -0.34
N THR H 69 -15.13 -12.86 -1.17
CA THR H 69 -15.36 -13.62 -2.40
C THR H 69 -14.23 -14.65 -2.55
N ILE H 70 -14.57 -15.93 -2.50
CA ILE H 70 -13.57 -16.98 -2.62
C ILE H 70 -13.45 -17.41 -4.08
N SER H 71 -12.24 -17.70 -4.51
CA SER H 71 -11.95 -18.04 -5.90
C SER H 71 -10.78 -19.02 -5.94
N ARG H 72 -10.54 -19.59 -7.11
CA ARG H 72 -9.38 -20.47 -7.25
C ARG H 72 -9.04 -20.67 -8.73
N ASP H 73 -7.75 -20.86 -8.97
CA ASP H 73 -7.22 -21.23 -10.27
C ASP H 73 -6.49 -22.56 -10.10
N ASN H 74 -7.04 -23.63 -10.67
CA ASN H 74 -6.45 -24.96 -10.52
C ASN H 74 -5.18 -25.09 -11.35
N ALA H 75 -5.14 -24.48 -12.54
CA ALA H 75 -3.94 -24.51 -13.35
C ALA H 75 -2.76 -23.86 -12.67
N LYS H 76 -3.01 -22.94 -11.74
CA LYS H 76 -1.96 -22.24 -11.00
C LYS H 76 -1.83 -22.73 -9.57
N ASN H 77 -2.61 -23.73 -9.16
CA ASN H 77 -2.57 -24.25 -7.79
C ASN H 77 -2.78 -23.13 -6.78
N SER H 78 -3.66 -22.18 -7.11
CA SER H 78 -3.83 -20.98 -6.31
C SER H 78 -5.25 -20.87 -5.80
N LEU H 79 -5.39 -20.53 -4.52
CA LEU H 79 -6.66 -20.18 -3.90
C LEU H 79 -6.64 -18.70 -3.57
N TYR H 80 -7.78 -18.02 -3.74
CA TYR H 80 -7.86 -16.59 -3.54
C TYR H 80 -9.03 -16.24 -2.63
N LEU H 81 -8.81 -15.26 -1.76
CA LEU H 81 -9.87 -14.68 -0.94
C LEU H 81 -9.85 -13.18 -1.15
N GLN H 82 -10.83 -12.66 -1.87
CA GLN H 82 -10.98 -11.23 -2.10
C GLN H 82 -11.83 -10.64 -0.98
N MET H 83 -11.19 -9.88 -0.10
CA MET H 83 -11.86 -9.27 1.04
C MET H 83 -12.17 -7.81 0.70
N ASN H 84 -13.45 -7.46 0.73
CA ASN H 84 -13.91 -6.12 0.46
C ASN H 84 -14.72 -5.60 1.65
N SER H 85 -14.85 -4.28 1.74
CA SER H 85 -15.61 -3.63 2.80
C SER H 85 -15.06 -4.04 4.16
N LEU H 86 -13.75 -3.97 4.31
CA LEU H 86 -13.10 -4.45 5.52
C LEU H 86 -13.41 -3.55 6.71
N ARG H 87 -13.68 -4.18 7.84
CA ARG H 87 -13.94 -3.52 9.11
C ARG H 87 -12.83 -3.86 10.07
N ASP H 88 -12.78 -3.14 11.20
CA ASP H 88 -11.82 -3.49 12.25
C ASP H 88 -12.07 -4.88 12.79
N GLU H 89 -13.28 -5.41 12.64
CA GLU H 89 -13.60 -6.75 13.11
C GLU H 89 -13.04 -7.83 12.19
N ASP H 90 -12.54 -7.45 11.01
CA ASP H 90 -11.92 -8.39 10.09
C ASP H 90 -10.43 -8.54 10.34
N THR H 91 -9.85 -7.75 11.26
CA THR H 91 -8.45 -7.90 11.61
C THR H 91 -8.24 -9.25 12.27
N ALA H 92 -7.42 -10.09 11.64
CA ALA H 92 -7.28 -11.47 12.12
C ALA H 92 -6.13 -12.14 11.38
N VAL H 93 -5.71 -13.28 11.91
CA VAL H 93 -4.83 -14.17 11.16
C VAL H 93 -5.71 -15.05 10.28
N TYR H 94 -5.45 -15.04 8.98
CA TYR H 94 -6.24 -15.77 8.01
C TYR H 94 -5.47 -17.01 7.58
N TYR H 95 -6.06 -18.18 7.83
CA TYR H 95 -5.47 -19.47 7.53
C TYR H 95 -6.15 -20.09 6.32
N CYS H 96 -5.37 -20.80 5.52
CA CYS H 96 -5.81 -21.50 4.32
C CYS H 96 -5.71 -23.00 4.59
N ALA H 97 -6.84 -23.70 4.53
CA ALA H 97 -6.90 -25.09 4.98
C ALA H 97 -7.51 -25.98 3.91
N ARG H 98 -6.91 -27.14 3.68
CA ARG H 98 -7.43 -28.10 2.73
C ARG H 98 -8.61 -28.85 3.35
N ASP H 99 -9.56 -29.23 2.50
CA ASP H 99 -10.79 -29.89 2.93
C ASP H 99 -10.67 -31.37 2.59
N HIS H 100 -10.16 -32.14 3.55
CA HIS H 100 -9.93 -33.58 3.37
C HIS H 100 -10.33 -34.27 4.67
N TRP H 101 -11.61 -34.68 4.74
CA TRP H 101 -12.19 -35.31 5.93
C TRP H 101 -12.13 -34.38 7.15
N GLY H 102 -12.05 -33.09 6.90
CA GLY H 102 -11.78 -32.08 7.90
C GLY H 102 -10.91 -31.01 7.31
N LEU H 103 -10.18 -30.31 8.17
CA LEU H 103 -9.19 -29.32 7.76
C LEU H 103 -7.82 -29.87 8.14
N ASP H 104 -7.30 -30.75 7.28
CA ASP H 104 -6.13 -31.54 7.65
C ASP H 104 -4.83 -30.76 7.50
N TYR H 105 -4.68 -29.99 6.43
CA TYR H 105 -3.47 -29.21 6.20
C TYR H 105 -3.81 -27.73 6.17
N TRP H 106 -3.10 -26.95 6.98
CA TRP H 106 -3.32 -25.52 7.09
C TRP H 106 -2.14 -24.77 6.47
N GLY H 107 -2.38 -23.51 6.14
CA GLY H 107 -1.29 -22.62 5.83
C GLY H 107 -0.66 -22.03 7.08
N GLN H 108 0.44 -21.31 6.90
CA GLN H 108 1.06 -20.65 8.04
C GLN H 108 0.21 -19.49 8.56
N GLY H 109 -0.76 -19.04 7.76
CA GLY H 109 -1.56 -17.90 8.15
C GLY H 109 -0.93 -16.59 7.76
N THR H 110 -1.75 -15.63 7.37
CA THR H 110 -1.28 -14.28 7.04
C THR H 110 -2.10 -13.29 7.84
N LEU H 111 -1.43 -12.33 8.46
CA LEU H 111 -2.11 -11.39 9.35
C LEU H 111 -2.65 -10.22 8.54
N VAL H 112 -3.94 -9.95 8.70
CA VAL H 112 -4.60 -8.82 8.06
C VAL H 112 -5.03 -7.87 9.16
N THR H 113 -4.39 -6.72 9.21
CA THR H 113 -4.65 -5.67 10.21
C THR H 113 -5.43 -4.55 9.53
N VAL H 114 -6.66 -4.34 9.98
CA VAL H 114 -7.50 -3.26 9.45
C VAL H 114 -7.33 -2.07 10.38
N SER H 115 -6.54 -1.10 9.94
CA SER H 115 -6.28 0.10 10.73
C SER H 115 -6.03 1.27 9.81
N SER H 116 -6.52 2.45 10.21
CA SER H 116 -6.27 3.67 9.47
C SER H 116 -4.82 4.14 9.59
N ALA H 117 -4.02 3.51 10.45
CA ALA H 117 -2.61 3.84 10.60
C ALA H 117 -1.83 3.56 9.32
N SER H 118 -0.52 3.81 9.35
CA SER H 118 0.32 3.65 8.17
C SER H 118 1.35 2.56 8.41
N THR H 119 1.76 1.92 7.33
CA THR H 119 2.81 0.91 7.42
C THR H 119 4.14 1.58 7.69
N LYS H 120 4.95 0.98 8.55
CA LYS H 120 6.23 1.55 8.93
C LYS H 120 7.20 0.42 9.20
N GLY H 121 8.36 0.48 8.54
CA GLY H 121 9.35 -0.56 8.66
C GLY H 121 10.18 -0.44 9.92
N PRO H 122 10.76 -1.54 10.36
CA PRO H 122 11.52 -1.54 11.61
C PRO H 122 12.88 -0.88 11.46
N SER H 123 13.44 -0.53 12.62
CA SER H 123 14.82 -0.12 12.74
C SER H 123 15.52 -1.15 13.62
N VAL H 124 16.53 -1.80 13.07
CA VAL H 124 17.22 -2.89 13.76
C VAL H 124 18.57 -2.37 14.28
N PHE H 125 18.79 -2.55 15.58
CA PHE H 125 20.04 -2.16 16.22
C PHE H 125 20.61 -3.35 16.98
N PRO H 126 21.87 -3.72 16.75
CA PRO H 126 22.42 -4.89 17.46
C PRO H 126 22.64 -4.61 18.94
N LEU H 127 22.29 -5.61 19.77
CA LEU H 127 22.54 -5.58 21.20
C LEU H 127 23.77 -6.44 21.47
N ALA H 128 24.91 -5.77 21.65
CA ALA H 128 26.19 -6.45 21.75
C ALA H 128 26.34 -7.12 23.11
N PRO H 129 27.07 -8.24 23.19
CA PRO H 129 27.32 -8.88 24.48
C PRO H 129 28.41 -8.13 25.25
N SER H 130 28.10 -7.81 26.50
CA SER H 130 29.04 -7.10 27.37
C SER H 130 30.28 -7.93 27.69
N SER H 131 31.04 -7.50 28.70
CA SER H 131 32.22 -8.24 29.14
C SER H 131 31.82 -9.49 29.92
N THR H 138 28.99 -17.88 29.33
CA THR H 138 27.90 -17.73 28.37
C THR H 138 27.57 -16.26 28.14
N ALA H 139 27.67 -15.82 26.88
CA ALA H 139 27.40 -14.45 26.50
C ALA H 139 26.05 -14.36 25.80
N ALA H 140 25.21 -13.44 26.24
CA ALA H 140 23.89 -13.22 25.65
C ALA H 140 23.95 -12.00 24.74
N LEU H 141 23.61 -12.19 23.47
CA LEU H 141 23.68 -11.13 22.47
C LEU H 141 22.45 -11.21 21.58
N GLY H 142 22.02 -10.06 21.06
CA GLY H 142 20.82 -10.06 20.27
C GLY H 142 20.70 -8.88 19.33
N CYS H 143 19.45 -8.58 18.95
CA CYS H 143 19.15 -7.42 18.13
C CYS H 143 17.76 -6.90 18.50
N LEU H 144 17.64 -5.57 18.54
CA LEU H 144 16.40 -4.89 18.82
C LEU H 144 15.75 -4.45 17.52
N VAL H 145 14.48 -4.82 17.33
CA VAL H 145 13.67 -4.43 16.19
C VAL H 145 12.66 -3.40 16.68
N LYS H 146 12.97 -2.13 16.53
CA LYS H 146 12.23 -1.03 17.16
C LYS H 146 11.40 -0.26 16.15
N ASP H 147 10.25 0.22 16.61
CA ASP H 147 9.39 1.15 15.85
C ASP H 147 9.02 0.59 14.49
N TYR H 148 8.03 -0.30 14.45
CA TYR H 148 7.54 -0.88 13.20
C TYR H 148 6.05 -1.13 13.32
N PHE H 149 5.37 -1.15 12.16
CA PHE H 149 3.94 -1.38 12.14
C PHE H 149 3.54 -1.78 10.73
N PRO H 150 2.64 -2.75 10.57
CA PRO H 150 1.97 -3.54 11.60
C PRO H 150 2.75 -4.81 11.94
N GLU H 151 2.12 -5.73 12.66
CA GLU H 151 2.73 -7.00 13.00
C GLU H 151 2.72 -7.94 11.79
N PRO H 152 3.62 -8.92 11.75
CA PRO H 152 4.71 -9.18 12.69
C PRO H 152 6.08 -9.07 12.02
N VAL H 153 7.15 -9.33 12.76
CA VAL H 153 8.46 -9.49 12.15
C VAL H 153 8.98 -10.88 12.51
N THR H 154 9.74 -11.46 11.59
CA THR H 154 10.38 -12.75 11.80
C THR H 154 11.88 -12.53 11.89
N VAL H 155 12.48 -13.01 12.97
CA VAL H 155 13.89 -12.77 13.23
C VAL H 155 14.57 -14.13 13.40
N SER H 156 15.46 -14.45 12.47
CA SER H 156 16.31 -15.63 12.56
C SER H 156 17.76 -15.19 12.71
N TRP H 157 18.67 -16.16 12.74
CA TRP H 157 20.09 -15.85 12.91
C TRP H 157 20.91 -16.64 11.91
N ASN H 158 21.92 -15.96 11.33
CA ASN H 158 22.79 -16.53 10.30
C ASN H 158 21.99 -17.28 9.23
N SER H 159 21.13 -16.52 8.53
CA SER H 159 20.29 -17.01 7.44
C SER H 159 19.40 -18.17 7.87
N GLY H 160 19.10 -18.27 9.16
CA GLY H 160 18.31 -19.38 9.66
C GLY H 160 19.08 -20.63 10.00
N ALA H 161 20.29 -20.48 10.55
CA ALA H 161 21.10 -21.64 10.90
C ALA H 161 21.33 -21.78 12.39
N LEU H 162 21.05 -20.74 13.18
CA LEU H 162 21.16 -20.80 14.63
C LEU H 162 19.77 -21.13 15.18
N THR H 163 19.62 -22.30 15.78
CA THR H 163 18.37 -22.65 16.47
C THR H 163 18.49 -22.69 17.97
N SER H 164 19.64 -23.12 18.50
CA SER H 164 19.80 -23.24 19.95
C SER H 164 20.06 -21.88 20.57
N GLY H 165 19.51 -21.68 21.76
CA GLY H 165 19.68 -20.43 22.48
C GLY H 165 18.82 -19.28 22.03
N VAL H 166 18.29 -19.33 20.81
CA VAL H 166 17.50 -18.23 20.24
C VAL H 166 16.16 -18.15 20.97
N HIS H 167 15.95 -17.05 21.69
CA HIS H 167 14.65 -16.72 22.26
C HIS H 167 14.24 -15.35 21.71
N THR H 168 13.24 -15.34 20.83
CA THR H 168 12.69 -14.12 20.27
C THR H 168 11.46 -13.73 21.08
N PHE H 169 11.51 -12.53 21.68
CA PHE H 169 10.48 -12.07 22.60
C PHE H 169 9.31 -11.42 21.85
N PRO H 170 8.12 -11.44 22.45
CA PRO H 170 6.99 -10.72 21.87
C PRO H 170 7.24 -9.21 21.87
N ALA H 171 6.51 -8.53 21.00
CA ALA H 171 6.70 -7.09 20.84
C ALA H 171 5.88 -6.30 21.87
N VAL H 172 6.34 -5.08 22.16
CA VAL H 172 5.58 -4.13 22.95
C VAL H 172 4.84 -3.18 22.03
N LEU H 173 3.66 -2.76 22.44
CA LEU H 173 2.93 -1.69 21.75
C LEU H 173 3.28 -0.38 22.43
N GLN H 174 4.28 0.31 21.89
CA GLN H 174 4.74 1.57 22.46
C GLN H 174 3.62 2.60 22.45
N SER H 175 3.81 3.65 23.26
CA SER H 175 2.82 4.73 23.31
C SER H 175 2.63 5.37 21.95
N SER H 176 3.65 5.33 21.09
CA SER H 176 3.57 5.89 19.75
C SER H 176 2.66 5.08 18.83
N GLY H 177 2.22 3.89 19.25
CA GLY H 177 1.48 3.00 18.39
C GLY H 177 2.32 2.04 17.58
N LEU H 178 3.64 2.17 17.63
CA LEU H 178 4.53 1.28 16.89
C LEU H 178 4.99 0.14 17.80
N TYR H 179 5.26 -1.00 17.18
CA TYR H 179 5.74 -2.17 17.90
C TYR H 179 7.27 -2.17 17.96
N SER H 180 7.79 -3.00 18.87
CA SER H 180 9.22 -3.22 18.96
C SER H 180 9.44 -4.46 19.80
N LEU H 181 10.36 -5.32 19.34
CA LEU H 181 10.68 -6.54 20.04
C LEU H 181 12.20 -6.70 20.09
N SER H 182 12.63 -7.72 20.81
CA SER H 182 14.03 -8.10 20.88
C SER H 182 14.17 -9.57 20.53
N SER H 183 15.30 -9.92 19.94
CA SER H 183 15.60 -11.31 19.64
C SER H 183 17.02 -11.57 20.11
N VAL H 184 17.17 -12.44 21.10
CA VAL H 184 18.46 -12.68 21.73
C VAL H 184 18.83 -14.15 21.57
N VAL H 185 20.08 -14.45 21.91
CA VAL H 185 20.61 -15.80 21.91
C VAL H 185 21.78 -15.84 22.87
N THR H 186 21.85 -16.91 23.66
CA THR H 186 22.96 -17.15 24.56
C THR H 186 23.91 -18.15 23.89
N VAL H 187 25.16 -17.75 23.73
CA VAL H 187 26.16 -18.59 23.07
C VAL H 187 27.34 -18.75 24.01
N PRO H 188 28.21 -19.73 23.76
CA PRO H 188 29.48 -19.79 24.50
C PRO H 188 30.30 -18.54 24.24
N SER H 189 30.73 -17.90 25.33
CA SER H 189 31.54 -16.68 25.23
C SER H 189 32.87 -16.93 24.53
N SER H 190 33.26 -18.19 24.32
CA SER H 190 34.47 -18.55 23.59
C SER H 190 34.29 -18.49 22.07
N SER H 191 33.16 -18.00 21.58
CA SER H 191 32.91 -17.91 20.14
C SER H 191 32.70 -16.49 19.65
N LEU H 192 32.89 -15.49 20.51
CA LEU H 192 32.64 -14.10 20.11
C LEU H 192 33.62 -13.64 19.03
N GLY H 193 34.89 -14.02 19.15
CA GLY H 193 35.90 -13.60 18.19
C GLY H 193 36.11 -14.53 17.02
N THR H 194 35.49 -15.70 17.02
CA THR H 194 35.65 -16.66 15.94
C THR H 194 34.39 -16.89 15.11
N GLN H 195 33.22 -16.50 15.61
CA GLN H 195 31.96 -16.66 14.90
C GLN H 195 31.27 -15.32 14.76
N THR H 196 30.84 -15.01 13.54
CA THR H 196 30.06 -13.80 13.27
C THR H 196 28.57 -14.14 13.32
N TYR H 197 27.80 -13.29 14.00
CA TYR H 197 26.37 -13.53 14.25
C TYR H 197 25.54 -12.53 13.44
N ILE H 198 24.86 -13.02 12.41
CA ILE H 198 24.05 -12.18 11.52
C ILE H 198 22.59 -12.38 11.89
N CYS H 199 22.01 -11.39 12.58
CA CYS H 199 20.59 -11.38 12.91
C CYS H 199 19.80 -10.93 11.67
N ASN H 200 18.98 -11.84 11.14
CA ASN H 200 18.19 -11.59 9.93
C ASN H 200 16.76 -11.25 10.33
N VAL H 201 16.38 -9.99 10.15
CA VAL H 201 15.03 -9.52 10.43
C VAL H 201 14.28 -9.38 9.12
N ASN H 202 13.00 -9.75 9.13
CA ASN H 202 12.14 -9.60 7.97
C ASN H 202 10.76 -9.13 8.42
N HIS H 203 10.33 -8.01 7.88
CA HIS H 203 9.00 -7.43 8.12
C HIS H 203 8.29 -7.47 6.78
N LYS H 204 7.51 -8.54 6.58
CA LYS H 204 6.77 -8.71 5.33
C LYS H 204 5.77 -7.60 5.04
N PRO H 205 5.02 -7.06 6.01
CA PRO H 205 4.07 -5.99 5.67
C PRO H 205 4.73 -4.75 5.07
N SER H 206 6.02 -4.56 5.27
CA SER H 206 6.75 -3.45 4.68
C SER H 206 7.86 -3.91 3.74
N ASN H 207 7.94 -5.21 3.44
CA ASN H 207 8.98 -5.76 2.57
C ASN H 207 10.36 -5.29 3.01
N THR H 208 10.63 -5.47 4.30
CA THR H 208 11.88 -5.00 4.90
C THR H 208 12.71 -6.21 5.31
N LYS H 209 13.73 -6.52 4.51
CA LYS H 209 14.72 -7.52 4.86
C LYS H 209 16.00 -6.81 5.31
N VAL H 210 16.54 -7.22 6.45
CA VAL H 210 17.76 -6.60 6.98
C VAL H 210 18.59 -7.63 7.72
N ASP H 211 19.83 -7.83 7.28
CA ASP H 211 20.75 -8.79 7.89
C ASP H 211 21.83 -8.01 8.63
N LYS H 212 21.57 -7.72 9.90
CA LYS H 212 22.47 -6.90 10.71
C LYS H 212 23.43 -7.79 11.50
N LYS H 213 24.72 -7.47 11.45
CA LYS H 213 25.72 -8.25 12.17
C LYS H 213 25.89 -7.70 13.58
N VAL H 214 26.04 -8.60 14.54
CA VAL H 214 26.25 -8.24 15.94
C VAL H 214 27.71 -8.54 16.28
N GLU H 215 28.47 -7.50 16.59
CA GLU H 215 29.85 -7.66 16.96
C GLU H 215 30.03 -7.44 18.46
N PRO H 216 30.97 -8.14 19.09
CA PRO H 216 31.19 -7.94 20.53
C PRO H 216 31.72 -6.55 20.82
N LYS H 217 31.49 -6.11 22.06
CA LYS H 217 31.92 -4.80 22.54
C LYS H 217 31.40 -3.66 21.67
N ASP I 4 -12.14 -69.79 -1.69
CA ASP I 4 -11.60 -68.98 -2.78
C ASP I 4 -11.91 -67.51 -2.54
N THR I 5 -10.87 -66.68 -2.54
CA THR I 5 -10.99 -65.28 -2.14
C THR I 5 -10.35 -64.36 -3.17
N ILE I 6 -10.87 -63.14 -3.22
CA ILE I 6 -10.25 -62.04 -3.95
C ILE I 6 -9.21 -61.39 -3.06
N THR I 7 -8.04 -61.08 -3.63
CA THR I 7 -6.93 -60.50 -2.89
C THR I 7 -6.63 -59.12 -3.46
N LEU I 8 -6.93 -58.09 -2.67
CA LEU I 8 -6.64 -56.72 -3.05
C LEU I 8 -5.25 -56.35 -2.54
N PRO I 9 -4.33 -55.97 -3.42
CA PRO I 9 -2.99 -55.57 -2.95
C PRO I 9 -3.04 -54.18 -2.33
N CYS I 10 -2.35 -54.03 -1.21
CA CYS I 10 -2.40 -52.80 -0.43
C CYS I 10 -1.01 -52.26 -0.20
N ARG I 11 -0.89 -50.94 -0.20
CA ARG I 11 0.38 -50.27 0.04
C ARG I 11 0.16 -49.08 0.97
N PRO I 12 0.80 -49.05 2.15
CA PRO I 12 1.71 -50.06 2.73
C PRO I 12 0.95 -51.26 3.28
N ALA I 13 1.65 -52.21 3.89
CA ALA I 13 1.03 -53.42 4.40
C ALA I 13 0.13 -53.12 5.59
N PRO I 14 -1.17 -53.37 5.49
CA PRO I 14 -2.07 -53.07 6.61
C PRO I 14 -1.93 -54.10 7.71
N PRO I 15 -1.77 -53.66 8.96
CA PRO I 15 -1.61 -54.60 10.07
C PRO I 15 -2.87 -55.41 10.29
N PRO I 16 -2.77 -56.54 11.00
CA PRO I 16 -3.94 -57.42 11.14
C PRO I 16 -5.17 -56.75 11.73
N HIS I 17 -4.98 -55.77 12.61
CA HIS I 17 -6.13 -55.18 13.31
C HIS I 17 -6.93 -54.23 12.44
N CYS I 18 -6.52 -53.98 11.20
CA CYS I 18 -7.28 -53.12 10.30
C CYS I 18 -8.33 -53.89 9.51
N SER I 19 -8.52 -55.17 9.80
CA SER I 19 -9.57 -55.94 9.13
C SER I 19 -10.94 -55.34 9.47
N SER I 20 -11.78 -55.21 8.45
CA SER I 20 -12.98 -54.38 8.57
C SER I 20 -14.18 -55.13 8.02
N ASN I 21 -15.34 -54.49 8.13
CA ASN I 21 -16.62 -54.99 7.62
C ASN I 21 -17.13 -53.99 6.58
N ILE I 22 -17.01 -54.35 5.30
CA ILE I 22 -17.61 -53.55 4.24
C ILE I 22 -19.11 -53.50 4.46
N THR I 23 -19.61 -52.33 4.85
CA THR I 23 -21.03 -52.12 5.11
C THR I 23 -21.71 -51.34 4.00
N GLY I 24 -21.00 -51.07 2.91
CA GLY I 24 -21.58 -50.28 1.85
C GLY I 24 -20.49 -49.84 0.89
N LEU I 25 -20.93 -49.11 -0.14
CA LEU I 25 -20.01 -48.58 -1.13
C LEU I 25 -20.69 -47.42 -1.85
N ILE I 26 -19.92 -46.77 -2.72
CA ILE I 26 -20.40 -45.60 -3.45
C ILE I 26 -20.04 -45.79 -4.92
N LEU I 27 -21.02 -45.65 -5.79
CA LEU I 27 -20.88 -45.94 -7.21
C LEU I 27 -21.17 -44.71 -8.05
N THR I 28 -20.80 -44.81 -9.32
CA THR I 28 -21.11 -43.80 -10.32
C THR I 28 -21.50 -44.53 -11.60
N ARG I 29 -22.68 -44.21 -12.11
CA ARG I 29 -23.15 -44.74 -13.37
C ARG I 29 -22.47 -44.01 -14.52
N GLN I 30 -22.09 -44.75 -15.55
CA GLN I 30 -21.36 -44.16 -16.66
C GLN I 30 -22.31 -43.50 -17.67
N ALA I 36 -27.27 -49.78 -24.38
CA ALA I 36 -27.67 -51.04 -25.02
C ALA I 36 -28.20 -52.03 -23.98
N ASN I 37 -29.11 -51.56 -23.13
CA ASN I 37 -29.74 -52.35 -22.09
C ASN I 37 -28.75 -52.82 -21.03
N THR I 38 -27.49 -52.45 -21.16
CA THR I 38 -26.45 -52.79 -20.19
C THR I 38 -25.94 -51.51 -19.55
N VAL I 39 -26.16 -51.39 -18.25
CA VAL I 39 -25.75 -50.21 -17.49
C VAL I 39 -24.43 -50.52 -16.79
N ILE I 40 -23.45 -49.64 -16.97
CA ILE I 40 -22.12 -49.81 -16.40
C ILE I 40 -21.99 -48.91 -15.17
N PHE I 41 -21.58 -49.51 -14.06
CA PHE I 41 -21.26 -48.77 -12.85
C PHE I 41 -19.78 -48.92 -12.54
N ARG I 42 -19.24 -47.90 -11.87
CA ARG I 42 -17.85 -47.89 -11.44
C ARG I 42 -17.79 -47.39 -10.00
N PRO I 43 -16.72 -47.71 -9.28
CA PRO I 43 -16.55 -47.12 -7.94
C PRO I 43 -16.34 -45.62 -8.04
N SER I 44 -17.14 -44.87 -7.28
CA SER I 44 -17.07 -43.42 -7.32
C SER I 44 -15.70 -42.93 -6.87
N GLY I 45 -15.06 -42.13 -7.71
CA GLY I 45 -13.77 -41.56 -7.38
C GLY I 45 -13.85 -40.05 -7.20
N GLY I 46 -14.94 -39.59 -6.61
CA GLY I 46 -15.19 -38.16 -6.48
C GLY I 46 -14.55 -37.50 -5.28
N ASP I 47 -15.38 -37.00 -4.37
CA ASP I 47 -14.96 -36.15 -3.27
C ASP I 47 -15.34 -36.82 -1.94
N TRP I 48 -14.58 -36.50 -0.89
CA TRP I 48 -14.92 -37.01 0.44
C TRP I 48 -16.29 -36.56 0.87
N ARG I 49 -16.73 -35.39 0.39
CA ARG I 49 -18.04 -34.87 0.76
C ARG I 49 -19.18 -35.70 0.17
N ASP I 50 -18.94 -36.46 -0.90
CA ASP I 50 -19.95 -37.40 -1.37
C ASP I 50 -20.15 -38.53 -0.37
N ILE I 51 -19.04 -39.17 0.05
CA ILE I 51 -19.09 -40.17 1.11
C ILE I 51 -19.77 -39.59 2.35
N ALA I 52 -19.54 -38.30 2.61
CA ALA I 52 -20.24 -37.64 3.72
C ALA I 52 -21.73 -37.52 3.44
N ARG I 53 -22.10 -37.25 2.18
CA ARG I 53 -23.50 -37.12 1.82
C ARG I 53 -24.25 -38.43 1.94
N CYS I 54 -23.55 -39.57 1.88
CA CYS I 54 -24.22 -40.85 2.08
C CYS I 54 -24.77 -40.97 3.50
N GLN I 55 -24.00 -40.53 4.50
CA GLN I 55 -24.43 -40.55 5.90
C GLN I 55 -24.67 -41.97 6.39
N ILE I 56 -23.86 -42.92 5.91
CA ILE I 56 -23.88 -44.29 6.36
C ILE I 56 -22.46 -44.79 6.55
N ALA I 57 -21.49 -43.92 6.26
CA ALA I 57 -20.09 -44.35 6.18
C ALA I 57 -19.47 -44.61 7.54
N GLY I 58 -20.06 -44.09 8.61
CA GLY I 58 -19.51 -44.31 9.94
C GLY I 58 -18.34 -43.40 10.24
N THR I 59 -17.57 -43.78 11.26
CA THR I 59 -16.49 -42.94 11.76
C THR I 59 -15.16 -43.20 11.09
N VAL I 60 -15.01 -44.28 10.33
CA VAL I 60 -13.72 -44.61 9.72
C VAL I 60 -13.66 -43.95 8.35
N VAL I 61 -12.50 -43.36 8.05
CA VAL I 61 -12.28 -42.68 6.78
C VAL I 61 -11.96 -43.74 5.73
N SER I 62 -12.77 -43.80 4.67
CA SER I 62 -12.55 -44.79 3.63
C SER I 62 -13.20 -44.31 2.34
N THR I 63 -12.62 -44.74 1.22
CA THR I 63 -13.10 -44.38 -0.10
C THR I 63 -13.57 -45.62 -0.83
N GLN I 64 -14.52 -45.41 -1.75
CA GLN I 64 -15.14 -46.47 -2.55
C GLN I 64 -15.98 -47.41 -1.69
N LEU I 65 -15.39 -47.99 -0.64
CA LEU I 65 -16.07 -48.90 0.25
C LEU I 65 -16.20 -48.29 1.64
N PHE I 66 -17.37 -48.43 2.23
CA PHE I 66 -17.63 -47.93 3.57
C PHE I 66 -17.27 -49.01 4.58
N LEU I 67 -16.27 -48.75 5.42
CA LEU I 67 -15.80 -49.72 6.39
C LEU I 67 -16.42 -49.45 7.74
N ASN I 68 -16.78 -50.53 8.44
CA ASN I 68 -17.37 -50.50 9.79
C ASN I 68 -18.57 -49.56 9.91
N GLY I 69 -19.16 -49.15 8.80
CA GLY I 69 -20.25 -48.21 8.85
C GLY I 69 -21.53 -48.86 9.33
N SER I 70 -22.64 -48.16 9.10
CA SER I 70 -23.96 -48.63 9.53
C SER I 70 -24.58 -49.47 8.43
N LEU I 71 -25.11 -50.63 8.81
CA LEU I 71 -25.74 -51.54 7.86
C LEU I 71 -27.23 -51.24 7.72
N ALA I 72 -27.80 -51.71 6.62
CA ALA I 72 -29.21 -51.52 6.37
C ALA I 72 -30.04 -52.52 7.16
N GLU I 73 -31.32 -52.19 7.33
CA GLU I 73 -32.19 -52.96 8.21
C GLU I 73 -32.43 -54.37 7.69
N GLU I 74 -33.21 -54.49 6.61
CA GLU I 74 -33.63 -55.80 6.11
C GLU I 74 -32.87 -56.23 4.86
N GLU I 75 -32.71 -55.32 3.89
CA GLU I 75 -32.14 -55.69 2.59
C GLU I 75 -31.32 -54.53 2.04
N VAL I 76 -30.52 -54.85 1.02
CA VAL I 76 -29.67 -53.85 0.37
C VAL I 76 -30.51 -52.68 -0.14
N VAL I 77 -30.07 -51.46 0.17
CA VAL I 77 -30.78 -50.25 -0.25
C VAL I 77 -29.81 -49.34 -0.98
N ILE I 78 -30.21 -48.87 -2.16
CA ILE I 78 -29.42 -47.93 -2.95
C ILE I 78 -30.13 -46.58 -2.94
N ARG I 79 -29.36 -45.50 -2.87
CA ARG I 79 -29.91 -44.16 -2.81
C ARG I 79 -29.09 -43.23 -3.69
N SER I 80 -29.73 -42.15 -4.14
CA SER I 80 -29.08 -41.15 -4.97
C SER I 80 -29.89 -39.86 -4.93
N GLU I 81 -29.17 -38.72 -4.96
CA GLU I 81 -29.85 -37.43 -4.98
C GLU I 81 -30.70 -37.27 -6.23
N ASP I 82 -30.19 -37.71 -7.37
CA ASP I 82 -30.92 -37.66 -8.63
C ASP I 82 -30.52 -38.88 -9.45
N TRP I 83 -31.51 -39.70 -9.82
CA TRP I 83 -31.22 -40.92 -10.56
C TRP I 83 -30.89 -40.65 -12.02
N ARG I 84 -31.48 -39.62 -12.62
CA ARG I 84 -31.26 -39.32 -14.02
C ARG I 84 -29.96 -38.59 -14.28
N ASP I 85 -29.21 -38.26 -13.23
CA ASP I 85 -27.93 -37.58 -13.34
C ASP I 85 -26.84 -38.57 -12.94
N ASN I 86 -25.93 -38.88 -13.87
CA ASN I 86 -24.90 -39.87 -13.59
C ASN I 86 -23.78 -39.30 -12.72
N ALA I 87 -23.57 -37.98 -12.75
CA ALA I 87 -22.58 -37.36 -11.88
C ALA I 87 -22.95 -37.49 -10.41
N LYS I 88 -24.25 -37.60 -10.11
CA LYS I 88 -24.70 -37.89 -8.76
C LYS I 88 -24.35 -39.32 -8.39
N SER I 89 -23.63 -39.49 -7.28
CA SER I 89 -23.18 -40.81 -6.87
C SER I 89 -24.35 -41.64 -6.33
N ILE I 90 -24.11 -42.94 -6.19
CA ILE I 90 -25.09 -43.89 -5.67
C ILE I 90 -24.53 -44.49 -4.39
N CYS I 91 -25.19 -44.21 -3.28
CA CYS I 91 -24.83 -44.83 -2.00
C CYS I 91 -25.50 -46.18 -1.92
N VAL I 92 -24.72 -47.25 -1.93
CA VAL I 92 -25.23 -48.60 -1.74
C VAL I 92 -24.96 -48.98 -0.30
N GLN I 93 -26.02 -49.29 0.44
CA GLN I 93 -25.94 -49.76 1.83
C GLN I 93 -26.30 -51.22 1.86
N LEU I 94 -25.35 -52.07 2.24
CA LEU I 94 -25.54 -53.50 2.30
C LEU I 94 -26.42 -53.89 3.48
N ALA I 95 -26.92 -55.12 3.45
CA ALA I 95 -27.69 -55.67 4.56
C ALA I 95 -26.82 -56.44 5.53
N THR I 96 -25.91 -57.28 5.02
CA THR I 96 -24.92 -57.98 5.83
C THR I 96 -23.54 -57.60 5.32
N SER I 97 -22.69 -57.14 6.23
CA SER I 97 -21.37 -56.66 5.84
C SER I 97 -20.53 -57.80 5.27
N VAL I 98 -19.53 -57.43 4.48
CA VAL I 98 -18.59 -58.38 3.92
C VAL I 98 -17.25 -58.18 4.62
N GLU I 99 -16.77 -59.22 5.28
CA GLU I 99 -15.54 -59.10 6.06
C GLU I 99 -14.35 -59.04 5.11
N ILE I 100 -13.50 -58.03 5.29
CA ILE I 100 -12.22 -57.93 4.60
C ILE I 100 -11.12 -58.12 5.65
N ALA I 101 -10.28 -59.12 5.44
CA ALA I 101 -9.27 -59.51 6.43
C ALA I 101 -7.88 -59.18 5.90
N CYS I 102 -7.11 -58.45 6.70
CA CYS I 102 -5.76 -58.06 6.33
C CYS I 102 -4.77 -58.84 7.18
N THR I 103 -3.72 -59.37 6.54
CA THR I 103 -2.74 -60.19 7.22
C THR I 103 -1.49 -59.42 7.62
N GLY I 104 -1.18 -58.31 6.95
CA GLY I 104 0.06 -57.60 7.15
C GLY I 104 1.10 -57.82 6.07
N ALA I 105 0.75 -58.55 5.01
CA ALA I 105 1.69 -58.92 3.96
C ALA I 105 1.56 -58.06 2.72
N GLY I 106 0.88 -56.91 2.81
CA GLY I 106 0.70 -56.05 1.67
C GLY I 106 -0.55 -56.29 0.86
N HIS I 107 -1.51 -57.04 1.38
CA HIS I 107 -2.75 -57.29 0.67
C HIS I 107 -3.80 -57.79 1.66
N CYS I 108 -5.04 -57.40 1.42
CA CYS I 108 -6.19 -57.87 2.19
C CYS I 108 -7.03 -58.79 1.32
N ALA I 109 -7.94 -59.53 1.95
CA ALA I 109 -8.69 -60.58 1.29
C ALA I 109 -10.17 -60.47 1.59
N ILE I 110 -10.99 -60.78 0.57
CA ILE I 110 -12.44 -60.80 0.68
C ILE I 110 -12.93 -62.12 0.10
N SER I 111 -13.87 -62.77 0.80
CA SER I 111 -14.42 -64.02 0.28
C SER I 111 -15.17 -63.78 -1.02
N ARG I 112 -14.76 -64.49 -2.08
CA ARG I 112 -15.34 -64.25 -3.40
C ARG I 112 -16.83 -64.61 -3.43
N ALA I 113 -17.21 -65.69 -2.73
CA ALA I 113 -18.62 -66.07 -2.70
C ALA I 113 -19.46 -64.97 -2.05
N LYS I 114 -18.98 -64.44 -0.92
CA LYS I 114 -19.75 -63.41 -0.22
C LYS I 114 -19.78 -62.11 -1.01
N TRP I 115 -18.65 -61.73 -1.61
CA TRP I 115 -18.62 -60.52 -2.44
C TRP I 115 -19.53 -60.68 -3.66
N ALA I 116 -19.57 -61.88 -4.24
CA ALA I 116 -20.42 -62.10 -5.41
C ALA I 116 -21.90 -62.06 -5.04
N ASN I 117 -22.27 -62.62 -3.88
CA ASN I 117 -23.65 -62.53 -3.44
C ASN I 117 -24.04 -61.08 -3.17
N THR I 118 -23.13 -60.31 -2.57
CA THR I 118 -23.36 -58.89 -2.34
C THR I 118 -23.55 -58.16 -3.66
N LEU I 119 -22.68 -58.41 -4.64
CA LEU I 119 -22.81 -57.80 -5.95
C LEU I 119 -24.13 -58.18 -6.62
N LYS I 120 -24.58 -59.42 -6.42
CA LYS I 120 -25.86 -59.85 -7.01
C LYS I 120 -27.03 -59.09 -6.40
N GLN I 121 -27.03 -58.92 -5.08
CA GLN I 121 -28.09 -58.13 -4.45
C GLN I 121 -28.06 -56.68 -4.93
N ILE I 122 -26.86 -56.09 -4.98
CA ILE I 122 -26.71 -54.72 -5.46
C ILE I 122 -27.21 -54.60 -6.89
N ALA I 123 -26.88 -55.58 -7.74
CA ALA I 123 -27.28 -55.54 -9.14
C ALA I 123 -28.79 -55.68 -9.28
N SER I 124 -29.41 -56.51 -8.45
CA SER I 124 -30.87 -56.62 -8.48
C SER I 124 -31.52 -55.29 -8.11
N LYS I 125 -31.00 -54.62 -7.08
CA LYS I 125 -31.56 -53.31 -6.70
C LYS I 125 -31.34 -52.27 -7.79
N LEU I 126 -30.12 -52.22 -8.35
CA LEU I 126 -29.83 -51.30 -9.45
C LEU I 126 -30.72 -51.58 -10.66
N ARG I 127 -31.04 -52.85 -10.90
CA ARG I 127 -31.87 -53.23 -12.02
C ARG I 127 -33.30 -52.77 -11.83
N GLU I 128 -33.85 -53.01 -10.64
CA GLU I 128 -35.21 -52.54 -10.38
C GLU I 128 -35.29 -51.02 -10.31
N GLN I 129 -34.17 -50.34 -10.03
CA GLN I 129 -34.17 -48.88 -10.03
C GLN I 129 -34.10 -48.33 -11.45
N TYR I 130 -33.03 -48.67 -12.19
CA TYR I 130 -32.83 -48.16 -13.53
C TYR I 130 -33.68 -48.87 -14.58
N GLY I 131 -34.46 -49.86 -14.18
CA GLY I 131 -35.35 -50.54 -15.12
C GLY I 131 -34.65 -51.09 -16.35
N ALA I 132 -33.49 -51.72 -16.15
CA ALA I 132 -32.71 -52.25 -17.26
C ALA I 132 -32.63 -53.77 -17.12
N LYS I 133 -31.54 -54.37 -17.58
CA LYS I 133 -31.35 -55.80 -17.44
C LYS I 133 -29.94 -56.11 -16.95
N THR I 134 -28.94 -55.87 -17.79
CA THR I 134 -27.58 -56.29 -17.52
C THR I 134 -26.82 -55.19 -16.80
N ILE I 135 -26.20 -55.53 -15.68
CA ILE I 135 -25.44 -54.58 -14.86
C ILE I 135 -23.98 -55.01 -14.89
N ILE I 136 -23.11 -54.12 -15.34
CA ILE I 136 -21.68 -54.41 -15.45
C ILE I 136 -20.91 -53.52 -14.48
N PHE I 137 -20.19 -54.14 -13.55
CA PHE I 137 -19.33 -53.42 -12.61
C PHE I 137 -17.92 -53.40 -13.16
N LYS I 138 -17.40 -52.19 -13.43
CA LYS I 138 -16.09 -51.95 -13.98
C LYS I 138 -15.19 -51.25 -12.95
N PRO I 139 -13.86 -51.33 -13.11
CA PRO I 139 -12.96 -50.71 -12.12
C PRO I 139 -13.04 -49.18 -12.11
N SER I 140 -12.22 -48.57 -11.26
CA SER I 140 -12.22 -47.12 -11.11
C SER I 140 -11.68 -46.44 -12.36
N SER I 141 -12.35 -45.36 -12.78
CA SER I 141 -12.06 -44.65 -14.02
C SER I 141 -10.98 -43.60 -13.86
N GLY I 142 -9.97 -43.86 -13.04
CA GLY I 142 -8.87 -42.92 -12.88
C GLY I 142 -9.07 -41.98 -11.70
N GLY I 143 -8.06 -41.15 -11.48
CA GLY I 143 -8.06 -40.16 -10.43
C GLY I 143 -6.81 -40.26 -9.58
N ASP I 144 -6.82 -39.53 -8.47
CA ASP I 144 -5.69 -39.51 -7.55
C ASP I 144 -5.64 -40.81 -6.75
N PRO I 145 -4.50 -41.11 -6.13
CA PRO I 145 -4.37 -42.39 -5.40
C PRO I 145 -5.40 -42.59 -4.28
N GLU I 146 -6.01 -41.53 -3.76
CA GLU I 146 -6.95 -41.72 -2.66
C GLU I 146 -8.31 -42.20 -3.13
N PHE I 147 -8.69 -41.92 -4.37
CA PHE I 147 -10.01 -42.27 -4.86
C PHE I 147 -10.02 -43.23 -6.05
N VAL I 148 -8.89 -43.42 -6.73
CA VAL I 148 -8.82 -44.49 -7.71
C VAL I 148 -8.57 -45.82 -7.02
N ASN I 149 -7.98 -45.81 -5.84
CA ASN I 149 -7.86 -46.97 -4.98
C ASN I 149 -8.87 -46.90 -3.84
N HIS I 150 -9.11 -48.04 -3.21
CA HIS I 150 -9.83 -48.11 -1.95
C HIS I 150 -8.87 -47.70 -0.84
N SER I 151 -9.02 -46.50 -0.31
CA SER I 151 -8.13 -45.97 0.70
C SER I 151 -8.87 -45.87 2.03
N PHE I 152 -8.13 -46.03 3.12
CA PHE I 152 -8.74 -45.97 4.43
C PHE I 152 -7.69 -45.66 5.49
N ASN I 153 -8.10 -44.90 6.51
CA ASN I 153 -7.23 -44.58 7.63
C ASN I 153 -7.50 -45.55 8.78
N CYS I 154 -6.43 -46.17 9.27
CA CYS I 154 -6.49 -47.13 10.36
C CYS I 154 -5.23 -46.97 11.19
N GLY I 155 -5.39 -46.90 12.51
CA GLY I 155 -4.26 -46.69 13.40
C GLY I 155 -3.45 -45.45 13.09
N GLY I 156 -4.09 -44.41 12.58
CA GLY I 156 -3.38 -43.20 12.20
C GLY I 156 -2.57 -43.30 10.93
N GLU I 157 -2.72 -44.38 10.17
CA GLU I 157 -2.01 -44.57 8.92
C GLU I 157 -3.00 -44.74 7.77
N PHE I 158 -2.69 -44.13 6.63
CA PHE I 158 -3.55 -44.18 5.46
C PHE I 158 -3.05 -45.27 4.51
N PHE I 159 -3.89 -46.28 4.27
CA PHE I 159 -3.57 -47.38 3.39
C PHE I 159 -4.36 -47.26 2.09
N TYR I 160 -3.74 -47.71 1.00
CA TYR I 160 -4.33 -47.68 -0.33
C TYR I 160 -4.30 -49.09 -0.89
N CYS I 161 -5.46 -49.57 -1.38
CA CYS I 161 -5.60 -50.92 -1.87
C CYS I 161 -6.22 -50.89 -3.25
N ALA I 162 -5.61 -51.57 -4.20
CA ALA I 162 -6.17 -51.69 -5.55
C ALA I 162 -7.47 -52.49 -5.49
N SER I 163 -8.59 -51.82 -5.76
CA SER I 163 -9.91 -52.44 -5.73
C SER I 163 -10.39 -52.86 -7.11
N THR I 164 -9.47 -53.11 -8.04
CA THR I 164 -9.85 -53.40 -9.41
C THR I 164 -10.49 -54.78 -9.54
N GLN I 165 -10.13 -55.73 -8.69
CA GLN I 165 -10.69 -57.08 -8.80
C GLN I 165 -12.11 -57.18 -8.23
N LEU I 166 -12.55 -56.20 -7.44
CA LEU I 166 -13.89 -56.25 -6.89
C LEU I 166 -14.93 -55.78 -7.89
N PHE I 167 -14.56 -54.88 -8.80
CA PHE I 167 -15.49 -54.27 -9.73
C PHE I 167 -15.09 -54.69 -11.15
N ALA I 168 -15.43 -55.92 -11.50
CA ALA I 168 -15.17 -56.45 -12.83
C ALA I 168 -16.06 -57.65 -13.09
N SER I 169 -17.36 -57.42 -13.25
CA SER I 169 -18.28 -58.55 -13.36
C SER I 169 -19.54 -58.12 -14.09
N THR I 170 -20.24 -59.11 -14.64
CA THR I 170 -21.49 -58.89 -15.36
C THR I 170 -22.60 -59.65 -14.66
N TRP I 171 -23.77 -59.02 -14.54
CA TRP I 171 -24.88 -59.58 -13.79
C TRP I 171 -26.17 -59.44 -14.59
N PHE I 172 -26.74 -60.58 -14.97
CA PHE I 172 -27.93 -60.64 -15.80
C PHE I 172 -29.18 -60.74 -14.93
N ALA I 173 -30.33 -60.77 -15.57
CA ALA I 173 -31.61 -60.77 -14.87
C ALA I 173 -32.23 -62.17 -14.88
N SER I 174 -33.46 -62.26 -14.40
CA SER I 174 -34.19 -63.51 -14.36
C SER I 174 -34.50 -64.02 -15.77
#